data_4WOL
# 
_entry.id   4WOL 
# 
_audit_conform.dict_name       mmcif_pdbx.dic 
_audit_conform.dict_version    5.398 
_audit_conform.dict_location   http://mmcif.pdb.org/dictionaries/ascii/mmcif_pdbx.dic 
# 
loop_
_database_2.database_id 
_database_2.database_code 
_database_2.pdbx_database_accession 
_database_2.pdbx_DOI 
PDB   4WOL         pdb_00004wol 10.2210/pdb4wol/pdb 
WWPDB D_1000204176 ?            ?                   
# 
loop_
_pdbx_audit_revision_history.ordinal 
_pdbx_audit_revision_history.data_content_type 
_pdbx_audit_revision_history.major_revision 
_pdbx_audit_revision_history.minor_revision 
_pdbx_audit_revision_history.revision_date 
1 'Structure model' 1 0 2015-06-03 
2 'Structure model' 1 1 2015-06-10 
3 'Structure model' 1 2 2017-08-23 
4 'Structure model' 1 3 2017-09-27 
5 'Structure model' 1 4 2020-01-01 
6 'Structure model' 1 5 2023-09-27 
7 'Structure model' 1 6 2024-11-13 
# 
_pdbx_audit_revision_details.ordinal             1 
_pdbx_audit_revision_details.revision_ordinal    1 
_pdbx_audit_revision_details.data_content_type   'Structure model' 
_pdbx_audit_revision_details.provider            repository 
_pdbx_audit_revision_details.type                'Initial release' 
_pdbx_audit_revision_details.description         ? 
_pdbx_audit_revision_details.details             ? 
# 
loop_
_pdbx_audit_revision_group.ordinal 
_pdbx_audit_revision_group.revision_ordinal 
_pdbx_audit_revision_group.data_content_type 
_pdbx_audit_revision_group.group 
1  2 'Structure model' 'Database references'        
2  3 'Structure model' 'Data collection'            
3  3 'Structure model' 'Derived calculations'       
4  3 'Structure model' 'Refinement description'     
5  3 'Structure model' 'Source and taxonomy'        
6  4 'Structure model' 'Author supporting evidence' 
7  5 'Structure model' 'Author supporting evidence' 
8  6 'Structure model' 'Data collection'            
9  6 'Structure model' 'Database references'        
10 6 'Structure model' 'Derived calculations'       
11 6 'Structure model' 'Refinement description'     
12 7 'Structure model' 'Structure summary'          
# 
loop_
_pdbx_audit_revision_category.ordinal 
_pdbx_audit_revision_category.revision_ordinal 
_pdbx_audit_revision_category.data_content_type 
_pdbx_audit_revision_category.category 
1  3 'Structure model' diffrn_detector               
2  3 'Structure model' diffrn_source                 
3  3 'Structure model' entity_src_gen                
4  3 'Structure model' pdbx_struct_oper_list         
5  3 'Structure model' software                      
6  4 'Structure model' pdbx_audit_support            
7  5 'Structure model' pdbx_audit_support            
8  6 'Structure model' chem_comp_atom                
9  6 'Structure model' chem_comp_bond                
10 6 'Structure model' database_2                    
11 6 'Structure model' pdbx_initial_refinement_model 
12 6 'Structure model' struct_conn                   
13 7 'Structure model' pdbx_entry_details            
14 7 'Structure model' pdbx_modification_feature     
# 
loop_
_pdbx_audit_revision_item.ordinal 
_pdbx_audit_revision_item.revision_ordinal 
_pdbx_audit_revision_item.data_content_type 
_pdbx_audit_revision_item.item 
1  3 'Structure model' '_diffrn_detector.detector'                 
2  3 'Structure model' '_diffrn_source.pdbx_synchrotron_site'      
3  3 'Structure model' '_entity_src_gen.pdbx_alt_source_flag'      
4  3 'Structure model' '_pdbx_struct_oper_list.symmetry_operation' 
5  3 'Structure model' '_software.version'                         
6  4 'Structure model' '_pdbx_audit_support.funding_organization'  
7  5 'Structure model' '_pdbx_audit_support.funding_organization'  
8  6 'Structure model' '_database_2.pdbx_DOI'                      
9  6 'Structure model' '_database_2.pdbx_database_accession'       
10 6 'Structure model' '_struct_conn.ptnr1_auth_asym_id'           
11 6 'Structure model' '_struct_conn.ptnr1_auth_comp_id'           
12 6 'Structure model' '_struct_conn.ptnr1_auth_seq_id'            
13 6 'Structure model' '_struct_conn.ptnr1_label_asym_id'          
14 6 'Structure model' '_struct_conn.ptnr1_label_atom_id'          
15 6 'Structure model' '_struct_conn.ptnr1_label_comp_id'          
16 6 'Structure model' '_struct_conn.ptnr1_label_seq_id'           
17 6 'Structure model' '_struct_conn.ptnr2_auth_asym_id'           
18 6 'Structure model' '_struct_conn.ptnr2_auth_comp_id'           
19 6 'Structure model' '_struct_conn.ptnr2_auth_seq_id'            
20 6 'Structure model' '_struct_conn.ptnr2_label_asym_id'          
21 6 'Structure model' '_struct_conn.ptnr2_label_atom_id'          
22 6 'Structure model' '_struct_conn.ptnr2_label_comp_id'          
23 6 'Structure model' '_struct_conn.ptnr2_label_seq_id'           
# 
_pdbx_database_status.status_code                     REL 
_pdbx_database_status.status_code_sf                  REL 
_pdbx_database_status.status_code_mr                  ? 
_pdbx_database_status.entry_id                        4WOL 
_pdbx_database_status.recvd_initial_deposition_date   2014-10-16 
_pdbx_database_status.SG_entry                        N 
_pdbx_database_status.deposit_site                    RCSB 
_pdbx_database_status.process_site                    RCSB 
_pdbx_database_status.status_code_cs                  ? 
_pdbx_database_status.methods_development_category    ? 
_pdbx_database_status.pdb_format_compatible           Y 
_pdbx_database_status.status_code_nmr_data            ? 
# 
loop_
_pdbx_database_related.db_name 
_pdbx_database_related.details 
_pdbx_database_related.db_id 
_pdbx_database_related.content_type 
PDB '4WO1 is tetrameric form' 4WO1 unspecified 
PDB '2L34 was solved by NMR'  2L34 unspecified 
PDB '2L35 was solved by NMR'  2L35 unspecified 
# 
loop_
_audit_author.name 
_audit_author.pdbx_ordinal 
'Call, M.J.'   1 
'Call, M.E.'   2 
'Knoblich, K.' 3 
# 
_citation.abstract                  ? 
_citation.abstract_id_CAS           ? 
_citation.book_id_ISBN              ? 
_citation.book_publisher            ? 
_citation.book_publisher_city       ? 
_citation.book_title                ? 
_citation.coordinate_linkage        ? 
_citation.country                   US 
_citation.database_id_Medline       ? 
_citation.details                   ? 
_citation.id                        primary 
_citation.journal_abbrev            'Cell Rep' 
_citation.journal_id_ASTM           ? 
_citation.journal_id_CSD            ? 
_citation.journal_id_ISSN           2211-1247 
_citation.journal_full              ? 
_citation.journal_issue             ? 
_citation.journal_volume            11 
_citation.language                  ? 
_citation.page_first                1184 
_citation.page_last                 1192 
_citation.title                     
;Transmembrane Complexes of DAP12 Crystallized in Lipid Membranes Provide Insights into Control of Oligomerization in Immunoreceptor Assembly.
;
_citation.year                      2015 
_citation.database_id_CSD           ? 
_citation.pdbx_database_id_DOI      10.1016/j.celrep.2015.04.045 
_citation.pdbx_database_id_PubMed   25981043 
_citation.unpublished_flag          ? 
# 
loop_
_citation_author.citation_id 
_citation_author.name 
_citation_author.ordinal 
_citation_author.identifier_ORCID 
primary 'Knoblich, K.'   1  ? 
primary 'Park, S.'       2  ? 
primary 'Lutfi, M.'      3  ? 
primary 
;van 't Hag, L.
;
4  ? 
primary 'Conn, C.E.'     5  ? 
primary 'Seabrook, S.A.' 6  ? 
primary 'Newman, J.'     7  ? 
primary 'Czabotar, P.E.' 8  ? 
primary 'Im, W.'         9  ? 
primary 'Call, M.E.'     10 ? 
primary 'Call, M.J.'     11 ? 
# 
loop_
_entity.id 
_entity.type 
_entity.src_method 
_entity.pdbx_description 
_entity.formula_weight 
_entity.pdbx_number_of_molecules 
_entity.pdbx_ec 
_entity.pdbx_mutation 
_entity.pdbx_fragment 
_entity.details 
1 polymer     man 'TYRO protein tyrosine kinase-binding protein'   3331.042 3  ? M21V 'UNP residues 35-67' ? 
2 non-polymer syn 'POTASSIUM ION'                                  39.098   1  ? ?    ?                    ? 
3 non-polymer syn '(2R)-2,3-dihydroxypropyl (9Z)-octadec-9-enoate' 356.540  4  ? ?    ?                    ? 
4 water       nat water                                            18.015   36 ? ?    ?                    ? 
# 
_entity_name_com.entity_id   1 
_entity_name_com.name        'DNAX-activation protein 12,Killer-activating receptor-associated protein,KAR-associated protein' 
# 
_entity_poly.entity_id                      1 
_entity_poly.type                           'polypeptide(L)' 
_entity_poly.nstd_linkage                   no 
_entity_poly.nstd_monomer                   no 
_entity_poly.pdbx_seq_one_letter_code       CSTVSPGVLAGIVVGDLVLTVLIALAVYFLGRL 
_entity_poly.pdbx_seq_one_letter_code_can   CSTVSPGVLAGIVVGDLVLTVLIALAVYFLGRL 
_entity_poly.pdbx_strand_id                 A,B,C 
_entity_poly.pdbx_target_identifier         ? 
# 
loop_
_pdbx_entity_nonpoly.entity_id 
_pdbx_entity_nonpoly.name 
_pdbx_entity_nonpoly.comp_id 
2 'POTASSIUM ION'                                  K   
3 '(2R)-2,3-dihydroxypropyl (9Z)-octadec-9-enoate' OLC 
4 water                                            HOH 
# 
loop_
_entity_poly_seq.entity_id 
_entity_poly_seq.num 
_entity_poly_seq.mon_id 
_entity_poly_seq.hetero 
1 1  CYS n 
1 2  SER n 
1 3  THR n 
1 4  VAL n 
1 5  SER n 
1 6  PRO n 
1 7  GLY n 
1 8  VAL n 
1 9  LEU n 
1 10 ALA n 
1 11 GLY n 
1 12 ILE n 
1 13 VAL n 
1 14 VAL n 
1 15 GLY n 
1 16 ASP n 
1 17 LEU n 
1 18 VAL n 
1 19 LEU n 
1 20 THR n 
1 21 VAL n 
1 22 LEU n 
1 23 ILE n 
1 24 ALA n 
1 25 LEU n 
1 26 ALA n 
1 27 VAL n 
1 28 TYR n 
1 29 PHE n 
1 30 LEU n 
1 31 GLY n 
1 32 ARG n 
1 33 LEU n 
# 
_entity_src_gen.entity_id                          1 
_entity_src_gen.pdbx_src_id                        1 
_entity_src_gen.pdbx_alt_source_flag               sample 
_entity_src_gen.pdbx_seq_type                      'Biological sequence' 
_entity_src_gen.pdbx_beg_seq_num                   1 
_entity_src_gen.pdbx_end_seq_num                   33 
_entity_src_gen.gene_src_common_name               Human 
_entity_src_gen.gene_src_genus                     ? 
_entity_src_gen.pdbx_gene_src_gene                 'TYROBP, DAP12, KARAP' 
_entity_src_gen.gene_src_species                   ? 
_entity_src_gen.gene_src_strain                    ? 
_entity_src_gen.gene_src_tissue                    ? 
_entity_src_gen.gene_src_tissue_fraction           ? 
_entity_src_gen.gene_src_details                   ? 
_entity_src_gen.pdbx_gene_src_fragment             ? 
_entity_src_gen.pdbx_gene_src_scientific_name      'Homo sapiens' 
_entity_src_gen.pdbx_gene_src_ncbi_taxonomy_id     9606 
_entity_src_gen.pdbx_gene_src_variant              ? 
_entity_src_gen.pdbx_gene_src_cell_line            ? 
_entity_src_gen.pdbx_gene_src_atcc                 ? 
_entity_src_gen.pdbx_gene_src_organ                ? 
_entity_src_gen.pdbx_gene_src_organelle            ? 
_entity_src_gen.pdbx_gene_src_cell                 ? 
_entity_src_gen.pdbx_gene_src_cellular_location    ? 
_entity_src_gen.host_org_common_name               ? 
_entity_src_gen.pdbx_host_org_scientific_name      'Escherichia coli' 
_entity_src_gen.pdbx_host_org_ncbi_taxonomy_id     562 
_entity_src_gen.host_org_genus                     ? 
_entity_src_gen.pdbx_host_org_gene                 ? 
_entity_src_gen.pdbx_host_org_organ                ? 
_entity_src_gen.host_org_species                   ? 
_entity_src_gen.pdbx_host_org_tissue               ? 
_entity_src_gen.pdbx_host_org_tissue_fraction      ? 
_entity_src_gen.pdbx_host_org_strain               ? 
_entity_src_gen.pdbx_host_org_variant              ? 
_entity_src_gen.pdbx_host_org_cell_line            ? 
_entity_src_gen.pdbx_host_org_atcc                 ? 
_entity_src_gen.pdbx_host_org_culture_collection   ? 
_entity_src_gen.pdbx_host_org_cell                 ? 
_entity_src_gen.pdbx_host_org_organelle            ? 
_entity_src_gen.pdbx_host_org_cellular_location    ? 
_entity_src_gen.pdbx_host_org_vector_type          ? 
_entity_src_gen.pdbx_host_org_vector               ? 
_entity_src_gen.host_org_details                   ? 
_entity_src_gen.expression_system_id               ? 
_entity_src_gen.plasmid_name                       ? 
_entity_src_gen.plasmid_details                    ? 
_entity_src_gen.pdbx_description                   ? 
# 
loop_
_chem_comp.id 
_chem_comp.type 
_chem_comp.mon_nstd_flag 
_chem_comp.name 
_chem_comp.pdbx_synonyms 
_chem_comp.formula 
_chem_comp.formula_weight 
ALA 'L-peptide linking' y ALANINE                                          ?                   'C3 H7 N O2'     89.093  
ARG 'L-peptide linking' y ARGININE                                         ?                   'C6 H15 N4 O2 1' 175.209 
ASP 'L-peptide linking' y 'ASPARTIC ACID'                                  ?                   'C4 H7 N O4'     133.103 
CYS 'L-peptide linking' y CYSTEINE                                         ?                   'C3 H7 N O2 S'   121.158 
GLY 'peptide linking'   y GLYCINE                                          ?                   'C2 H5 N O2'     75.067  
HOH non-polymer         . WATER                                            ?                   'H2 O'           18.015  
ILE 'L-peptide linking' y ISOLEUCINE                                       ?                   'C6 H13 N O2'    131.173 
K   non-polymer         . 'POTASSIUM ION'                                  ?                   'K 1'            39.098  
LEU 'L-peptide linking' y LEUCINE                                          ?                   'C6 H13 N O2'    131.173 
MET 'L-peptide linking' y METHIONINE                                       ?                   'C5 H11 N O2 S'  149.211 
OLC non-polymer         . '(2R)-2,3-dihydroxypropyl (9Z)-octadec-9-enoate' 1-Oleoyl-R-glycerol 'C21 H40 O4'     356.540 
PHE 'L-peptide linking' y PHENYLALANINE                                    ?                   'C9 H11 N O2'    165.189 
PRO 'L-peptide linking' y PROLINE                                          ?                   'C5 H9 N O2'     115.130 
SER 'L-peptide linking' y SERINE                                           ?                   'C3 H7 N O3'     105.093 
THR 'L-peptide linking' y THREONINE                                        ?                   'C4 H9 N O3'     119.119 
TYR 'L-peptide linking' y TYROSINE                                         ?                   'C9 H11 N O3'    181.189 
VAL 'L-peptide linking' y VALINE                                           ?                   'C5 H11 N O2'    117.146 
# 
loop_
_pdbx_poly_seq_scheme.asym_id 
_pdbx_poly_seq_scheme.entity_id 
_pdbx_poly_seq_scheme.seq_id 
_pdbx_poly_seq_scheme.mon_id 
_pdbx_poly_seq_scheme.ndb_seq_num 
_pdbx_poly_seq_scheme.pdb_seq_num 
_pdbx_poly_seq_scheme.auth_seq_num 
_pdbx_poly_seq_scheme.pdb_mon_id 
_pdbx_poly_seq_scheme.auth_mon_id 
_pdbx_poly_seq_scheme.pdb_strand_id 
_pdbx_poly_seq_scheme.pdb_ins_code 
_pdbx_poly_seq_scheme.hetero 
A 1 1  CYS 1  8  8  CYS CYS A . n 
A 1 2  SER 2  9  9  SER SER A . n 
A 1 3  THR 3  10 10 THR THR A . n 
A 1 4  VAL 4  11 11 VAL VAL A . n 
A 1 5  SER 5  12 12 SER SER A . n 
A 1 6  PRO 6  13 13 PRO PRO A . n 
A 1 7  GLY 7  14 14 GLY GLY A . n 
A 1 8  VAL 8  15 15 VAL VAL A . n 
A 1 9  LEU 9  16 16 LEU LEU A . n 
A 1 10 ALA 10 17 17 ALA ALA A . n 
A 1 11 GLY 11 18 18 GLY GLY A . n 
A 1 12 ILE 12 19 19 ILE ILE A . n 
A 1 13 VAL 13 20 20 VAL VAL A . n 
A 1 14 VAL 14 21 21 VAL VAL A . n 
A 1 15 GLY 15 22 22 GLY GLY A . n 
A 1 16 ASP 16 23 23 ASP ASP A . n 
A 1 17 LEU 17 24 24 LEU LEU A . n 
A 1 18 VAL 18 25 25 VAL VAL A . n 
A 1 19 LEU 19 26 26 LEU LEU A . n 
A 1 20 THR 20 27 27 THR THR A . n 
A 1 21 VAL 21 28 28 VAL VAL A . n 
A 1 22 LEU 22 29 29 LEU LEU A . n 
A 1 23 ILE 23 30 30 ILE ILE A . n 
A 1 24 ALA 24 31 31 ALA ALA A . n 
A 1 25 LEU 25 32 32 LEU LEU A . n 
A 1 26 ALA 26 33 33 ALA ALA A . n 
A 1 27 VAL 27 34 34 VAL VAL A . n 
A 1 28 TYR 28 35 35 TYR TYR A . n 
A 1 29 PHE 29 36 36 PHE PHE A . n 
A 1 30 LEU 30 37 37 LEU LEU A . n 
A 1 31 GLY 31 38 38 GLY GLY A . n 
A 1 32 ARG 32 39 39 ARG ARG A . n 
A 1 33 LEU 33 40 40 LEU LEU A . n 
B 1 1  CYS 1  8  8  CYS CYS B . n 
B 1 2  SER 2  9  ?  ?   ?   B . n 
B 1 3  THR 3  10 ?  ?   ?   B . n 
B 1 4  VAL 4  11 11 VAL VAL B . n 
B 1 5  SER 5  12 12 SER SER B . n 
B 1 6  PRO 6  13 13 PRO PRO B . n 
B 1 7  GLY 7  14 14 GLY GLY B . n 
B 1 8  VAL 8  15 15 VAL VAL B . n 
B 1 9  LEU 9  16 16 LEU LEU B . n 
B 1 10 ALA 10 17 17 ALA ALA B . n 
B 1 11 GLY 11 18 18 GLY GLY B . n 
B 1 12 ILE 12 19 19 ILE ILE B . n 
B 1 13 VAL 13 20 20 VAL VAL B . n 
B 1 14 VAL 14 21 21 VAL VAL B . n 
B 1 15 GLY 15 22 22 GLY GLY B . n 
B 1 16 ASP 16 23 23 ASP ASP B . n 
B 1 17 LEU 17 24 24 LEU LEU B . n 
B 1 18 VAL 18 25 25 VAL VAL B . n 
B 1 19 LEU 19 26 26 LEU LEU B . n 
B 1 20 THR 20 27 27 THR THR B . n 
B 1 21 VAL 21 28 28 VAL VAL B . n 
B 1 22 LEU 22 29 29 LEU LEU B . n 
B 1 23 ILE 23 30 30 ILE ILE B . n 
B 1 24 ALA 24 31 31 ALA ALA B . n 
B 1 25 LEU 25 32 32 LEU LEU B . n 
B 1 26 ALA 26 33 33 ALA ALA B . n 
B 1 27 VAL 27 34 34 VAL VAL B . n 
B 1 28 TYR 28 35 35 TYR TYR B . n 
B 1 29 PHE 29 36 36 PHE PHE B . n 
B 1 30 LEU 30 37 37 LEU LEU B . n 
B 1 31 GLY 31 38 38 GLY GLY B . n 
B 1 32 ARG 32 39 39 ARG ARG B . n 
B 1 33 LEU 33 40 40 LEU LEU B . n 
C 1 1  CYS 1  8  ?  ?   ?   C . n 
C 1 2  SER 2  9  ?  ?   ?   C . n 
C 1 3  THR 3  10 ?  ?   ?   C . n 
C 1 4  VAL 4  11 11 VAL VAL C . n 
C 1 5  SER 5  12 12 SER SER C . n 
C 1 6  PRO 6  13 13 PRO PRO C . n 
C 1 7  GLY 7  14 14 GLY GLY C . n 
C 1 8  VAL 8  15 15 VAL VAL C . n 
C 1 9  LEU 9  16 16 LEU LEU C . n 
C 1 10 ALA 10 17 17 ALA ALA C . n 
C 1 11 GLY 11 18 18 GLY GLY C . n 
C 1 12 ILE 12 19 19 ILE ILE C . n 
C 1 13 VAL 13 20 20 VAL VAL C . n 
C 1 14 VAL 14 21 21 VAL VAL C . n 
C 1 15 GLY 15 22 22 GLY GLY C . n 
C 1 16 ASP 16 23 23 ASP ASP C . n 
C 1 17 LEU 17 24 24 LEU LEU C . n 
C 1 18 VAL 18 25 25 VAL VAL C . n 
C 1 19 LEU 19 26 26 LEU LEU C . n 
C 1 20 THR 20 27 27 THR THR C . n 
C 1 21 VAL 21 28 28 VAL VAL C . n 
C 1 22 LEU 22 29 29 LEU LEU C . n 
C 1 23 ILE 23 30 30 ILE ILE C . n 
C 1 24 ALA 24 31 31 ALA ALA C . n 
C 1 25 LEU 25 32 32 LEU LEU C . n 
C 1 26 ALA 26 33 33 ALA ALA C . n 
C 1 27 VAL 27 34 34 VAL VAL C . n 
C 1 28 TYR 28 35 35 TYR TYR C . n 
C 1 29 PHE 29 36 36 PHE PHE C . n 
C 1 30 LEU 30 37 37 LEU LEU C . n 
C 1 31 GLY 31 38 38 GLY GLY C . n 
C 1 32 ARG 32 39 39 ARG ARG C . n 
C 1 33 LEU 33 40 40 LEU LEU C . n 
# 
loop_
_pdbx_nonpoly_scheme.asym_id 
_pdbx_nonpoly_scheme.entity_id 
_pdbx_nonpoly_scheme.mon_id 
_pdbx_nonpoly_scheme.ndb_seq_num 
_pdbx_nonpoly_scheme.pdb_seq_num 
_pdbx_nonpoly_scheme.auth_seq_num 
_pdbx_nonpoly_scheme.pdb_mon_id 
_pdbx_nonpoly_scheme.auth_mon_id 
_pdbx_nonpoly_scheme.pdb_strand_id 
_pdbx_nonpoly_scheme.pdb_ins_code 
D 2 K   1  101 1  K   K   A . 
E 3 OLC 1  101 1  OLC OLC B . 
F 3 OLC 1  101 2  OLC OLC C . 
G 3 OLC 1  102 3  OLC OLC C . 
H 3 OLC 1  103 4  OLC OLC C . 
I 4 HOH 1  201 1  HOH HOH A . 
I 4 HOH 2  202 2  HOH HOH A . 
I 4 HOH 3  203 4  HOH HOH A . 
I 4 HOH 4  204 30 HOH HOH A . 
I 4 HOH 5  205 29 HOH HOH A . 
I 4 HOH 6  206 7  HOH HOH A . 
I 4 HOH 7  207 6  HOH HOH A . 
I 4 HOH 8  208 14 HOH HOH A . 
I 4 HOH 9  209 8  HOH HOH A . 
I 4 HOH 10 210 11 HOH HOH A . 
I 4 HOH 11 211 9  HOH HOH A . 
I 4 HOH 12 212 10 HOH HOH A . 
I 4 HOH 13 213 12 HOH HOH A . 
I 4 HOH 14 214 13 HOH HOH A . 
J 4 HOH 1  201 17 HOH HOH B . 
J 4 HOH 2  202 3  HOH HOH B . 
J 4 HOH 3  203 18 HOH HOH B . 
J 4 HOH 4  204 19 HOH HOH B . 
J 4 HOH 5  205 15 HOH HOH B . 
J 4 HOH 6  206 26 HOH HOH B . 
J 4 HOH 7  207 20 HOH HOH B . 
J 4 HOH 8  208 21 HOH HOH B . 
J 4 HOH 9  209 22 HOH HOH B . 
J 4 HOH 10 210 36 HOH HOH B . 
K 4 HOH 1  201 16 HOH HOH C . 
K 4 HOH 2  202 25 HOH HOH C . 
K 4 HOH 3  203 24 HOH HOH C . 
K 4 HOH 4  204 5  HOH HOH C . 
K 4 HOH 5  205 28 HOH HOH C . 
K 4 HOH 6  206 33 HOH HOH C . 
K 4 HOH 7  207 27 HOH HOH C . 
K 4 HOH 8  208 23 HOH HOH C . 
K 4 HOH 9  209 31 HOH HOH C . 
K 4 HOH 10 210 32 HOH HOH C . 
K 4 HOH 11 211 34 HOH HOH C . 
K 4 HOH 12 212 35 HOH HOH C . 
# 
loop_
_pdbx_unobs_or_zero_occ_atoms.id 
_pdbx_unobs_or_zero_occ_atoms.PDB_model_num 
_pdbx_unobs_or_zero_occ_atoms.polymer_flag 
_pdbx_unobs_or_zero_occ_atoms.occupancy_flag 
_pdbx_unobs_or_zero_occ_atoms.auth_asym_id 
_pdbx_unobs_or_zero_occ_atoms.auth_comp_id 
_pdbx_unobs_or_zero_occ_atoms.auth_seq_id 
_pdbx_unobs_or_zero_occ_atoms.PDB_ins_code 
_pdbx_unobs_or_zero_occ_atoms.auth_atom_id 
_pdbx_unobs_or_zero_occ_atoms.label_alt_id 
_pdbx_unobs_or_zero_occ_atoms.label_asym_id 
_pdbx_unobs_or_zero_occ_atoms.label_comp_id 
_pdbx_unobs_or_zero_occ_atoms.label_seq_id 
_pdbx_unobs_or_zero_occ_atoms.label_atom_id 
1 1 Y 1 B CYS 8 ? N  ? B CYS 1 N  
2 1 Y 1 B CYS 8 ? CA ? B CYS 1 CA 
3 1 Y 1 B CYS 8 ? C  ? B CYS 1 C  
4 1 Y 1 B CYS 8 ? O  ? B CYS 1 O  
5 1 Y 1 B CYS 8 ? CB ? B CYS 1 CB 
# 
_software.citation_id            ? 
_software.classification         refinement 
_software.compiler_name          ? 
_software.compiler_version       ? 
_software.contact_author         ? 
_software.contact_author_email   ? 
_software.date                   ? 
_software.description            ? 
_software.dependencies           ? 
_software.hardware               ? 
_software.language               ? 
_software.location               ? 
_software.mods                   ? 
_software.name                   PHENIX 
_software.os                     ? 
_software.os_version             ? 
_software.type                   ? 
_software.version                1.9_1692 
_software.pdbx_ordinal           1 
# 
_cell.entry_id           4WOL 
_cell.length_a           20.775 
_cell.length_b           35.709 
_cell.length_c           101.070 
_cell.angle_alpha        90.00 
_cell.angle_beta         90.00 
_cell.angle_gamma        90.00 
_cell.Z_PDB              12 
_cell.pdbx_unique_axis   ? 
# 
_symmetry.entry_id                         4WOL 
_symmetry.space_group_name_H-M             'P 21 21 21' 
_symmetry.pdbx_full_space_group_name_H-M   ? 
_symmetry.cell_setting                     ? 
_symmetry.Int_Tables_number                19 
# 
_exptl.absorpt_coefficient_mu     ? 
_exptl.absorpt_correction_T_max   ? 
_exptl.absorpt_correction_T_min   ? 
_exptl.absorpt_correction_type    ? 
_exptl.absorpt_process_details    ? 
_exptl.entry_id                   4WOL 
_exptl.crystals_number            1 
_exptl.details                    ? 
_exptl.method                     'X-RAY DIFFRACTION' 
_exptl.method_details             ? 
# 
_exptl_crystal.colour                      ? 
_exptl_crystal.density_diffrn              ? 
_exptl_crystal.density_Matthews            1.88 
_exptl_crystal.density_method              ? 
_exptl_crystal.density_percent_sol         34.43 
_exptl_crystal.description                 ? 
_exptl_crystal.F_000                       ? 
_exptl_crystal.id                          1 
_exptl_crystal.preparation                 ? 
_exptl_crystal.size_max                    ? 
_exptl_crystal.size_mid                    ? 
_exptl_crystal.size_min                    ? 
_exptl_crystal.size_rad                    ? 
_exptl_crystal.colour_lustre               ? 
_exptl_crystal.colour_modifier             ? 
_exptl_crystal.colour_primary              ? 
_exptl_crystal.density_meas                ? 
_exptl_crystal.density_meas_esd            ? 
_exptl_crystal.density_meas_gt             ? 
_exptl_crystal.density_meas_lt             ? 
_exptl_crystal.density_meas_temp           ? 
_exptl_crystal.density_meas_temp_esd       ? 
_exptl_crystal.density_meas_temp_gt        ? 
_exptl_crystal.density_meas_temp_lt        ? 
_exptl_crystal.pdbx_crystal_image_url      ? 
_exptl_crystal.pdbx_crystal_image_format   ? 
_exptl_crystal.pdbx_mosaicity              ? 
_exptl_crystal.pdbx_mosaicity_esd          ? 
# 
_exptl_crystal_grow.apparatus       ? 
_exptl_crystal_grow.atmosphere      ? 
_exptl_crystal_grow.crystal_id      1 
_exptl_crystal_grow.details         ? 
_exptl_crystal_grow.method          'LIPIDIC CUBIC PHASE' 
_exptl_crystal_grow.method_ref      ? 
_exptl_crystal_grow.pH              ? 
_exptl_crystal_grow.pressure        ? 
_exptl_crystal_grow.pressure_esd    ? 
_exptl_crystal_grow.seeding         ? 
_exptl_crystal_grow.seeding_ref     ? 
_exptl_crystal_grow.temp            293 
_exptl_crystal_grow.temp_details    ? 
_exptl_crystal_grow.temp_esd        ? 
_exptl_crystal_grow.time            ? 
_exptl_crystal_grow.pdbx_details    '12.4% w/v PEG 3350, 0.149 M potassium thiocyanate' 
_exptl_crystal_grow.pdbx_pH_range   ? 
# 
_diffrn.ambient_environment    ? 
_diffrn.ambient_temp           100 
_diffrn.ambient_temp_details   ? 
_diffrn.ambient_temp_esd       ? 
_diffrn.crystal_id             1 
_diffrn.crystal_support        ? 
_diffrn.crystal_treatment      ? 
_diffrn.details                ? 
_diffrn.id                     1 
_diffrn.ambient_pressure       ? 
_diffrn.ambient_pressure_esd   ? 
_diffrn.ambient_pressure_gt    ? 
_diffrn.ambient_pressure_lt    ? 
_diffrn.ambient_temp_gt        ? 
_diffrn.ambient_temp_lt        ? 
# 
_diffrn_detector.details                      ? 
_diffrn_detector.detector                     CCD 
_diffrn_detector.diffrn_id                    1 
_diffrn_detector.type                         'ADSC QUANTUM 315r' 
_diffrn_detector.area_resol_mean              ? 
_diffrn_detector.dtime                        ? 
_diffrn_detector.pdbx_frames_total            ? 
_diffrn_detector.pdbx_collection_time_total   ? 
_diffrn_detector.pdbx_collection_date         2014-02-20 
# 
_diffrn_radiation.collimation                      ? 
_diffrn_radiation.diffrn_id                        1 
_diffrn_radiation.filter_edge                      ? 
_diffrn_radiation.inhomogeneity                    ? 
_diffrn_radiation.monochromator                    ? 
_diffrn_radiation.polarisn_norm                    ? 
_diffrn_radiation.polarisn_ratio                   ? 
_diffrn_radiation.probe                            ? 
_diffrn_radiation.type                             ? 
_diffrn_radiation.xray_symbol                      ? 
_diffrn_radiation.wavelength_id                    1 
_diffrn_radiation.pdbx_monochromatic_or_laue_m_l   M 
_diffrn_radiation.pdbx_wavelength_list             ? 
_diffrn_radiation.pdbx_wavelength                  ? 
_diffrn_radiation.pdbx_diffrn_protocol             'SINGLE WAVELENGTH' 
_diffrn_radiation.pdbx_analyzer                    ? 
_diffrn_radiation.pdbx_scattering_type             x-ray 
# 
_diffrn_radiation_wavelength.id           1 
_diffrn_radiation_wavelength.wavelength   0.9537 
_diffrn_radiation_wavelength.wt           1.0 
# 
_diffrn_source.current                     ? 
_diffrn_source.details                     ? 
_diffrn_source.diffrn_id                   1 
_diffrn_source.power                       ? 
_diffrn_source.size                        ? 
_diffrn_source.source                      SYNCHROTRON 
_diffrn_source.target                      ? 
_diffrn_source.type                        'AUSTRALIAN SYNCHROTRON BEAMLINE MX2' 
_diffrn_source.voltage                     ? 
_diffrn_source.take-off_angle              ? 
_diffrn_source.pdbx_wavelength_list        0.9537 
_diffrn_source.pdbx_wavelength             ? 
_diffrn_source.pdbx_synchrotron_beamline   MX2 
_diffrn_source.pdbx_synchrotron_site       'Australian Synchrotron' 
# 
_reflns.B_iso_Wilson_estimate            ? 
_reflns.entry_id                         4WOL 
_reflns.data_reduction_details           ? 
_reflns.data_reduction_method            ? 
_reflns.d_resolution_high                1.77 
_reflns.d_resolution_low                 33.67 
_reflns.details                          ? 
_reflns.limit_h_max                      ? 
_reflns.limit_h_min                      ? 
_reflns.limit_k_max                      ? 
_reflns.limit_k_min                      ? 
_reflns.limit_l_max                      ? 
_reflns.limit_l_min                      ? 
_reflns.number_all                       ? 
_reflns.number_obs                       7502 
_reflns.observed_criterion               ? 
_reflns.observed_criterion_F_max         ? 
_reflns.observed_criterion_F_min         ? 
_reflns.observed_criterion_I_max         ? 
_reflns.observed_criterion_I_min         ? 
_reflns.observed_criterion_sigma_F       ? 
_reflns.observed_criterion_sigma_I       ? 
_reflns.percent_possible_obs             95.47 
_reflns.R_free_details                   ? 
_reflns.Rmerge_F_all                     ? 
_reflns.Rmerge_F_obs                     ? 
_reflns.Friedel_coverage                 ? 
_reflns.number_gt                        ? 
_reflns.threshold_expression             ? 
_reflns.pdbx_redundancy                  13.0 
_reflns.pdbx_Rmerge_I_obs                0.1357 
_reflns.pdbx_Rmerge_I_all                ? 
_reflns.pdbx_Rsym_value                  ? 
_reflns.pdbx_netI_over_av_sigmaI         ? 
_reflns.pdbx_netI_over_sigmaI            22.26 
_reflns.pdbx_res_netI_over_av_sigmaI_2   ? 
_reflns.pdbx_res_netI_over_sigmaI_2      ? 
_reflns.pdbx_chi_squared                 ? 
_reflns.pdbx_scaling_rejects             ? 
_reflns.pdbx_d_res_high_opt              ? 
_reflns.pdbx_d_res_low_opt               ? 
_reflns.pdbx_d_res_opt_method            ? 
_reflns.phase_calculation_details        ? 
_reflns.pdbx_Rrim_I_all                  ? 
_reflns.pdbx_Rpim_I_all                  ? 
_reflns.pdbx_d_opt                       ? 
_reflns.pdbx_number_measured_all         ? 
_reflns.pdbx_diffrn_id                   1 
_reflns.pdbx_ordinal                     1 
_reflns.pdbx_CC_half                     ? 
_reflns.pdbx_R_split                     ? 
# 
_refine.pdbx_refine_id                           'X-RAY DIFFRACTION' 
_refine.entry_id                                 4WOL 
_refine.pdbx_diffrn_id                           1 
_refine.pdbx_TLS_residual_ADP_flag               ? 
_refine.ls_number_reflns_obs                     7407 
_refine.ls_number_reflns_all                     ? 
_refine.pdbx_ls_sigma_I                          ? 
_refine.pdbx_ls_sigma_F                          1.33 
_refine.pdbx_data_cutoff_high_absF               ? 
_refine.pdbx_data_cutoff_low_absF                ? 
_refine.pdbx_data_cutoff_high_rms_absF           ? 
_refine.ls_d_res_low                             33.669 
_refine.ls_d_res_high                            1.770 
_refine.ls_percent_reflns_obs                    94.26 
_refine.ls_R_factor_obs                          0.1873 
_refine.ls_R_factor_all                          ? 
_refine.ls_R_factor_R_work                       0.1833 
_refine.ls_R_factor_R_free                       0.2228 
_refine.ls_R_factor_R_free_error                 ? 
_refine.ls_R_factor_R_free_error_details         ? 
_refine.ls_percent_reflns_R_free                 9.98 
_refine.ls_number_reflns_R_free                  739 
_refine.ls_number_parameters                     ? 
_refine.ls_number_restraints                     ? 
_refine.occupancy_min                            ? 
_refine.occupancy_max                            ? 
_refine.correlation_coeff_Fo_to_Fc               ? 
_refine.correlation_coeff_Fo_to_Fc_free          ? 
_refine.B_iso_mean                               ? 
_refine.aniso_B[1][1]                            ? 
_refine.aniso_B[2][2]                            ? 
_refine.aniso_B[3][3]                            ? 
_refine.aniso_B[1][2]                            ? 
_refine.aniso_B[1][3]                            ? 
_refine.aniso_B[2][3]                            ? 
_refine.solvent_model_details                    'FLAT BULK SOLVENT MODEL' 
_refine.solvent_model_param_ksol                 ? 
_refine.solvent_model_param_bsol                 ? 
_refine.pdbx_solvent_vdw_probe_radii             1.11 
_refine.pdbx_solvent_ion_probe_radii             ? 
_refine.pdbx_solvent_shrinkage_radii             0.90 
_refine.pdbx_ls_cross_valid_method               'FREE R-VALUE' 
_refine.details                                  ? 
_refine.pdbx_starting_model                      1AFO 
_refine.pdbx_method_to_determine_struct          'MOLECULAR REPLACEMENT' 
_refine.pdbx_isotropic_thermal_model             ? 
_refine.pdbx_stereochemistry_target_values       ML 
_refine.pdbx_stereochem_target_val_spec_case     ? 
_refine.pdbx_R_Free_selection_details            1 
_refine.pdbx_overall_ESU_R                       ? 
_refine.pdbx_overall_ESU_R_Free                  ? 
_refine.overall_SU_ML                            0.18 
_refine.pdbx_overall_phase_error                 25.06 
_refine.overall_SU_B                             ? 
_refine.overall_SU_R_Cruickshank_DPI             ? 
_refine.pdbx_overall_SU_R_free_Cruickshank_DPI   ? 
_refine.pdbx_overall_SU_R_Blow_DPI               ? 
_refine.pdbx_overall_SU_R_free_Blow_DPI          ? 
# 
_refine_hist.pdbx_refine_id                   'X-RAY DIFFRACTION' 
_refine_hist.cycle_id                         LAST 
_refine_hist.pdbx_number_atoms_protein        665 
_refine_hist.pdbx_number_atoms_nucleic_acid   0 
_refine_hist.pdbx_number_atoms_ligand         101 
_refine_hist.number_atoms_solvent             36 
_refine_hist.number_atoms_total               802 
_refine_hist.d_res_high                       1.770 
_refine_hist.d_res_low                        33.669 
# 
loop_
_refine_ls_restr.type 
_refine_ls_restr.dev_ideal 
_refine_ls_restr.dev_ideal_target 
_refine_ls_restr.weight 
_refine_ls_restr.number 
_refine_ls_restr.pdbx_refine_id 
_refine_ls_restr.pdbx_restraint_function 
f_bond_d           0.007  ? ? 767  'X-RAY DIFFRACTION' ? 
f_angle_d          0.900  ? ? 1020 'X-RAY DIFFRACTION' ? 
f_dihedral_angle_d 15.543 ? ? 286  'X-RAY DIFFRACTION' ? 
f_chiral_restr     0.036  ? ? 137  'X-RAY DIFFRACTION' ? 
f_plane_restr      0.005  ? ? 116  'X-RAY DIFFRACTION' ? 
# 
loop_
_refine_ls_shell.pdbx_refine_id 
_refine_ls_shell.pdbx_total_number_of_bins_used 
_refine_ls_shell.d_res_high 
_refine_ls_shell.d_res_low 
_refine_ls_shell.number_reflns_R_work 
_refine_ls_shell.R_factor_R_work 
_refine_ls_shell.percent_reflns_obs 
_refine_ls_shell.R_factor_R_free 
_refine_ls_shell.R_factor_R_free_error 
_refine_ls_shell.percent_reflns_R_free 
_refine_ls_shell.number_reflns_R_free 
_refine_ls_shell.number_reflns_all 
_refine_ls_shell.R_factor_all 
'X-RAY DIFFRACTION' . 1.7701 1.9067  1303 0.2700 95.00  0.2922 . . 144 . . 
'X-RAY DIFFRACTION' . 1.9067 2.0986  1176 0.2358 85.00  0.2809 . . 132 . . 
'X-RAY DIFFRACTION' . 2.0986 2.4022  1279 0.2140 93.00  0.2808 . . 139 . . 
'X-RAY DIFFRACTION' . 2.4022 3.0262  1425 0.1693 100.00 0.1948 . . 159 . . 
'X-RAY DIFFRACTION' . 3.0262 33.6754 1485 0.1536 99.00  0.1947 . . 165 . . 
# 
_struct.entry_id                     4WOL 
_struct.title                        'Crystal Structure of the DAP12 transmembrane domain in lipidic cubic phase' 
_struct.pdbx_model_details           ? 
_struct.pdbx_formula_weight          ? 
_struct.pdbx_formula_weight_method   ? 
_struct.pdbx_model_type_details      ? 
_struct.pdbx_CASP_flag               ? 
# 
_struct_keywords.entry_id        4WOL 
_struct_keywords.text            'alpha-helix transmembrane signalling, SIGNALING PROTEIN' 
_struct_keywords.pdbx_keywords   'SIGNALING PROTEIN' 
# 
loop_
_struct_asym.id 
_struct_asym.pdbx_blank_PDB_chainid_flag 
_struct_asym.pdbx_modified 
_struct_asym.entity_id 
_struct_asym.details 
A N N 1 ? 
B N N 1 ? 
C N N 1 ? 
D N N 2 ? 
E N N 3 ? 
F N N 3 ? 
G N N 3 ? 
H N N 3 ? 
I N N 4 ? 
J N N 4 ? 
K N N 4 ? 
# 
_struct_ref.db_code                    TYOBP_HUMAN 
_struct_ref.db_name                    UNP 
_struct_ref.details                    ? 
_struct_ref.entity_id                  1 
_struct_ref.id                         1 
_struct_ref.seq_align                  ? 
_struct_ref.seq_dif                    ? 
_struct_ref.pdbx_db_accession          O43914 
_struct_ref.pdbx_db_isoform            ? 
_struct_ref.pdbx_seq_one_letter_code   CSTVSPGVLAGIVMGDLVLTVLIALAVYFLGRL 
_struct_ref.pdbx_align_begin           35 
_struct_ref.pdbx_align_end             ? 
# 
loop_
_struct_ref_seq.align_id 
_struct_ref_seq.ref_id 
_struct_ref_seq.pdbx_PDB_id_code 
_struct_ref_seq.pdbx_strand_id 
_struct_ref_seq.seq_align_beg 
_struct_ref_seq.pdbx_seq_align_beg_ins_code 
_struct_ref_seq.seq_align_end 
_struct_ref_seq.pdbx_seq_align_end_ins_code 
_struct_ref_seq.pdbx_db_accession 
_struct_ref_seq.db_align_beg 
_struct_ref_seq.pdbx_db_align_beg_ins_code 
_struct_ref_seq.db_align_end 
_struct_ref_seq.pdbx_db_align_end_ins_code 
_struct_ref_seq.pdbx_auth_seq_align_beg 
_struct_ref_seq.pdbx_auth_seq_align_end 
1 1 4WOL A 1 ? 33 ? O43914 35 ? 67 ? 8 40 
2 1 4WOL B 1 ? 33 ? O43914 35 ? 67 ? 8 40 
3 1 4WOL C 1 ? 33 ? O43914 35 ? 67 ? 8 40 
# 
loop_
_struct_ref_seq_dif.align_id 
_struct_ref_seq_dif.pdbx_pdb_id_code 
_struct_ref_seq_dif.mon_id 
_struct_ref_seq_dif.pdbx_pdb_strand_id 
_struct_ref_seq_dif.seq_num 
_struct_ref_seq_dif.pdbx_pdb_ins_code 
_struct_ref_seq_dif.pdbx_seq_db_name 
_struct_ref_seq_dif.pdbx_seq_db_accession_code 
_struct_ref_seq_dif.db_mon_id 
_struct_ref_seq_dif.pdbx_seq_db_seq_num 
_struct_ref_seq_dif.details 
_struct_ref_seq_dif.pdbx_auth_seq_num 
_struct_ref_seq_dif.pdbx_ordinal 
1 4WOL VAL A 14 ? UNP O43914 MET 48 'engineered mutation' 21 1 
2 4WOL VAL B 14 ? UNP O43914 MET 48 'engineered mutation' 21 2 
3 4WOL VAL C 14 ? UNP O43914 MET 48 'engineered mutation' 21 3 
# 
_pdbx_struct_assembly.id                   1 
_pdbx_struct_assembly.details              software_defined_assembly 
_pdbx_struct_assembly.method_details       PISA 
_pdbx_struct_assembly.oligomeric_details   trimeric 
_pdbx_struct_assembly.oligomeric_count     3 
# 
loop_
_pdbx_struct_assembly_prop.biol_id 
_pdbx_struct_assembly_prop.type 
_pdbx_struct_assembly_prop.value 
_pdbx_struct_assembly_prop.details 
1 'ABSA (A^2)' 2970 ? 
1 MORE         -32  ? 
1 'SSA (A^2)'  6660 ? 
# 
_pdbx_struct_assembly_gen.assembly_id       1 
_pdbx_struct_assembly_gen.oper_expression   1 
_pdbx_struct_assembly_gen.asym_id_list      A,B,C,D,E,F,G,H,I,J,K 
# 
_pdbx_struct_oper_list.id                   1 
_pdbx_struct_oper_list.type                 'identity operation' 
_pdbx_struct_oper_list.name                 1_555 
_pdbx_struct_oper_list.symmetry_operation   x,y,z 
_pdbx_struct_oper_list.matrix[1][1]         1.0000000000 
_pdbx_struct_oper_list.matrix[1][2]         0.0000000000 
_pdbx_struct_oper_list.matrix[1][3]         0.0000000000 
_pdbx_struct_oper_list.vector[1]            0.0000000000 
_pdbx_struct_oper_list.matrix[2][1]         0.0000000000 
_pdbx_struct_oper_list.matrix[2][2]         1.0000000000 
_pdbx_struct_oper_list.matrix[2][3]         0.0000000000 
_pdbx_struct_oper_list.vector[2]            0.0000000000 
_pdbx_struct_oper_list.matrix[3][1]         0.0000000000 
_pdbx_struct_oper_list.matrix[3][2]         0.0000000000 
_pdbx_struct_oper_list.matrix[3][3]         1.0000000000 
_pdbx_struct_oper_list.vector[3]            0.0000000000 
# 
loop_
_struct_conf.conf_type_id 
_struct_conf.id 
_struct_conf.pdbx_PDB_helix_id 
_struct_conf.beg_label_comp_id 
_struct_conf.beg_label_asym_id 
_struct_conf.beg_label_seq_id 
_struct_conf.pdbx_beg_PDB_ins_code 
_struct_conf.end_label_comp_id 
_struct_conf.end_label_asym_id 
_struct_conf.end_label_seq_id 
_struct_conf.pdbx_end_PDB_ins_code 
_struct_conf.beg_auth_comp_id 
_struct_conf.beg_auth_asym_id 
_struct_conf.beg_auth_seq_id 
_struct_conf.end_auth_comp_id 
_struct_conf.end_auth_asym_id 
_struct_conf.end_auth_seq_id 
_struct_conf.pdbx_PDB_helix_class 
_struct_conf.details 
_struct_conf.pdbx_PDB_helix_length 
HELX_P HELX_P1 AA1 SER A 5 ? ARG A 32 ? SER A 12 ARG A 39 1 ? 28 
HELX_P HELX_P2 AA2 SER B 5 ? GLY B 31 ? SER B 12 GLY B 38 1 ? 27 
HELX_P HELX_P3 AA3 SER C 5 ? ARG C 32 ? SER C 12 ARG C 39 1 ? 28 
# 
_struct_conf_type.id          HELX_P 
_struct_conf_type.criteria    ? 
_struct_conf_type.reference   ? 
# 
loop_
_struct_conn.id 
_struct_conn.conn_type_id 
_struct_conn.pdbx_leaving_atom_flag 
_struct_conn.pdbx_PDB_id 
_struct_conn.ptnr1_label_asym_id 
_struct_conn.ptnr1_label_comp_id 
_struct_conn.ptnr1_label_seq_id 
_struct_conn.ptnr1_label_atom_id 
_struct_conn.pdbx_ptnr1_label_alt_id 
_struct_conn.pdbx_ptnr1_PDB_ins_code 
_struct_conn.pdbx_ptnr1_standard_comp_id 
_struct_conn.ptnr1_symmetry 
_struct_conn.ptnr2_label_asym_id 
_struct_conn.ptnr2_label_comp_id 
_struct_conn.ptnr2_label_seq_id 
_struct_conn.ptnr2_label_atom_id 
_struct_conn.pdbx_ptnr2_label_alt_id 
_struct_conn.pdbx_ptnr2_PDB_ins_code 
_struct_conn.ptnr1_auth_asym_id 
_struct_conn.ptnr1_auth_comp_id 
_struct_conn.ptnr1_auth_seq_id 
_struct_conn.ptnr2_auth_asym_id 
_struct_conn.ptnr2_auth_comp_id 
_struct_conn.ptnr2_auth_seq_id 
_struct_conn.ptnr2_symmetry 
_struct_conn.pdbx_ptnr3_label_atom_id 
_struct_conn.pdbx_ptnr3_label_seq_id 
_struct_conn.pdbx_ptnr3_label_comp_id 
_struct_conn.pdbx_ptnr3_label_asym_id 
_struct_conn.pdbx_ptnr3_label_alt_id 
_struct_conn.pdbx_ptnr3_PDB_ins_code 
_struct_conn.details 
_struct_conn.pdbx_dist_value 
_struct_conn.pdbx_value_order 
_struct_conn.pdbx_role 
disulf1 disulf ? ? A CYS 1  SG  ? ? ? 1_555 B CYS 1  SG  ? ? A CYS 8   B CYS 8   1_555 ? ? ? ? ? ? ? 2.032 ? ? 
metalc1 metalc ? ? A ASP 16 OD1 ? ? ? 1_555 D K   .  K   ? ? A ASP 23  A K   101 1_555 ? ? ? ? ? ? ? 2.860 ? ? 
metalc2 metalc ? ? A ASP 16 OD2 ? ? ? 1_555 D K   .  K   ? ? A ASP 23  A K   101 1_555 ? ? ? ? ? ? ? 2.827 ? ? 
metalc3 metalc ? ? A THR 20 OG1 ? ? ? 1_555 D K   .  K   ? ? A THR 27  A K   101 1_555 ? ? ? ? ? ? ? 2.883 ? ? 
metalc4 metalc ? ? D K   .  K   ? ? ? 1_555 B ASP 16 OD1 ? ? A K   101 B ASP 23  1_555 ? ? ? ? ? ? ? 3.021 ? ? 
metalc5 metalc ? ? D K   .  K   ? ? ? 1_555 B THR 20 OG1 ? ? A K   101 B THR 27  1_555 ? ? ? ? ? ? ? 2.748 ? ? 
metalc6 metalc ? ? D K   .  K   ? ? ? 1_555 C ASP 16 OD2 ? ? A K   101 C ASP 23  1_555 ? ? ? ? ? ? ? 2.689 ? ? 
metalc7 metalc ? ? D K   .  K   ? ? ? 1_555 C THR 20 OG1 ? ? A K   101 C THR 27  1_555 ? ? ? ? ? ? ? 2.832 ? ? 
# 
loop_
_struct_conn_type.id 
_struct_conn_type.criteria 
_struct_conn_type.reference 
disulf ? ? 
metalc ? ? 
# 
loop_
_pdbx_struct_conn_angle.id 
_pdbx_struct_conn_angle.ptnr1_label_atom_id 
_pdbx_struct_conn_angle.ptnr1_label_alt_id 
_pdbx_struct_conn_angle.ptnr1_label_asym_id 
_pdbx_struct_conn_angle.ptnr1_label_comp_id 
_pdbx_struct_conn_angle.ptnr1_label_seq_id 
_pdbx_struct_conn_angle.ptnr1_auth_atom_id 
_pdbx_struct_conn_angle.ptnr1_auth_asym_id 
_pdbx_struct_conn_angle.ptnr1_auth_comp_id 
_pdbx_struct_conn_angle.ptnr1_auth_seq_id 
_pdbx_struct_conn_angle.ptnr1_PDB_ins_code 
_pdbx_struct_conn_angle.ptnr1_symmetry 
_pdbx_struct_conn_angle.ptnr2_label_atom_id 
_pdbx_struct_conn_angle.ptnr2_label_alt_id 
_pdbx_struct_conn_angle.ptnr2_label_asym_id 
_pdbx_struct_conn_angle.ptnr2_label_comp_id 
_pdbx_struct_conn_angle.ptnr2_label_seq_id 
_pdbx_struct_conn_angle.ptnr2_auth_atom_id 
_pdbx_struct_conn_angle.ptnr2_auth_asym_id 
_pdbx_struct_conn_angle.ptnr2_auth_comp_id 
_pdbx_struct_conn_angle.ptnr2_auth_seq_id 
_pdbx_struct_conn_angle.ptnr2_PDB_ins_code 
_pdbx_struct_conn_angle.ptnr2_symmetry 
_pdbx_struct_conn_angle.ptnr3_label_atom_id 
_pdbx_struct_conn_angle.ptnr3_label_alt_id 
_pdbx_struct_conn_angle.ptnr3_label_asym_id 
_pdbx_struct_conn_angle.ptnr3_label_comp_id 
_pdbx_struct_conn_angle.ptnr3_label_seq_id 
_pdbx_struct_conn_angle.ptnr3_auth_atom_id 
_pdbx_struct_conn_angle.ptnr3_auth_asym_id 
_pdbx_struct_conn_angle.ptnr3_auth_comp_id 
_pdbx_struct_conn_angle.ptnr3_auth_seq_id 
_pdbx_struct_conn_angle.ptnr3_PDB_ins_code 
_pdbx_struct_conn_angle.ptnr3_symmetry 
_pdbx_struct_conn_angle.value 
_pdbx_struct_conn_angle.value_esd 
1  OD1 ? A ASP 16 ? A ASP 23 ? 1_555 K ? D K . ? A K 101 ? 1_555 OD2 ? A ASP 16 ? A ASP 23 ? 1_555 45.0  ? 
2  OD1 ? A ASP 16 ? A ASP 23 ? 1_555 K ? D K . ? A K 101 ? 1_555 OG1 ? A THR 20 ? A THR 27 ? 1_555 80.3  ? 
3  OD2 ? A ASP 16 ? A ASP 23 ? 1_555 K ? D K . ? A K 101 ? 1_555 OG1 ? A THR 20 ? A THR 27 ? 1_555 85.4  ? 
4  OD1 ? A ASP 16 ? A ASP 23 ? 1_555 K ? D K . ? A K 101 ? 1_555 OD1 ? B ASP 16 ? B ASP 23 ? 1_555 94.0  ? 
5  OD2 ? A ASP 16 ? A ASP 23 ? 1_555 K ? D K . ? A K 101 ? 1_555 OD1 ? B ASP 16 ? B ASP 23 ? 1_555 65.2  ? 
6  OG1 ? A THR 20 ? A THR 27 ? 1_555 K ? D K . ? A K 101 ? 1_555 OD1 ? B ASP 16 ? B ASP 23 ? 1_555 141.5 ? 
7  OD1 ? A ASP 16 ? A ASP 23 ? 1_555 K ? D K . ? A K 101 ? 1_555 OG1 ? B THR 20 ? B THR 27 ? 1_555 144.1 ? 
8  OD2 ? A ASP 16 ? A ASP 23 ? 1_555 K ? D K . ? A K 101 ? 1_555 OG1 ? B THR 20 ? B THR 27 ? 1_555 99.3  ? 
9  OG1 ? A THR 20 ? A THR 27 ? 1_555 K ? D K . ? A K 101 ? 1_555 OG1 ? B THR 20 ? B THR 27 ? 1_555 96.6  ? 
10 OD1 ? B ASP 16 ? B ASP 23 ? 1_555 K ? D K . ? A K 101 ? 1_555 OG1 ? B THR 20 ? B THR 27 ? 1_555 66.3  ? 
11 OD1 ? A ASP 16 ? A ASP 23 ? 1_555 K ? D K . ? A K 101 ? 1_555 OD2 ? C ASP 16 ? C ASP 23 ? 1_555 66.5  ? 
12 OD2 ? A ASP 16 ? A ASP 23 ? 1_555 K ? D K . ? A K 101 ? 1_555 OD2 ? C ASP 16 ? C ASP 23 ? 1_555 94.6  ? 
13 OG1 ? A THR 20 ? A THR 27 ? 1_555 K ? D K . ? A K 101 ? 1_555 OD2 ? C ASP 16 ? C ASP 23 ? 1_555 130.6 ? 
14 OD1 ? B ASP 16 ? B ASP 23 ? 1_555 K ? D K . ? A K 101 ? 1_555 OD2 ? C ASP 16 ? C ASP 23 ? 1_555 78.6  ? 
15 OG1 ? B THR 20 ? B THR 27 ? 1_555 K ? D K . ? A K 101 ? 1_555 OD2 ? C ASP 16 ? C ASP 23 ? 1_555 131.7 ? 
16 OD1 ? A ASP 16 ? A ASP 23 ? 1_555 K ? D K . ? A K 101 ? 1_555 OG1 ? C THR 20 ? C THR 27 ? 1_555 113.1 ? 
17 OD2 ? A ASP 16 ? A ASP 23 ? 1_555 K ? D K . ? A K 101 ? 1_555 OG1 ? C THR 20 ? C THR 27 ? 1_555 158.0 ? 
18 OG1 ? A THR 20 ? A THR 27 ? 1_555 K ? D K . ? A K 101 ? 1_555 OG1 ? C THR 20 ? C THR 27 ? 1_555 92.6  ? 
19 OD1 ? B ASP 16 ? B ASP 23 ? 1_555 K ? D K . ? A K 101 ? 1_555 OG1 ? C THR 20 ? C THR 27 ? 1_555 124.1 ? 
20 OG1 ? B THR 20 ? B THR 27 ? 1_555 K ? D K . ? A K 101 ? 1_555 OG1 ? C THR 20 ? C THR 27 ? 1_555 102.7 ? 
21 OD2 ? C ASP 16 ? C ASP 23 ? 1_555 K ? D K . ? A K 101 ? 1_555 OG1 ? C THR 20 ? C THR 27 ? 1_555 70.2  ? 
# 
_pdbx_modification_feature.ordinal                            1 
_pdbx_modification_feature.label_comp_id                      CYS 
_pdbx_modification_feature.label_asym_id                      A 
_pdbx_modification_feature.label_seq_id                       1 
_pdbx_modification_feature.label_alt_id                       ? 
_pdbx_modification_feature.modified_residue_label_comp_id     CYS 
_pdbx_modification_feature.modified_residue_label_asym_id     B 
_pdbx_modification_feature.modified_residue_label_seq_id      1 
_pdbx_modification_feature.modified_residue_label_alt_id      ? 
_pdbx_modification_feature.auth_comp_id                       CYS 
_pdbx_modification_feature.auth_asym_id                       A 
_pdbx_modification_feature.auth_seq_id                        8 
_pdbx_modification_feature.PDB_ins_code                       ? 
_pdbx_modification_feature.symmetry                           1_555 
_pdbx_modification_feature.modified_residue_auth_comp_id      CYS 
_pdbx_modification_feature.modified_residue_auth_asym_id      B 
_pdbx_modification_feature.modified_residue_auth_seq_id       8 
_pdbx_modification_feature.modified_residue_PDB_ins_code      ? 
_pdbx_modification_feature.modified_residue_symmetry          1_555 
_pdbx_modification_feature.comp_id_linking_atom               SG 
_pdbx_modification_feature.modified_residue_id_linking_atom   SG 
_pdbx_modification_feature.modified_residue_id                . 
_pdbx_modification_feature.ref_pcm_id                         . 
_pdbx_modification_feature.ref_comp_id                        . 
_pdbx_modification_feature.type                               None 
_pdbx_modification_feature.category                           'Disulfide bridge' 
# 
loop_
_struct_site.id 
_struct_site.pdbx_evidence_code 
_struct_site.pdbx_auth_asym_id 
_struct_site.pdbx_auth_comp_id 
_struct_site.pdbx_auth_seq_id 
_struct_site.pdbx_auth_ins_code 
_struct_site.pdbx_num_residues 
_struct_site.details 
AC1 Software A K   101 ? 6  'binding site for residue K A 101'   
AC2 Software B OLC 101 ? 12 'binding site for residue OLC B 101' 
AC3 Software C OLC 101 ? 11 'binding site for residue OLC C 101' 
AC4 Software C OLC 102 ? 10 'binding site for residue OLC C 102' 
AC5 Software C OLC 103 ? 11 'binding site for residue OLC C 103' 
# 
loop_
_struct_site_gen.id 
_struct_site_gen.site_id 
_struct_site_gen.pdbx_num_res 
_struct_site_gen.label_comp_id 
_struct_site_gen.label_asym_id 
_struct_site_gen.label_seq_id 
_struct_site_gen.pdbx_auth_ins_code 
_struct_site_gen.auth_comp_id 
_struct_site_gen.auth_asym_id 
_struct_site_gen.auth_seq_id 
_struct_site_gen.label_atom_id 
_struct_site_gen.label_alt_id 
_struct_site_gen.symmetry 
_struct_site_gen.details 
1  AC1 6  ASP A 16 ? ASP A 23  . ? 1_555 ? 
2  AC1 6  THR A 20 ? THR A 27  . ? 1_555 ? 
3  AC1 6  ASP B 16 ? ASP B 23  . ? 1_555 ? 
4  AC1 6  THR B 20 ? THR B 27  . ? 1_555 ? 
5  AC1 6  ASP C 16 ? ASP C 23  . ? 1_555 ? 
6  AC1 6  THR C 20 ? THR C 27  . ? 1_555 ? 
7  AC2 12 GLY A 15 ? GLY A 22  . ? 1_555 ? 
8  AC2 12 ASP A 16 ? ASP A 23  . ? 1_555 ? 
9  AC2 12 VAL A 27 ? VAL A 34  . ? 4_556 ? 
10 AC2 12 GLY A 31 ? GLY A 38  . ? 4_556 ? 
11 AC2 12 PRO B 6  ? PRO B 13  . ? 1_555 ? 
12 AC2 12 LEU B 9  ? LEU B 16  . ? 1_555 ? 
13 AC2 12 ALA B 10 ? ALA B 17  . ? 1_555 ? 
14 AC2 12 ASP B 16 ? ASP B 23  . ? 1_555 ? 
15 AC2 12 LEU B 22 ? LEU B 29  . ? 1_655 ? 
16 AC2 12 ARG B 32 ? ARG B 39  . ? 4_556 ? 
17 AC2 12 OLC F .  ? OLC C 101 . ? 1_555 ? 
18 AC2 12 HOH K .  ? HOH C 201 . ? 1_555 ? 
19 AC3 11 VAL A 4  ? VAL A 11  . ? 1_555 ? 
20 AC3 11 LEU A 9  ? LEU A 16  . ? 1_555 ? 
21 AC3 11 GLY A 11 ? GLY A 18  . ? 1_455 ? 
22 AC3 11 LEU A 30 ? LEU A 37  . ? 4_556 ? 
23 AC3 11 ILE B 12 ? ILE B 19  . ? 1_555 ? 
24 AC3 11 ASP B 16 ? ASP B 23  . ? 1_555 ? 
25 AC3 11 LEU B 19 ? LEU B 26  . ? 1_555 ? 
26 AC3 11 OLC E .  ? OLC B 101 . ? 1_555 ? 
27 AC3 11 ASP C 16 ? ASP C 23  . ? 1_555 ? 
28 AC3 11 HOH K .  ? HOH C 201 . ? 1_555 ? 
29 AC3 11 HOH K .  ? HOH C 204 . ? 1_555 ? 
30 AC4 10 VAL A 13 ? VAL A 20  . ? 4_466 ? 
31 AC4 10 VAL A 18 ? VAL A 25  . ? 4_466 ? 
32 AC4 10 ALA B 26 ? ALA B 33  . ? 4_566 ? 
33 AC4 10 VAL C 18 ? VAL C 25  . ? 4_566 ? 
34 AC4 10 VAL C 21 ? VAL C 28  . ? 4_566 ? 
35 AC4 10 LEU C 22 ? LEU C 29  . ? 1_555 ? 
36 AC4 10 PHE C 29 ? PHE C 36  . ? 1_555 ? 
37 AC4 10 ARG C 32 ? ARG C 39  . ? 1_555 ? 
38 AC4 10 OLC H .  ? OLC C 103 . ? 4_466 ? 
39 AC4 10 HOH K .  ? HOH C 211 . ? 1_555 ? 
40 AC5 11 LEU B 30 ? LEU B 37  . ? 4_566 ? 
41 AC5 11 GLY B 31 ? GLY B 38  . ? 4_566 ? 
42 AC5 11 HOH J .  ? HOH B 201 . ? 4_566 ? 
43 AC5 11 GLY C 7  ? GLY C 14  . ? 1_555 ? 
44 AC5 11 VAL C 8  ? VAL C 15  . ? 1_555 ? 
45 AC5 11 GLY C 11 ? GLY C 18  . ? 1_555 ? 
46 AC5 11 GLY C 15 ? GLY C 22  . ? 1_555 ? 
47 AC5 11 LEU C 19 ? LEU C 26  . ? 1_555 ? 
48 AC5 11 OLC G .  ? OLC C 102 . ? 4_566 ? 
49 AC5 11 HOH K .  ? HOH C 202 . ? 1_555 ? 
50 AC5 11 HOH K .  ? HOH C 205 . ? 1_555 ? 
# 
_pdbx_entry_details.entry_id                   4WOL 
_pdbx_entry_details.compound_details           ? 
_pdbx_entry_details.source_details             ? 
_pdbx_entry_details.nonpolymer_details         ? 
_pdbx_entry_details.sequence_details           ? 
_pdbx_entry_details.has_ligand_of_interest     ? 
_pdbx_entry_details.has_protein_modification   Y 
# 
loop_
_pdbx_refine_tls.pdbx_refine_id 
_pdbx_refine_tls.id 
_pdbx_refine_tls.details 
_pdbx_refine_tls.method 
_pdbx_refine_tls.origin_x 
_pdbx_refine_tls.origin_y 
_pdbx_refine_tls.origin_z 
_pdbx_refine_tls.T[1][1] 
_pdbx_refine_tls.T[2][2] 
_pdbx_refine_tls.T[3][3] 
_pdbx_refine_tls.T[1][2] 
_pdbx_refine_tls.T[1][3] 
_pdbx_refine_tls.T[2][3] 
_pdbx_refine_tls.L[1][1] 
_pdbx_refine_tls.L[2][2] 
_pdbx_refine_tls.L[3][3] 
_pdbx_refine_tls.L[1][2] 
_pdbx_refine_tls.L[1][3] 
_pdbx_refine_tls.L[2][3] 
_pdbx_refine_tls.S[1][1] 
_pdbx_refine_tls.S[1][2] 
_pdbx_refine_tls.S[1][3] 
_pdbx_refine_tls.S[2][1] 
_pdbx_refine_tls.S[2][2] 
_pdbx_refine_tls.S[2][3] 
_pdbx_refine_tls.S[3][1] 
_pdbx_refine_tls.S[3][2] 
_pdbx_refine_tls.S[3][3] 
'X-RAY DIFFRACTION' 1 ? refined 5.2561  13.4693 -17.4473 0.2546 0.4531 0.7511 -0.0938 0.1295  0.1374  1.7521 7.5932 1.1094 3.5567  0.7797  1.0473  0.0294  -0.0870 0.6659  -0.0928 0.0569  -0.5246 -0.5071 0.5218  -0.0496 
'X-RAY DIFFRACTION' 2 ? refined 1.0820  -7.2201 -1.3323  0.1196 0.1405 0.1309 0.0054  -0.0081 -0.0332 1.6516 1.2096 2.3966 0.0419  0.3237  -0.6945 0.1323  -0.0598 0.0201  -0.0823 -0.0198 0.1332  0.1166  0.0205  -0.0710 
'X-RAY DIFFRACTION' 3 ? refined 7.0429  17.1205 -9.2640  0.5070 0.3247 0.8126 -0.1435 0.0120  0.2346  1.3000 3.1013 2.6726 -1.1392 -1.8588 1.8055  -0.0615 0.3285  0.3895  -0.7027 0.4329  1.1321  0.2407  -0.7425 -0.3748 
'X-RAY DIFFRACTION' 4 ? refined 2.8006  0.3905  6.4113   0.0994 0.1474 0.1136 0.0125  -0.0197 -0.0157 1.7035 1.6472 1.1890 0.1142  -0.5352 0.3816  -0.0184 -0.0788 0.0496  -0.0308 0.0029  0.0245  0.1270  0.0298  -0.0277 
'X-RAY DIFFRACTION' 5 ? refined -0.0732 15.0484 -10.9152 0.7183 0.5962 0.2922 -0.0670 0.1025  0.2583  0.2715 1.2463 8.7730 -4.7599 -0.3499 -0.6440 0.0222  0.2326  -0.2861 -0.6347 -0.2835 -0.4014 0.6697  0.2441  0.2606  
'X-RAY DIFFRACTION' 6 ? refined -6.2517 -1.3248 2.0942   0.1245 0.1553 0.1475 -0.0031 0.0185  -0.0048 0.8371 4.9108 0.8791 0.2642  0.4283  -0.1794 0.1462  -0.0395 0.0645  -0.1746 -0.0401 0.4592  -0.0018 -0.0711 -0.0527 
# 
loop_
_pdbx_refine_tls_group.pdbx_refine_id 
_pdbx_refine_tls_group.id 
_pdbx_refine_tls_group.refine_tls_id 
_pdbx_refine_tls_group.beg_auth_asym_id 
_pdbx_refine_tls_group.beg_auth_seq_id 
_pdbx_refine_tls_group.beg_label_asym_id 
_pdbx_refine_tls_group.beg_label_seq_id 
_pdbx_refine_tls_group.end_auth_asym_id 
_pdbx_refine_tls_group.end_auth_seq_id 
_pdbx_refine_tls_group.end_label_asym_id 
_pdbx_refine_tls_group.end_label_seq_id 
_pdbx_refine_tls_group.selection 
_pdbx_refine_tls_group.selection_details 
'X-RAY DIFFRACTION' 1 1 ? ? ? ? ? ? ? ? ? 
;chain 'A' and (resid 8 through 12 )
;
'X-RAY DIFFRACTION' 2 2 ? ? ? ? ? ? ? ? ? 
;chain 'A' and (resid 13 through 40 )
;
'X-RAY DIFFRACTION' 3 3 ? ? ? ? ? ? ? ? ? 
;chain 'B' and (resid 8 through 12 )
;
'X-RAY DIFFRACTION' 4 4 ? ? ? ? ? ? ? ? ? 
;chain 'B' and (resid 13 through 40 )
;
'X-RAY DIFFRACTION' 5 5 ? ? ? ? ? ? ? ? ? 
;chain 'C' and (resid 11 through 12 )
;
'X-RAY DIFFRACTION' 6 6 ? ? ? ? ? ? ? ? ? 
;chain 'C' and (resid 13 through 40 )
;
# 
loop_
_pdbx_unobs_or_zero_occ_residues.id 
_pdbx_unobs_or_zero_occ_residues.PDB_model_num 
_pdbx_unobs_or_zero_occ_residues.polymer_flag 
_pdbx_unobs_or_zero_occ_residues.occupancy_flag 
_pdbx_unobs_or_zero_occ_residues.auth_asym_id 
_pdbx_unobs_or_zero_occ_residues.auth_comp_id 
_pdbx_unobs_or_zero_occ_residues.auth_seq_id 
_pdbx_unobs_or_zero_occ_residues.PDB_ins_code 
_pdbx_unobs_or_zero_occ_residues.label_asym_id 
_pdbx_unobs_or_zero_occ_residues.label_comp_id 
_pdbx_unobs_or_zero_occ_residues.label_seq_id 
1 1 Y 1 B SER 9  ? B SER 2 
2 1 Y 1 B THR 10 ? B THR 3 
3 1 Y 1 C CYS 8  ? C CYS 1 
4 1 Y 1 C SER 9  ? C SER 2 
5 1 Y 1 C THR 10 ? C THR 3 
# 
loop_
_chem_comp_atom.comp_id 
_chem_comp_atom.atom_id 
_chem_comp_atom.type_symbol 
_chem_comp_atom.pdbx_aromatic_flag 
_chem_comp_atom.pdbx_stereo_config 
_chem_comp_atom.pdbx_ordinal 
ALA N    N N N 1   
ALA CA   C N S 2   
ALA C    C N N 3   
ALA O    O N N 4   
ALA CB   C N N 5   
ALA OXT  O N N 6   
ALA H    H N N 7   
ALA H2   H N N 8   
ALA HA   H N N 9   
ALA HB1  H N N 10  
ALA HB2  H N N 11  
ALA HB3  H N N 12  
ALA HXT  H N N 13  
ARG N    N N N 14  
ARG CA   C N S 15  
ARG C    C N N 16  
ARG O    O N N 17  
ARG CB   C N N 18  
ARG CG   C N N 19  
ARG CD   C N N 20  
ARG NE   N N N 21  
ARG CZ   C N N 22  
ARG NH1  N N N 23  
ARG NH2  N N N 24  
ARG OXT  O N N 25  
ARG H    H N N 26  
ARG H2   H N N 27  
ARG HA   H N N 28  
ARG HB2  H N N 29  
ARG HB3  H N N 30  
ARG HG2  H N N 31  
ARG HG3  H N N 32  
ARG HD2  H N N 33  
ARG HD3  H N N 34  
ARG HE   H N N 35  
ARG HH11 H N N 36  
ARG HH12 H N N 37  
ARG HH21 H N N 38  
ARG HH22 H N N 39  
ARG HXT  H N N 40  
ASP N    N N N 41  
ASP CA   C N S 42  
ASP C    C N N 43  
ASP O    O N N 44  
ASP CB   C N N 45  
ASP CG   C N N 46  
ASP OD1  O N N 47  
ASP OD2  O N N 48  
ASP OXT  O N N 49  
ASP H    H N N 50  
ASP H2   H N N 51  
ASP HA   H N N 52  
ASP HB2  H N N 53  
ASP HB3  H N N 54  
ASP HD2  H N N 55  
ASP HXT  H N N 56  
CYS N    N N N 57  
CYS CA   C N R 58  
CYS C    C N N 59  
CYS O    O N N 60  
CYS CB   C N N 61  
CYS SG   S N N 62  
CYS OXT  O N N 63  
CYS H    H N N 64  
CYS H2   H N N 65  
CYS HA   H N N 66  
CYS HB2  H N N 67  
CYS HB3  H N N 68  
CYS HG   H N N 69  
CYS HXT  H N N 70  
GLY N    N N N 71  
GLY CA   C N N 72  
GLY C    C N N 73  
GLY O    O N N 74  
GLY OXT  O N N 75  
GLY H    H N N 76  
GLY H2   H N N 77  
GLY HA2  H N N 78  
GLY HA3  H N N 79  
GLY HXT  H N N 80  
HOH O    O N N 81  
HOH H1   H N N 82  
HOH H2   H N N 83  
ILE N    N N N 84  
ILE CA   C N S 85  
ILE C    C N N 86  
ILE O    O N N 87  
ILE CB   C N S 88  
ILE CG1  C N N 89  
ILE CG2  C N N 90  
ILE CD1  C N N 91  
ILE OXT  O N N 92  
ILE H    H N N 93  
ILE H2   H N N 94  
ILE HA   H N N 95  
ILE HB   H N N 96  
ILE HG12 H N N 97  
ILE HG13 H N N 98  
ILE HG21 H N N 99  
ILE HG22 H N N 100 
ILE HG23 H N N 101 
ILE HD11 H N N 102 
ILE HD12 H N N 103 
ILE HD13 H N N 104 
ILE HXT  H N N 105 
K   K    K N N 106 
LEU N    N N N 107 
LEU CA   C N S 108 
LEU C    C N N 109 
LEU O    O N N 110 
LEU CB   C N N 111 
LEU CG   C N N 112 
LEU CD1  C N N 113 
LEU CD2  C N N 114 
LEU OXT  O N N 115 
LEU H    H N N 116 
LEU H2   H N N 117 
LEU HA   H N N 118 
LEU HB2  H N N 119 
LEU HB3  H N N 120 
LEU HG   H N N 121 
LEU HD11 H N N 122 
LEU HD12 H N N 123 
LEU HD13 H N N 124 
LEU HD21 H N N 125 
LEU HD22 H N N 126 
LEU HD23 H N N 127 
LEU HXT  H N N 128 
MET N    N N N 129 
MET CA   C N S 130 
MET C    C N N 131 
MET O    O N N 132 
MET CB   C N N 133 
MET CG   C N N 134 
MET SD   S N N 135 
MET CE   C N N 136 
MET OXT  O N N 137 
MET H    H N N 138 
MET H2   H N N 139 
MET HA   H N N 140 
MET HB2  H N N 141 
MET HB3  H N N 142 
MET HG2  H N N 143 
MET HG3  H N N 144 
MET HE1  H N N 145 
MET HE2  H N N 146 
MET HE3  H N N 147 
MET HXT  H N N 148 
OLC C18  C N N 149 
OLC C10  C N N 150 
OLC C9   C N N 151 
OLC C17  C N N 152 
OLC C11  C N N 153 
OLC C8   C N N 154 
OLC C24  C N N 155 
OLC C16  C N N 156 
OLC C12  C N N 157 
OLC C7   C N N 158 
OLC C15  C N N 159 
OLC C13  C N N 160 
OLC C6   C N N 161 
OLC C14  C N N 162 
OLC C5   C N N 163 
OLC C4   C N N 164 
OLC C3   C N N 165 
OLC C2   C N N 166 
OLC C21  C N N 167 
OLC C1   C N N 168 
OLC C22  C N R 169 
OLC O19  O N N 170 
OLC O25  O N N 171 
OLC O23  O N N 172 
OLC O20  O N N 173 
OLC H18  H N N 174 
OLC H18A H N N 175 
OLC H18B H N N 176 
OLC H10  H N N 177 
OLC H9   H N N 178 
OLC H17  H N N 179 
OLC H17A H N N 180 
OLC H11  H N N 181 
OLC H11A H N N 182 
OLC H8   H N N 183 
OLC H8A  H N N 184 
OLC H24  H N N 185 
OLC H24A H N N 186 
OLC H16  H N N 187 
OLC H16A H N N 188 
OLC H12  H N N 189 
OLC H12A H N N 190 
OLC H7   H N N 191 
OLC H7A  H N N 192 
OLC H15  H N N 193 
OLC H15A H N N 194 
OLC H13  H N N 195 
OLC H13A H N N 196 
OLC H6   H N N 197 
OLC H6A  H N N 198 
OLC H14  H N N 199 
OLC H14A H N N 200 
OLC H5   H N N 201 
OLC H5A  H N N 202 
OLC H4   H N N 203 
OLC H4A  H N N 204 
OLC H3   H N N 205 
OLC H3A  H N N 206 
OLC H2   H N N 207 
OLC H2A  H N N 208 
OLC H21  H N N 209 
OLC H21A H N N 210 
OLC H22  H N N 211 
OLC HO25 H N N 212 
OLC HO23 H N N 213 
PHE N    N N N 214 
PHE CA   C N S 215 
PHE C    C N N 216 
PHE O    O N N 217 
PHE CB   C N N 218 
PHE CG   C Y N 219 
PHE CD1  C Y N 220 
PHE CD2  C Y N 221 
PHE CE1  C Y N 222 
PHE CE2  C Y N 223 
PHE CZ   C Y N 224 
PHE OXT  O N N 225 
PHE H    H N N 226 
PHE H2   H N N 227 
PHE HA   H N N 228 
PHE HB2  H N N 229 
PHE HB3  H N N 230 
PHE HD1  H N N 231 
PHE HD2  H N N 232 
PHE HE1  H N N 233 
PHE HE2  H N N 234 
PHE HZ   H N N 235 
PHE HXT  H N N 236 
PRO N    N N N 237 
PRO CA   C N S 238 
PRO C    C N N 239 
PRO O    O N N 240 
PRO CB   C N N 241 
PRO CG   C N N 242 
PRO CD   C N N 243 
PRO OXT  O N N 244 
PRO H    H N N 245 
PRO HA   H N N 246 
PRO HB2  H N N 247 
PRO HB3  H N N 248 
PRO HG2  H N N 249 
PRO HG3  H N N 250 
PRO HD2  H N N 251 
PRO HD3  H N N 252 
PRO HXT  H N N 253 
SER N    N N N 254 
SER CA   C N S 255 
SER C    C N N 256 
SER O    O N N 257 
SER CB   C N N 258 
SER OG   O N N 259 
SER OXT  O N N 260 
SER H    H N N 261 
SER H2   H N N 262 
SER HA   H N N 263 
SER HB2  H N N 264 
SER HB3  H N N 265 
SER HG   H N N 266 
SER HXT  H N N 267 
THR N    N N N 268 
THR CA   C N S 269 
THR C    C N N 270 
THR O    O N N 271 
THR CB   C N R 272 
THR OG1  O N N 273 
THR CG2  C N N 274 
THR OXT  O N N 275 
THR H    H N N 276 
THR H2   H N N 277 
THR HA   H N N 278 
THR HB   H N N 279 
THR HG1  H N N 280 
THR HG21 H N N 281 
THR HG22 H N N 282 
THR HG23 H N N 283 
THR HXT  H N N 284 
TYR N    N N N 285 
TYR CA   C N S 286 
TYR C    C N N 287 
TYR O    O N N 288 
TYR CB   C N N 289 
TYR CG   C Y N 290 
TYR CD1  C Y N 291 
TYR CD2  C Y N 292 
TYR CE1  C Y N 293 
TYR CE2  C Y N 294 
TYR CZ   C Y N 295 
TYR OH   O N N 296 
TYR OXT  O N N 297 
TYR H    H N N 298 
TYR H2   H N N 299 
TYR HA   H N N 300 
TYR HB2  H N N 301 
TYR HB3  H N N 302 
TYR HD1  H N N 303 
TYR HD2  H N N 304 
TYR HE1  H N N 305 
TYR HE2  H N N 306 
TYR HH   H N N 307 
TYR HXT  H N N 308 
VAL N    N N N 309 
VAL CA   C N S 310 
VAL C    C N N 311 
VAL O    O N N 312 
VAL CB   C N N 313 
VAL CG1  C N N 314 
VAL CG2  C N N 315 
VAL OXT  O N N 316 
VAL H    H N N 317 
VAL H2   H N N 318 
VAL HA   H N N 319 
VAL HB   H N N 320 
VAL HG11 H N N 321 
VAL HG12 H N N 322 
VAL HG13 H N N 323 
VAL HG21 H N N 324 
VAL HG22 H N N 325 
VAL HG23 H N N 326 
VAL HXT  H N N 327 
# 
loop_
_chem_comp_bond.comp_id 
_chem_comp_bond.atom_id_1 
_chem_comp_bond.atom_id_2 
_chem_comp_bond.value_order 
_chem_comp_bond.pdbx_aromatic_flag 
_chem_comp_bond.pdbx_stereo_config 
_chem_comp_bond.pdbx_ordinal 
ALA N   CA   sing N N 1   
ALA N   H    sing N N 2   
ALA N   H2   sing N N 3   
ALA CA  C    sing N N 4   
ALA CA  CB   sing N N 5   
ALA CA  HA   sing N N 6   
ALA C   O    doub N N 7   
ALA C   OXT  sing N N 8   
ALA CB  HB1  sing N N 9   
ALA CB  HB2  sing N N 10  
ALA CB  HB3  sing N N 11  
ALA OXT HXT  sing N N 12  
ARG N   CA   sing N N 13  
ARG N   H    sing N N 14  
ARG N   H2   sing N N 15  
ARG CA  C    sing N N 16  
ARG CA  CB   sing N N 17  
ARG CA  HA   sing N N 18  
ARG C   O    doub N N 19  
ARG C   OXT  sing N N 20  
ARG CB  CG   sing N N 21  
ARG CB  HB2  sing N N 22  
ARG CB  HB3  sing N N 23  
ARG CG  CD   sing N N 24  
ARG CG  HG2  sing N N 25  
ARG CG  HG3  sing N N 26  
ARG CD  NE   sing N N 27  
ARG CD  HD2  sing N N 28  
ARG CD  HD3  sing N N 29  
ARG NE  CZ   sing N N 30  
ARG NE  HE   sing N N 31  
ARG CZ  NH1  sing N N 32  
ARG CZ  NH2  doub N N 33  
ARG NH1 HH11 sing N N 34  
ARG NH1 HH12 sing N N 35  
ARG NH2 HH21 sing N N 36  
ARG NH2 HH22 sing N N 37  
ARG OXT HXT  sing N N 38  
ASP N   CA   sing N N 39  
ASP N   H    sing N N 40  
ASP N   H2   sing N N 41  
ASP CA  C    sing N N 42  
ASP CA  CB   sing N N 43  
ASP CA  HA   sing N N 44  
ASP C   O    doub N N 45  
ASP C   OXT  sing N N 46  
ASP CB  CG   sing N N 47  
ASP CB  HB2  sing N N 48  
ASP CB  HB3  sing N N 49  
ASP CG  OD1  doub N N 50  
ASP CG  OD2  sing N N 51  
ASP OD2 HD2  sing N N 52  
ASP OXT HXT  sing N N 53  
CYS N   CA   sing N N 54  
CYS N   H    sing N N 55  
CYS N   H2   sing N N 56  
CYS CA  C    sing N N 57  
CYS CA  CB   sing N N 58  
CYS CA  HA   sing N N 59  
CYS C   O    doub N N 60  
CYS C   OXT  sing N N 61  
CYS CB  SG   sing N N 62  
CYS CB  HB2  sing N N 63  
CYS CB  HB3  sing N N 64  
CYS SG  HG   sing N N 65  
CYS OXT HXT  sing N N 66  
GLY N   CA   sing N N 67  
GLY N   H    sing N N 68  
GLY N   H2   sing N N 69  
GLY CA  C    sing N N 70  
GLY CA  HA2  sing N N 71  
GLY CA  HA3  sing N N 72  
GLY C   O    doub N N 73  
GLY C   OXT  sing N N 74  
GLY OXT HXT  sing N N 75  
HOH O   H1   sing N N 76  
HOH O   H2   sing N N 77  
ILE N   CA   sing N N 78  
ILE N   H    sing N N 79  
ILE N   H2   sing N N 80  
ILE CA  C    sing N N 81  
ILE CA  CB   sing N N 82  
ILE CA  HA   sing N N 83  
ILE C   O    doub N N 84  
ILE C   OXT  sing N N 85  
ILE CB  CG1  sing N N 86  
ILE CB  CG2  sing N N 87  
ILE CB  HB   sing N N 88  
ILE CG1 CD1  sing N N 89  
ILE CG1 HG12 sing N N 90  
ILE CG1 HG13 sing N N 91  
ILE CG2 HG21 sing N N 92  
ILE CG2 HG22 sing N N 93  
ILE CG2 HG23 sing N N 94  
ILE CD1 HD11 sing N N 95  
ILE CD1 HD12 sing N N 96  
ILE CD1 HD13 sing N N 97  
ILE OXT HXT  sing N N 98  
LEU N   CA   sing N N 99  
LEU N   H    sing N N 100 
LEU N   H2   sing N N 101 
LEU CA  C    sing N N 102 
LEU CA  CB   sing N N 103 
LEU CA  HA   sing N N 104 
LEU C   O    doub N N 105 
LEU C   OXT  sing N N 106 
LEU CB  CG   sing N N 107 
LEU CB  HB2  sing N N 108 
LEU CB  HB3  sing N N 109 
LEU CG  CD1  sing N N 110 
LEU CG  CD2  sing N N 111 
LEU CG  HG   sing N N 112 
LEU CD1 HD11 sing N N 113 
LEU CD1 HD12 sing N N 114 
LEU CD1 HD13 sing N N 115 
LEU CD2 HD21 sing N N 116 
LEU CD2 HD22 sing N N 117 
LEU CD2 HD23 sing N N 118 
LEU OXT HXT  sing N N 119 
MET N   CA   sing N N 120 
MET N   H    sing N N 121 
MET N   H2   sing N N 122 
MET CA  C    sing N N 123 
MET CA  CB   sing N N 124 
MET CA  HA   sing N N 125 
MET C   O    doub N N 126 
MET C   OXT  sing N N 127 
MET CB  CG   sing N N 128 
MET CB  HB2  sing N N 129 
MET CB  HB3  sing N N 130 
MET CG  SD   sing N N 131 
MET CG  HG2  sing N N 132 
MET CG  HG3  sing N N 133 
MET SD  CE   sing N N 134 
MET CE  HE1  sing N N 135 
MET CE  HE2  sing N N 136 
MET CE  HE3  sing N N 137 
MET OXT HXT  sing N N 138 
OLC C18 C17  sing N N 139 
OLC C10 C9   doub N N 140 
OLC C10 C11  sing N N 141 
OLC C9  C8   sing N N 142 
OLC C17 C16  sing N Z 143 
OLC C11 C12  sing N N 144 
OLC C8  C7   sing N N 145 
OLC C24 C22  sing N N 146 
OLC C24 O25  sing N N 147 
OLC C16 C15  sing N N 148 
OLC C12 C13  sing N N 149 
OLC C7  C6   sing N N 150 
OLC C15 C14  sing N N 151 
OLC C13 C14  sing N N 152 
OLC C6  C5   sing N N 153 
OLC C5  C4   sing N N 154 
OLC C4  C3   sing N N 155 
OLC C3  C2   sing N N 156 
OLC C2  C1   sing N N 157 
OLC C21 C22  sing N N 158 
OLC C21 O20  sing N N 159 
OLC C1  O19  doub N N 160 
OLC C1  O20  sing N N 161 
OLC C22 O23  sing N N 162 
OLC C18 H18  sing N N 163 
OLC C18 H18A sing N N 164 
OLC C18 H18B sing N N 165 
OLC C10 H10  sing N N 166 
OLC C9  H9   sing N N 167 
OLC C17 H17  sing N N 168 
OLC C17 H17A sing N N 169 
OLC C11 H11  sing N N 170 
OLC C11 H11A sing N N 171 
OLC C8  H8   sing N N 172 
OLC C8  H8A  sing N N 173 
OLC C24 H24  sing N N 174 
OLC C24 H24A sing N N 175 
OLC C16 H16  sing N N 176 
OLC C16 H16A sing N N 177 
OLC C12 H12  sing N N 178 
OLC C12 H12A sing N N 179 
OLC C7  H7   sing N N 180 
OLC C7  H7A  sing N N 181 
OLC C15 H15  sing N N 182 
OLC C15 H15A sing N N 183 
OLC C13 H13  sing N N 184 
OLC C13 H13A sing N N 185 
OLC C6  H6   sing N N 186 
OLC C6  H6A  sing N N 187 
OLC C14 H14  sing N N 188 
OLC C14 H14A sing N N 189 
OLC C5  H5   sing N N 190 
OLC C5  H5A  sing N N 191 
OLC C4  H4   sing N N 192 
OLC C4  H4A  sing N N 193 
OLC C3  H3   sing N N 194 
OLC C3  H3A  sing N N 195 
OLC C2  H2   sing N N 196 
OLC C2  H2A  sing N N 197 
OLC C21 H21  sing N N 198 
OLC C21 H21A sing N N 199 
OLC C22 H22  sing N N 200 
OLC O25 HO25 sing N N 201 
OLC O23 HO23 sing N N 202 
PHE N   CA   sing N N 203 
PHE N   H    sing N N 204 
PHE N   H2   sing N N 205 
PHE CA  C    sing N N 206 
PHE CA  CB   sing N N 207 
PHE CA  HA   sing N N 208 
PHE C   O    doub N N 209 
PHE C   OXT  sing N N 210 
PHE CB  CG   sing N N 211 
PHE CB  HB2  sing N N 212 
PHE CB  HB3  sing N N 213 
PHE CG  CD1  doub Y N 214 
PHE CG  CD2  sing Y N 215 
PHE CD1 CE1  sing Y N 216 
PHE CD1 HD1  sing N N 217 
PHE CD2 CE2  doub Y N 218 
PHE CD2 HD2  sing N N 219 
PHE CE1 CZ   doub Y N 220 
PHE CE1 HE1  sing N N 221 
PHE CE2 CZ   sing Y N 222 
PHE CE2 HE2  sing N N 223 
PHE CZ  HZ   sing N N 224 
PHE OXT HXT  sing N N 225 
PRO N   CA   sing N N 226 
PRO N   CD   sing N N 227 
PRO N   H    sing N N 228 
PRO CA  C    sing N N 229 
PRO CA  CB   sing N N 230 
PRO CA  HA   sing N N 231 
PRO C   O    doub N N 232 
PRO C   OXT  sing N N 233 
PRO CB  CG   sing N N 234 
PRO CB  HB2  sing N N 235 
PRO CB  HB3  sing N N 236 
PRO CG  CD   sing N N 237 
PRO CG  HG2  sing N N 238 
PRO CG  HG3  sing N N 239 
PRO CD  HD2  sing N N 240 
PRO CD  HD3  sing N N 241 
PRO OXT HXT  sing N N 242 
SER N   CA   sing N N 243 
SER N   H    sing N N 244 
SER N   H2   sing N N 245 
SER CA  C    sing N N 246 
SER CA  CB   sing N N 247 
SER CA  HA   sing N N 248 
SER C   O    doub N N 249 
SER C   OXT  sing N N 250 
SER CB  OG   sing N N 251 
SER CB  HB2  sing N N 252 
SER CB  HB3  sing N N 253 
SER OG  HG   sing N N 254 
SER OXT HXT  sing N N 255 
THR N   CA   sing N N 256 
THR N   H    sing N N 257 
THR N   H2   sing N N 258 
THR CA  C    sing N N 259 
THR CA  CB   sing N N 260 
THR CA  HA   sing N N 261 
THR C   O    doub N N 262 
THR C   OXT  sing N N 263 
THR CB  OG1  sing N N 264 
THR CB  CG2  sing N N 265 
THR CB  HB   sing N N 266 
THR OG1 HG1  sing N N 267 
THR CG2 HG21 sing N N 268 
THR CG2 HG22 sing N N 269 
THR CG2 HG23 sing N N 270 
THR OXT HXT  sing N N 271 
TYR N   CA   sing N N 272 
TYR N   H    sing N N 273 
TYR N   H2   sing N N 274 
TYR CA  C    sing N N 275 
TYR CA  CB   sing N N 276 
TYR CA  HA   sing N N 277 
TYR C   O    doub N N 278 
TYR C   OXT  sing N N 279 
TYR CB  CG   sing N N 280 
TYR CB  HB2  sing N N 281 
TYR CB  HB3  sing N N 282 
TYR CG  CD1  doub Y N 283 
TYR CG  CD2  sing Y N 284 
TYR CD1 CE1  sing Y N 285 
TYR CD1 HD1  sing N N 286 
TYR CD2 CE2  doub Y N 287 
TYR CD2 HD2  sing N N 288 
TYR CE1 CZ   doub Y N 289 
TYR CE1 HE1  sing N N 290 
TYR CE2 CZ   sing Y N 291 
TYR CE2 HE2  sing N N 292 
TYR CZ  OH   sing N N 293 
TYR OH  HH   sing N N 294 
TYR OXT HXT  sing N N 295 
VAL N   CA   sing N N 296 
VAL N   H    sing N N 297 
VAL N   H2   sing N N 298 
VAL CA  C    sing N N 299 
VAL CA  CB   sing N N 300 
VAL CA  HA   sing N N 301 
VAL C   O    doub N N 302 
VAL C   OXT  sing N N 303 
VAL CB  CG1  sing N N 304 
VAL CB  CG2  sing N N 305 
VAL CB  HB   sing N N 306 
VAL CG1 HG11 sing N N 307 
VAL CG1 HG12 sing N N 308 
VAL CG1 HG13 sing N N 309 
VAL CG2 HG21 sing N N 310 
VAL CG2 HG22 sing N N 311 
VAL CG2 HG23 sing N N 312 
VAL OXT HXT  sing N N 313 
# 
loop_
_pdbx_audit_support.funding_organization 
_pdbx_audit_support.country 
_pdbx_audit_support.grant_number 
_pdbx_audit_support.ordinal 
'National Health and Medical Research Council (NHMRC, Australia)' Australia GNT1011352                 1 
veski                                                             Australia VIF12                      2 
'Australian Research Council (ARC)'                               Australia 'DP110104369, FT120100145' 3 
# 
_pdbx_initial_refinement_model.id               1 
_pdbx_initial_refinement_model.entity_id_list   ? 
_pdbx_initial_refinement_model.type             'experimental model' 
_pdbx_initial_refinement_model.source_name      PDB 
_pdbx_initial_refinement_model.accession_code   1AFO 
_pdbx_initial_refinement_model.details          ? 
# 
_atom_sites.entry_id                    4WOL 
_atom_sites.fract_transf_matrix[1][1]   0.00126267 
_atom_sites.fract_transf_matrix[1][2]   -0.02511755 
_atom_sites.fract_transf_matrix[1][3]   -0.04104257 
_atom_sites.fract_transf_matrix[2][1]   -0.02731918 
_atom_sites.fract_transf_matrix[2][2]   0.00484014 
_atom_sites.fract_transf_matrix[2][3]   -0.00380257 
_atom_sites.fract_transf_matrix[3][1]   0.00215913 
_atom_sites.fract_transf_matrix[3][2]   0.00826511 
_atom_sites.fract_transf_matrix[3][3]   -0.00499172 
_atom_sites.fract_transf_vector[1]      0.520592 
_atom_sites.fract_transf_vector[2]      0.487412 
_atom_sites.fract_transf_vector[3]      0.523833 
# 
loop_
_atom_type.symbol 
C 
K 
N 
O 
S 
# 
loop_
_atom_site.group_PDB 
_atom_site.id 
_atom_site.type_symbol 
_atom_site.label_atom_id 
_atom_site.label_alt_id 
_atom_site.label_comp_id 
_atom_site.label_asym_id 
_atom_site.label_entity_id 
_atom_site.label_seq_id 
_atom_site.pdbx_PDB_ins_code 
_atom_site.Cartn_x 
_atom_site.Cartn_y 
_atom_site.Cartn_z 
_atom_site.occupancy 
_atom_site.B_iso_or_equiv 
_atom_site.pdbx_formal_charge 
_atom_site.auth_seq_id 
_atom_site.auth_comp_id 
_atom_site.auth_asym_id 
_atom_site.auth_atom_id 
_atom_site.pdbx_PDB_model_num 
ATOM   1   N N   . CYS A 1 1  ? 8.362   20.228  -18.782 1.00 69.76  ? 8   CYS A N   1 
ATOM   2   C CA  . CYS A 1 1  ? 7.625   19.443  -17.801 1.00 71.82  ? 8   CYS A CA  1 
ATOM   3   C C   . CYS A 1 1  ? 7.784   17.947  -18.070 1.00 76.82  ? 8   CYS A C   1 
ATOM   4   O O   . CYS A 1 1  ? 7.638   17.487  -19.204 1.00 73.60  ? 8   CYS A O   1 
ATOM   5   C CB  . CYS A 1 1  ? 6.146   19.835  -17.808 1.00 70.32  ? 8   CYS A CB  1 
ATOM   6   S SG  . CYS A 1 1  ? 5.301   19.597  -16.228 1.00 82.44  ? 8   CYS A SG  1 
ATOM   7   N N   . SER A 1 2  ? 8.093   17.194  -17.020 1.00 81.85  ? 9   SER A N   1 
ATOM   8   C CA  . SER A 1 2  ? 8.243   15.750  -17.125 1.00 95.61  ? 9   SER A CA  1 
ATOM   9   C C   . SER A 1 2  ? 6.908   15.048  -16.898 1.00 100.35 ? 9   SER A C   1 
ATOM   10  O O   . SER A 1 2  ? 6.613   14.595  -15.792 1.00 103.74 ? 9   SER A O   1 
ATOM   11  C CB  . SER A 1 2  ? 9.286   15.245  -16.124 1.00 103.97 ? 9   SER A CB  1 
ATOM   12  O OG  . SER A 1 2  ? 8.978   15.667  -14.806 1.00 105.73 ? 9   SER A OG  1 
ATOM   13  N N   . THR A 1 3  ? 6.107   14.964  -17.954 1.00 100.11 ? 10  THR A N   1 
ATOM   14  C CA  . THR A 1 3  ? 4.805   14.312  -17.881 1.00 96.65  ? 10  THR A CA  1 
ATOM   15  C C   . THR A 1 3  ? 4.957   12.799  -17.793 1.00 90.21  ? 10  THR A C   1 
ATOM   16  O O   . THR A 1 3  ? 5.601   12.179  -18.640 1.00 96.56  ? 10  THR A O   1 
ATOM   17  C CB  . THR A 1 3  ? 3.928   14.661  -19.098 1.00 94.92  ? 10  THR A CB  1 
ATOM   18  O OG1 . THR A 1 3  ? 2.828   13.747  -19.178 1.00 94.98  ? 10  THR A OG1 1 
ATOM   19  C CG2 . THR A 1 3  ? 4.743   14.581  -20.381 1.00 95.67  ? 10  THR A CG2 1 
ATOM   20  N N   . VAL A 1 4  ? 4.363   12.209  -16.762 1.00 69.94  ? 11  VAL A N   1 
ATOM   21  C CA  . VAL A 1 4  ? 4.440   10.768  -16.552 1.00 58.16  ? 11  VAL A CA  1 
ATOM   22  C C   . VAL A 1 4  ? 3.424   10.040  -17.431 1.00 55.73  ? 11  VAL A C   1 
ATOM   23  O O   . VAL A 1 4  ? 2.316   10.528  -17.659 1.00 54.16  ? 11  VAL A O   1 
ATOM   24  C CB  . VAL A 1 4  ? 4.207   10.407  -15.066 1.00 55.96  ? 11  VAL A CB  1 
ATOM   25  C CG1 . VAL A 1 4  ? 2.916   11.018  -14.572 1.00 56.81  ? 11  VAL A CG1 1 
ATOM   26  C CG2 . VAL A 1 4  ? 4.190   8.904   -14.862 1.00 57.15  ? 11  VAL A CG2 1 
ATOM   27  N N   . SER A 1 5  ? 3.812   8.879   -17.947 1.00 32.28  ? 12  SER A N   1 
ATOM   28  C CA  . SER A 1 5  ? 2.933   8.105   -18.820 1.00 30.69  ? 12  SER A CA  1 
ATOM   29  C C   . SER A 1 5  ? 1.833   7.430   -18.011 1.00 30.24  ? 12  SER A C   1 
ATOM   30  O O   . SER A 1 5  ? 2.093   6.873   -16.945 1.00 28.85  ? 12  SER A O   1 
ATOM   31  C CB  . SER A 1 5  ? 3.734   7.059   -19.597 1.00 48.65  ? 12  SER A CB  1 
ATOM   32  O OG  . SER A 1 5  ? 3.873   5.864   -18.848 1.00 52.40  ? 12  SER A OG  1 
ATOM   33  N N   . PRO A 1 6  ? 0.602   7.480   -18.513 1.00 25.41  ? 13  PRO A N   1 
ATOM   34  C CA  . PRO A 1 6  ? -0.523  6.878   -17.785 1.00 23.42  ? 13  PRO A CA  1 
ATOM   35  C C   . PRO A 1 6  ? -0.364  5.368   -17.642 1.00 23.59  ? 13  PRO A C   1 
ATOM   36  O O   . PRO A 1 6  ? -0.749  4.806   -16.611 1.00 20.11  ? 13  PRO A O   1 
ATOM   37  C CB  . PRO A 1 6  ? -1.736  7.214   -18.654 1.00 23.98  ? 13  PRO A CB  1 
ATOM   38  C CG  . PRO A 1 6  ? -1.278  8.317   -19.570 1.00 32.01  ? 13  PRO A CG  1 
ATOM   39  C CD  . PRO A 1 6  ? 0.179   8.119   -19.771 1.00 26.94  ? 13  PRO A CD  1 
ATOM   40  N N   . GLY A 1 7  ? 0.194   4.722   -18.665 1.00 23.21  ? 14  GLY A N   1 
ATOM   41  C CA  . GLY A 1 7  ? 0.463   3.293   -18.605 1.00 24.53  ? 14  GLY A CA  1 
ATOM   42  C C   . GLY A 1 7  ? 1.426   2.928   -17.483 1.00 24.59  ? 14  GLY A C   1 
ATOM   43  O O   . GLY A 1 7  ? 1.206   1.967   -16.733 1.00 17.62  ? 14  GLY A O   1 
ATOM   44  N N   . VAL A 1 8  ? 2.500   3.701   -17.354 1.00 19.54  ? 15  VAL A N   1 
ATOM   45  C CA  . VAL A 1 8  ? 3.450   3.467   -16.277 1.00 16.78  ? 15  VAL A CA  1 
ATOM   46  C C   . VAL A 1 8  ? 2.787   3.706   -14.921 1.00 16.07  ? 15  VAL A C   1 
ATOM   47  O O   . VAL A 1 8  ? 2.922   2.909   -14.005 1.00 19.33  ? 15  VAL A O   1 
ATOM   48  C CB  . VAL A 1 8  ? 4.700   4.374   -16.417 1.00 20.53  ? 15  VAL A CB  1 
ATOM   49  C CG1 . VAL A 1 8  ? 5.485   4.413   -15.127 1.00 20.09  ? 15  VAL A CG1 1 
ATOM   50  C CG2 . VAL A 1 8  ? 5.578   3.901   -17.585 1.00 21.60  ? 15  VAL A CG2 1 
ATOM   51  N N   . LEU A 1 9  ? 2.061   4.812   -14.805 1.00 23.85  ? 16  LEU A N   1 
ATOM   52  C CA  . LEU A 1 9  ? 1.388   5.142   -13.554 1.00 22.73  ? 16  LEU A CA  1 
ATOM   53  C C   . LEU A 1 9  ? 0.394   4.050   -13.151 1.00 16.45  ? 16  LEU A C   1 
ATOM   54  O O   . LEU A 1 9  ? 0.370   3.611   -12.009 1.00 16.76  ? 16  LEU A O   1 
ATOM   55  C CB  . LEU A 1 9  ? 0.674   6.484   -13.676 1.00 21.68  ? 16  LEU A CB  1 
ATOM   56  C CG  . LEU A 1 9  ? -0.144  6.859   -12.443 1.00 24.33  ? 16  LEU A CG  1 
ATOM   57  C CD1 . LEU A 1 9  ? 0.789   7.050   -11.262 1.00 25.75  ? 16  LEU A CD1 1 
ATOM   58  C CD2 . LEU A 1 9  ? -0.960  8.105   -12.702 1.00 22.59  ? 16  LEU A CD2 1 
ATOM   59  N N   . ALA A 1 10 ? -0.423  3.611   -14.094 1.00 18.16  ? 17  ALA A N   1 
ATOM   60  C CA  . ALA A 1 10 ? -1.362  2.523   -13.832 1.00 18.98  ? 17  ALA A CA  1 
ATOM   61  C C   . ALA A 1 10 ? -0.632  1.270   -13.375 1.00 19.82  ? 17  ALA A C   1 
ATOM   62  O O   . ALA A 1 10 ? -1.033  0.632   -12.389 1.00 18.74  ? 17  ALA A O   1 
ATOM   63  C CB  . ALA A 1 10 ? -2.195  2.227   -15.071 1.00 18.46  ? 17  ALA A CB  1 
ATOM   64  N N   . GLY A 1 11 ? 0.438   0.920   -14.086 1.00 15.37  ? 18  GLY A N   1 
ATOM   65  C CA  . GLY A 1 11 ? 1.255   -0.224  -13.732 1.00 22.41  ? 18  GLY A CA  1 
ATOM   66  C C   . GLY A 1 11 ? 1.789   -0.152  -12.314 1.00 22.87  ? 18  GLY A C   1 
ATOM   67  O O   . GLY A 1 11 ? 1.721   -1.124  -11.569 1.00 17.01  ? 18  GLY A O   1 
ATOM   68  N N   . ILE A 1 12 ? 2.304   1.008   -11.933 1.00 13.56  ? 19  ILE A N   1 
ATOM   69  C CA  . ILE A 1 12 ? 2.912   1.170   -10.621 1.00 18.78  ? 19  ILE A CA  1 
ATOM   70  C C   . ILE A 1 12 ? 1.863   1.104   -9.510  1.00 19.13  ? 19  ILE A C   1 
ATOM   71  O O   . ILE A 1 12 ? 2.118   0.539   -8.446  1.00 19.94  ? 19  ILE A O   1 
ATOM   72  C CB  . ILE A 1 12 ? 3.711   2.485   -10.540 1.00 17.32  ? 19  ILE A CB  1 
ATOM   73  C CG1 . ILE A 1 12 ? 4.899   2.405   -11.496 1.00 18.59  ? 19  ILE A CG1 1 
ATOM   74  C CG2 . ILE A 1 12 ? 4.191   2.767   -9.116  1.00 21.54  ? 19  ILE A CG2 1 
ATOM   75  C CD1 . ILE A 1 12 ? 5.769   3.654   -11.529 1.00 17.72  ? 19  ILE A CD1 1 
ATOM   76  N N   . VAL A 1 13 ? 0.680   1.655   -9.754  1.00 21.46  ? 20  VAL A N   1 
ATOM   77  C CA  . VAL A 1 13 ? -0.364  1.606   -8.736  1.00 14.60  ? 20  VAL A CA  1 
ATOM   78  C C   . VAL A 1 13 ? -0.786  0.165   -8.459  1.00 17.80  ? 20  VAL A C   1 
ATOM   79  O O   . VAL A 1 13 ? -0.945  -0.243  -7.299  1.00 17.53  ? 20  VAL A O   1 
ATOM   80  C CB  . VAL A 1 13 ? -1.595  2.425   -9.148  1.00 17.23  ? 20  VAL A CB  1 
ATOM   81  C CG1 . VAL A 1 13 ? -2.749  2.134   -8.189  1.00 19.43  ? 20  VAL A CG1 1 
ATOM   82  C CG2 . VAL A 1 13 ? -1.254  3.910   -9.143  1.00 24.16  ? 20  VAL A CG2 1 
ATOM   83  N N   . VAL A 1 14 ? -0.972  -0.592  -9.535  1.00 15.56  ? 21  VAL A N   1 
ATOM   84  C CA  . VAL A 1 14 ? -1.370  -1.982  -9.421  1.00 17.89  ? 21  VAL A CA  1 
ATOM   85  C C   . VAL A 1 14 ? -0.238  -2.721  -8.747  1.00 18.76  ? 21  VAL A C   1 
ATOM   86  O O   . VAL A 1 14 ? -0.474  -3.537  -7.870  1.00 17.60  ? 21  VAL A O   1 
ATOM   87  C CB  . VAL A 1 14 ? -1.687  -2.608  -10.798 1.00 16.60  ? 21  VAL A CB  1 
ATOM   88  C CG1 . VAL A 1 14 ? -1.856  -4.118  -10.683 1.00 22.82  ? 21  VAL A CG1 1 
ATOM   89  C CG2 . VAL A 1 14 ? -2.939  -1.972  -11.376 1.00 19.59  ? 21  VAL A CG2 1 
ATOM   90  N N   . GLY A 1 15 ? 0.989   -2.396  -9.144  1.00 16.39  ? 22  GLY A N   1 
ATOM   91  C CA  . GLY A 1 15 ? 2.178   -2.964  -8.521  1.00 14.79  ? 22  GLY A CA  1 
ATOM   92  C C   . GLY A 1 15 ? 2.191   -2.757  -7.015  1.00 18.51  ? 22  GLY A C   1 
ATOM   93  O O   . GLY A 1 15 ? 2.418   -3.686  -6.239  1.00 15.10  ? 22  GLY A O   1 
ATOM   94  N N   . ASP A 1 16 ? 1.921   -1.531  -6.594  1.00 17.14  ? 23  ASP A N   1 
ATOM   95  C CA  . ASP A 1 16 ? 1.793   -1.271  -5.170  1.00 12.05  ? 23  ASP A CA  1 
ATOM   96  C C   . ASP A 1 16 ? 0.715   -2.131  -4.503  1.00 18.93  ? 23  ASP A C   1 
ATOM   97  O O   . ASP A 1 16 ? 0.924   -2.658  -3.406  1.00 21.44  ? 23  ASP A O   1 
ATOM   98  C CB  . ASP A 1 16 ? 1.475   0.192   -4.911  1.00 17.29  ? 23  ASP A CB  1 
ATOM   99  C CG  . ASP A 1 16 ? 1.037   0.406   -3.482  1.00 24.78  ? 23  ASP A CG  1 
ATOM   100 O OD1 . ASP A 1 16 ? -0.177  0.425   -3.204  1.00 26.84  ? 23  ASP A OD1 1 
ATOM   101 O OD2 . ASP A 1 16 ? 1.917   0.449   -2.619  1.00 27.98  ? 23  ASP A OD2 1 
ATOM   102 N N   . LEU A 1 17 ? -0.441  -2.266  -5.153  1.00 14.30  ? 24  LEU A N   1 
ATOM   103 C CA  . LEU A 1 17 ? -1.540  -3.029  -4.576  1.00 18.68  ? 24  LEU A CA  1 
ATOM   104 C C   . LEU A 1 17 ? -1.175  -4.503  -4.467  1.00 21.45  ? 24  LEU A C   1 
ATOM   105 O O   . LEU A 1 17 ? -1.455  -5.146  -3.457  1.00 16.40  ? 24  LEU A O   1 
ATOM   106 C CB  . LEU A 1 17 ? -2.816  -2.835  -5.395  1.00 19.53  ? 24  LEU A CB  1 
ATOM   107 C CG  . LEU A 1 17 ? -3.296  -1.382  -5.317  1.00 16.59  ? 24  LEU A CG  1 
ATOM   108 C CD1 . LEU A 1 17 ? -4.502  -1.131  -6.238  1.00 18.49  ? 24  LEU A CD1 1 
ATOM   109 C CD2 . LEU A 1 17 ? -3.602  -1.005  -3.853  1.00 22.03  ? 24  LEU A CD2 1 
ATOM   110 N N   . VAL A 1 18 ? -0.527  -5.042  -5.492  1.00 15.11  ? 25  VAL A N   1 
ATOM   111 C CA  . VAL A 1 18 ? -0.090  -6.424  -5.418  1.00 13.60  ? 25  VAL A CA  1 
ATOM   112 C C   . VAL A 1 18 ? 0.935   -6.624  -4.290  1.00 17.77  ? 25  VAL A C   1 
ATOM   113 O O   . VAL A 1 18 ? 0.842   -7.592  -3.517  1.00 17.65  ? 25  VAL A O   1 
ATOM   114 C CB  . VAL A 1 18 ? 0.502   -6.892  -6.761  1.00 17.71  ? 25  VAL A CB  1 
ATOM   115 C CG1 . VAL A 1 18 ? 1.209   -8.239  -6.595  1.00 18.99  ? 25  VAL A CG1 1 
ATOM   116 C CG2 . VAL A 1 18 ? -0.605  -6.982  -7.816  1.00 17.34  ? 25  VAL A CG2 1 
ATOM   117 N N   . LEU A 1 19 ? 1.901   -5.714  -4.182  1.00 15.83  ? 26  LEU A N   1 
ATOM   118 C CA  . LEU A 1 19 ? 2.904   -5.792  -3.114  1.00 13.89  ? 26  LEU A CA  1 
ATOM   119 C C   . LEU A 1 19 ? 2.228   -5.718  -1.746  1.00 14.48  ? 26  LEU A C   1 
ATOM   120 O O   . LEU A 1 19 ? 2.681   -6.331  -0.771  1.00 14.64  ? 26  LEU A O   1 
ATOM   121 C CB  . LEU A 1 19 ? 3.930   -4.657  -3.227  1.00 14.62  ? 26  LEU A CB  1 
ATOM   122 C CG  . LEU A 1 19 ? 5.012   -4.594  -2.138  1.00 13.90  ? 26  LEU A CG  1 
ATOM   123 C CD1 . LEU A 1 19 ? 5.887   -5.826  -2.195  1.00 15.69  ? 26  LEU A CD1 1 
ATOM   124 C CD2 . LEU A 1 19 ? 5.886   -3.354  -2.258  1.00 16.62  ? 26  LEU A CD2 1 
ATOM   125 N N   . THR A 1 20 ? 1.163   -4.931  -1.678  1.00 15.85  ? 27  THR A N   1 
ATOM   126 C CA  . THR A 1 20 ? 0.431   -4.754  -0.431  1.00 17.84  ? 27  THR A CA  1 
ATOM   127 C C   . THR A 1 20 ? -0.215  -6.070  -0.034  1.00 16.34  ? 27  THR A C   1 
ATOM   128 O O   . THR A 1 20 ? -0.118  -6.478  1.115   1.00 16.23  ? 27  THR A O   1 
ATOM   129 C CB  . THR A 1 20 ? -0.638  -3.641  -0.544  1.00 13.58  ? 27  THR A CB  1 
ATOM   130 O OG1 . THR A 1 20 ? 0.007   -2.389  -0.806  1.00 20.75  ? 27  THR A OG1 1 
ATOM   131 C CG2 . THR A 1 20 ? -1.428  -3.538  0.747   1.00 13.99  ? 27  THR A CG2 1 
ATOM   132 N N   . VAL A 1 21 ? -0.869  -6.733  -0.988  1.00 17.19  ? 28  VAL A N   1 
ATOM   133 C CA  . VAL A 1 21 ? -1.374  -8.083  -0.770  1.00 15.03  ? 28  VAL A CA  1 
ATOM   134 C C   . VAL A 1 21 ? -0.267  -9.007  -0.267  1.00 20.43  ? 28  VAL A C   1 
ATOM   135 O O   . VAL A 1 21 ? -0.448  -9.728  0.716   1.00 17.42  ? 28  VAL A O   1 
ATOM   136 C CB  . VAL A 1 21 ? -1.984  -8.695  -2.064  1.00 20.94  ? 28  VAL A CB  1 
ATOM   137 C CG1 . VAL A 1 21 ? -2.407  -10.134 -1.824  1.00 18.10  ? 28  VAL A CG1 1 
ATOM   138 C CG2 . VAL A 1 21 ? -3.169  -7.869  -2.560  1.00 18.29  ? 28  VAL A CG2 1 
ATOM   139 N N   . LEU A 1 22 ? 0.881   -8.982  -0.938  1.00 15.68  ? 29  LEU A N   1 
ATOM   140 C CA  . LEU A 1 22 ? 2.001   -9.853  -0.570  1.00 14.05  ? 29  LEU A CA  1 
ATOM   141 C C   . LEU A 1 22 ? 2.504   -9.576  0.838   1.00 11.25  ? 29  LEU A C   1 
ATOM   142 O O   . LEU A 1 22 ? 2.830   -10.493 1.588   1.00 15.83  ? 29  LEU A O   1 
ATOM   143 C CB  . LEU A 1 22 ? 3.153   -9.697  -1.581  1.00 13.29  ? 29  LEU A CB  1 
ATOM   144 C CG  . LEU A 1 22 ? 2.858   -10.403 -2.910  1.00 17.34  ? 29  LEU A CG  1 
ATOM   145 C CD1 . LEU A 1 22 ? 3.902   -10.049 -3.963  1.00 18.06  ? 29  LEU A CD1 1 
ATOM   146 C CD2 . LEU A 1 22 ? 2.799   -11.905 -2.701  1.00 16.21  ? 29  LEU A CD2 1 
ATOM   147 N N   . ILE A 1 23 ? 2.578   -8.302  1.205   1.00 15.78  ? 30  ILE A N   1 
ATOM   148 C CA  . ILE A 1 23 ? 3.013   -7.953  2.551   1.00 18.00  ? 30  ILE A CA  1 
ATOM   149 C C   . ILE A 1 23 ? 2.025   -8.495  3.588   1.00 15.82  ? 30  ILE A C   1 
ATOM   150 O O   . ILE A 1 23 ? 2.432   -9.094  4.587   1.00 15.43  ? 30  ILE A O   1 
ATOM   151 C CB  . ILE A 1 23 ? 3.189   -6.438  2.690   1.00 13.41  ? 30  ILE A CB  1 
ATOM   152 C CG1 . ILE A 1 23 ? 4.452   -6.009  1.935   1.00 14.41  ? 30  ILE A CG1 1 
ATOM   153 C CG2 . ILE A 1 23 ? 3.341   -6.048  4.162   1.00 16.89  ? 30  ILE A CG2 1 
ATOM   154 C CD1 . ILE A 1 23 ? 4.553   -4.538  1.705   1.00 16.62  ? 30  ILE A CD1 1 
ATOM   155 N N   . ALA A 1 24 ? 0.732   -8.322  3.332   1.00 15.01  ? 31  ALA A N   1 
ATOM   156 C CA  . ALA A 1 24 ? -0.292  -8.842  4.244   1.00 18.87  ? 31  ALA A CA  1 
ATOM   157 C C   . ALA A 1 24 ? -0.227  -10.371 4.348   1.00 18.67  ? 31  ALA A C   1 
ATOM   158 O O   . ALA A 1 24 ? -0.353  -10.933 5.445   1.00 15.77  ? 31  ALA A O   1 
ATOM   159 C CB  . ALA A 1 24 ? -1.664  -8.397  3.806   1.00 19.89  ? 31  ALA A CB  1 
ATOM   160 N N   . LEU A 1 25 ? -0.012  -11.041 3.218   1.00 19.52  ? 32  LEU A N   1 
ATOM   161 C CA  . LEU A 1 25 ? 0.133   -12.496 3.223   1.00 20.38  ? 32  LEU A CA  1 
ATOM   162 C C   . LEU A 1 25 ? 1.356   -12.916 4.005   1.00 14.91  ? 32  LEU A C   1 
ATOM   163 O O   . LEU A 1 25 ? 1.293   -13.883 4.758   1.00 18.32  ? 32  LEU A O   1 
ATOM   164 C CB  . LEU A 1 25 ? 0.227   -13.062 1.801   1.00 11.99  ? 32  LEU A CB  1 
ATOM   165 C CG  . LEU A 1 25 ? -1.075  -13.034 1.012   1.00 19.87  ? 32  LEU A CG  1 
ATOM   166 C CD1 . LEU A 1 25 ? -0.740  -13.265 -0.438  1.00 18.73  ? 32  LEU A CD1 1 
ATOM   167 C CD2 . LEU A 1 25 ? -2.064  -14.070 1.519   1.00 16.75  ? 32  LEU A CD2 1 
ATOM   168 N N   . ALA A 1 26 ? 2.465   -12.192 3.833   1.00 14.07  ? 33  ALA A N   1 
ATOM   169 C CA  . ALA A 1 26 ? 3.687   -12.548 4.539   1.00 14.66  ? 33  ALA A CA  1 
ATOM   170 C C   . ALA A 1 26 ? 3.459   -12.458 6.038   1.00 15.26  ? 33  ALA A C   1 
ATOM   171 O O   . ALA A 1 26 ? 3.852   -13.355 6.773   1.00 15.47  ? 33  ALA A O   1 
ATOM   172 C CB  . ALA A 1 26 ? 4.854   -11.657 4.129   1.00 14.40  ? 33  ALA A CB  1 
ATOM   173 N N   . VAL A 1 27 ? 2.826   -11.371 6.486   1.00 14.93  ? 34  VAL A N   1 
ATOM   174 C CA  . VAL A 1 27 ? 2.526   -11.187 7.906   1.00 20.03  ? 34  VAL A CA  1 
ATOM   175 C C   . VAL A 1 27 ? 1.663   -12.330 8.393   1.00 20.53  ? 34  VAL A C   1 
ATOM   176 O O   . VAL A 1 27 ? 1.965   -12.955 9.409   1.00 17.26  ? 34  VAL A O   1 
ATOM   177 C CB  . VAL A 1 27 ? 1.798   -9.849  8.186   1.00 18.21  ? 34  VAL A CB  1 
ATOM   178 C CG1 . VAL A 1 27 ? 1.235   -9.819  9.610   1.00 15.43  ? 34  VAL A CG1 1 
ATOM   179 C CG2 . VAL A 1 27 ? 2.742   -8.686  7.990   1.00 14.95  ? 34  VAL A CG2 1 
ATOM   180 N N   . TYR A 1 28 ? 0.595   -12.608 7.647   1.00 15.52  ? 35  TYR A N   1 
ATOM   181 C CA  . TYR A 1 28 ? -0.302  -13.709 7.988   1.00 19.53  ? 35  TYR A CA  1 
ATOM   182 C C   . TYR A 1 28 ? 0.423   -15.053 8.138   1.00 19.46  ? 35  TYR A C   1 
ATOM   183 O O   . TYR A 1 28 ? 0.282   -15.726 9.159   1.00 20.55  ? 35  TYR A O   1 
ATOM   184 C CB  . TYR A 1 28 ? -1.399  -13.851 6.938   1.00 17.19  ? 35  TYR A CB  1 
ATOM   185 C CG  . TYR A 1 28 ? -2.217  -15.105 7.162   1.00 19.31  ? 35  TYR A CG  1 
ATOM   186 C CD1 . TYR A 1 28 ? -3.146  -15.181 8.200   1.00 20.21  ? 35  TYR A CD1 1 
ATOM   187 C CD2 . TYR A 1 28 ? -2.032  -16.225 6.367   1.00 16.99  ? 35  TYR A CD2 1 
ATOM   188 C CE1 . TYR A 1 28 ? -3.882  -16.338 8.424   1.00 23.13  ? 35  TYR A CE1 1 
ATOM   189 C CE2 . TYR A 1 28 ? -2.748  -17.377 6.588   1.00 22.52  ? 35  TYR A CE2 1 
ATOM   190 C CZ  . TYR A 1 28 ? -3.676  -17.433 7.612   1.00 22.76  ? 35  TYR A CZ  1 
ATOM   191 O OH  . TYR A 1 28 ? -4.396  -18.584 7.803   1.00 30.19  ? 35  TYR A OH  1 
ATOM   192 N N   . PHE A 1 29 ? 1.179   -15.449 7.115   1.00 16.75  ? 36  PHE A N   1 
ATOM   193 C CA  . PHE A 1 29 ? 1.828   -16.753 7.101   1.00 20.86  ? 36  PHE A CA  1 
ATOM   194 C C   . PHE A 1 29 ? 2.911   -16.881 8.172   1.00 20.11  ? 36  PHE A C   1 
ATOM   195 O O   . PHE A 1 29 ? 3.044   -17.924 8.807   1.00 22.80  ? 36  PHE A O   1 
ATOM   196 C CB  . PHE A 1 29 ? 2.433   -17.048 5.724   1.00 15.61  ? 36  PHE A CB  1 
ATOM   197 C CG  . PHE A 1 29 ? 1.423   -17.440 4.680   1.00 17.04  ? 36  PHE A CG  1 
ATOM   198 C CD1 . PHE A 1 29 ? 0.653   -18.580 4.835   1.00 20.99  ? 36  PHE A CD1 1 
ATOM   199 C CD2 . PHE A 1 29 ? 1.265   -16.685 3.531   1.00 21.30  ? 36  PHE A CD2 1 
ATOM   200 C CE1 . PHE A 1 29 ? -0.273  -18.953 3.877   1.00 18.68  ? 36  PHE A CE1 1 
ATOM   201 C CE2 . PHE A 1 29 ? 0.337   -17.044 2.566   1.00 28.27  ? 36  PHE A CE2 1 
ATOM   202 C CZ  . PHE A 1 29 ? -0.434  -18.189 2.738   1.00 23.95  ? 36  PHE A CZ  1 
ATOM   203 N N   . LEU A 1 30 ? 3.698   -15.828 8.367   1.00 20.46  ? 37  LEU A N   1 
ATOM   204 C CA  . LEU A 1 30 ? 4.774   -15.890 9.358   1.00 20.81  ? 37  LEU A CA  1 
ATOM   205 C C   . LEU A 1 30 ? 4.190   -15.761 10.755  1.00 24.86  ? 37  LEU A C   1 
ATOM   206 O O   . LEU A 1 30 ? 4.697   -16.337 11.722  1.00 26.24  ? 37  LEU A O   1 
ATOM   207 C CB  . LEU A 1 30 ? 5.814   -14.801 9.090   1.00 21.28  ? 37  LEU A CB  1 
ATOM   208 C CG  . LEU A 1 30 ? 6.466   -14.950 7.715   1.00 21.79  ? 37  LEU A CG  1 
ATOM   209 C CD1 . LEU A 1 30 ? 7.221   -13.694 7.315   1.00 22.31  ? 37  LEU A CD1 1 
ATOM   210 C CD2 . LEU A 1 30 ? 7.379   -16.158 7.666   1.00 25.17  ? 37  LEU A CD2 1 
ATOM   211 N N   . GLY A 1 31 ? 3.098   -15.014 10.850  1.00 21.93  ? 38  GLY A N   1 
ATOM   212 C CA  . GLY A 1 31 ? 2.438   -14.810 12.125  1.00 24.22  ? 38  GLY A CA  1 
ATOM   213 C C   . GLY A 1 31 ? 1.855   -16.080 12.721  1.00 27.29  ? 38  GLY A C   1 
ATOM   214 O O   . GLY A 1 31 ? 1.738   -16.191 13.936  1.00 33.64  ? 38  GLY A O   1 
ATOM   215 N N   . ARG A 1 32 ? 1.492   -17.044 11.879  1.00 27.08  ? 39  ARG A N   1 
ATOM   216 C CA  . ARG A 1 32 ? 0.815   -18.241 12.375  1.00 35.53  ? 39  ARG A CA  1 
ATOM   217 C C   . ARG A 1 32 ? 1.755   -19.431 12.574  1.00 31.52  ? 39  ARG A C   1 
ATOM   218 O O   . ARG A 1 32 ? 1.306   -20.536 12.876  1.00 44.37  ? 39  ARG A O   1 
ATOM   219 C CB  . ARG A 1 32 ? -0.334  -18.634 11.435  1.00 39.81  ? 39  ARG A CB  1 
ATOM   220 C CG  . ARG A 1 32 ? 0.093   -18.989 10.025  1.00 43.83  ? 39  ARG A CG  1 
ATOM   221 C CD  . ARG A 1 32 ? -1.099  -19.369 9.154   1.00 46.12  ? 39  ARG A CD  1 
ATOM   222 N NE  . ARG A 1 32 ? -1.783  -20.573 9.622   1.00 63.45  ? 39  ARG A NE  1 
ATOM   223 C CZ  . ARG A 1 32 ? -3.003  -20.589 10.150  1.00 72.11  ? 39  ARG A CZ  1 
ATOM   224 N NH1 . ARG A 1 32 ? -3.688  -19.460 10.278  1.00 74.34  ? 39  ARG A NH1 1 
ATOM   225 N NH2 . ARG A 1 32 ? -3.544  -21.735 10.545  1.00 72.71  ? 39  ARG A NH2 1 
ATOM   226 N N   . LEU A 1 33 ? 3.056   -19.202 12.431  1.00 30.37  ? 40  LEU A N   1 
ATOM   227 C CA  . LEU A 1 33 ? 4.041   -20.267 12.612  1.00 36.55  ? 40  LEU A CA  1 
ATOM   228 C C   . LEU A 1 33 ? 4.303   -20.574 14.088  1.00 53.51  ? 40  LEU A C   1 
ATOM   229 O O   . LEU A 1 33 ? 4.386   -19.671 14.920  1.00 48.87  ? 40  LEU A O   1 
ATOM   230 C CB  . LEU A 1 33 ? 5.355   -19.896 11.921  1.00 32.52  ? 40  LEU A CB  1 
ATOM   231 C CG  . LEU A 1 33 ? 5.310   -19.793 10.398  1.00 33.09  ? 40  LEU A CG  1 
ATOM   232 C CD1 . LEU A 1 33 ? 6.641   -19.287 9.877   1.00 22.19  ? 40  LEU A CD1 1 
ATOM   233 C CD2 . LEU A 1 33 ? 4.974   -21.139 9.783   1.00 34.52  ? 40  LEU A CD2 1 
ATOM   234 O OXT . LEU A 1 33 ? 4.449   -21.735 14.484  1.00 53.46  ? 40  LEU A OXT 1 
ATOM   235 S SG  . CYS B 1 1  ? 6.054   20.761  -14.741 1.00 91.22  ? 8   CYS B SG  1 
ATOM   236 N N   . VAL B 1 4  ? 4.748   17.522  -10.291 1.00 105.53 ? 11  VAL B N   1 
ATOM   237 C CA  . VAL B 1 4  ? 5.334   17.191  -8.997  1.00 97.31  ? 11  VAL B CA  1 
ATOM   238 C C   . VAL B 1 4  ? 6.808   16.804  -9.168  1.00 88.10  ? 11  VAL B C   1 
ATOM   239 O O   . VAL B 1 4  ? 7.206   16.302  -10.221 1.00 98.40  ? 11  VAL B O   1 
ATOM   240 C CB  . VAL B 1 4  ? 4.549   16.051  -8.299  1.00 93.94  ? 11  VAL B CB  1 
ATOM   241 C CG1 . VAL B 1 4  ? 4.867   14.704  -8.926  1.00 92.39  ? 11  VAL B CG1 1 
ATOM   242 C CG2 . VAL B 1 4  ? 4.841   16.029  -6.813  1.00 89.59  ? 11  VAL B CG2 1 
ATOM   243 N N   . SER B 1 5  ? 7.616   17.052  -8.140  1.00 66.79  ? 12  SER B N   1 
ATOM   244 C CA  . SER B 1 5  ? 9.060   16.838  -8.224  1.00 58.19  ? 12  SER B CA  1 
ATOM   245 C C   . SER B 1 5  ? 9.469   15.406  -7.876  1.00 57.39  ? 12  SER B C   1 
ATOM   246 O O   . SER B 1 5  ? 8.794   14.743  -7.090  1.00 38.55  ? 12  SER B O   1 
ATOM   247 C CB  . SER B 1 5  ? 9.793   17.818  -7.303  1.00 46.78  ? 12  SER B CB  1 
ATOM   248 O OG  . SER B 1 5  ? 9.837   17.326  -5.974  1.00 48.85  ? 12  SER B OG  1 
ATOM   249 N N   . PRO B 1 6  ? 10.585  14.928  -8.457  1.00 44.79  ? 13  PRO B N   1 
ATOM   250 C CA  . PRO B 1 6  ? 11.161  13.617  -8.122  1.00 48.29  ? 13  PRO B CA  1 
ATOM   251 C C   . PRO B 1 6  ? 11.568  13.506  -6.650  1.00 44.03  ? 13  PRO B C   1 
ATOM   252 O O   . PRO B 1 6  ? 11.590  12.404  -6.097  1.00 36.84  ? 13  PRO B O   1 
ATOM   253 C CB  . PRO B 1 6  ? 12.390  13.519  -9.038  1.00 49.32  ? 13  PRO B CB  1 
ATOM   254 C CG  . PRO B 1 6  ? 12.682  14.924  -9.454  1.00 46.91  ? 13  PRO B CG  1 
ATOM   255 C CD  . PRO B 1 6  ? 11.353  15.603  -9.521  1.00 47.87  ? 13  PRO B CD  1 
ATOM   256 N N   . GLY B 1 7  ? 11.883  14.641  -6.029  1.00 41.58  ? 14  GLY B N   1 
ATOM   257 C CA  . GLY B 1 7  ? 12.148  14.686  -4.601  1.00 38.60  ? 14  GLY B CA  1 
ATOM   258 C C   . GLY B 1 7  ? 10.909  14.338  -3.786  1.00 35.10  ? 14  GLY B C   1 
ATOM   259 O O   . GLY B 1 7  ? 10.984  13.592  -2.805  1.00 26.80  ? 14  GLY B O   1 
ATOM   260 N N   . VAL B 1 8  ? 9.763   14.881  -4.190  1.00 33.38  ? 15  VAL B N   1 
ATOM   261 C CA  . VAL B 1 8  ? 8.499   14.518  -3.557  1.00 25.42  ? 15  VAL B CA  1 
ATOM   262 C C   . VAL B 1 8  ? 8.201   13.043  -3.818  1.00 26.40  ? 15  VAL B C   1 
ATOM   263 O O   . VAL B 1 8  ? 7.785   12.306  -2.919  1.00 24.47  ? 15  VAL B O   1 
ATOM   264 C CB  . VAL B 1 8  ? 7.328   15.379  -4.072  1.00 30.15  ? 15  VAL B CB  1 
ATOM   265 C CG1 . VAL B 1 8  ? 5.994   14.730  -3.714  1.00 22.51  ? 15  VAL B CG1 1 
ATOM   266 C CG2 . VAL B 1 8  ? 7.411   16.803  -3.513  1.00 23.07  ? 15  VAL B CG2 1 
ATOM   267 N N   . LEU B 1 9  ? 8.419   12.611  -5.053  1.00 25.84  ? 16  LEU B N   1 
ATOM   268 C CA  . LEU B 1 9  ? 8.061   11.247  -5.428  1.00 19.32  ? 16  LEU B CA  1 
ATOM   269 C C   . LEU B 1 9  ? 8.910   10.206  -4.719  1.00 25.56  ? 16  LEU B C   1 
ATOM   270 O O   . LEU B 1 9  ? 8.419   9.122   -4.399  1.00 21.98  ? 16  LEU B O   1 
ATOM   271 C CB  . LEU B 1 9  ? 8.164   11.063  -6.935  1.00 31.67  ? 16  LEU B CB  1 
ATOM   272 C CG  . LEU B 1 9  ? 7.022   11.693  -7.731  1.00 44.35  ? 16  LEU B CG  1 
ATOM   273 C CD1 . LEU B 1 9  ? 7.209   11.447  -9.218  1.00 52.32  ? 16  LEU B CD1 1 
ATOM   274 C CD2 . LEU B 1 9  ? 5.681   11.153  -7.259  1.00 41.10  ? 16  LEU B CD2 1 
ATOM   275 N N   . ALA B 1 10 ? 10.177  10.534  -4.477  1.00 27.95  ? 17  ALA B N   1 
ATOM   276 C CA  . ALA B 1 10 ? 11.057  9.661   -3.712  1.00 20.83  ? 17  ALA B CA  1 
ATOM   277 C C   . ALA B 1 10 ? 10.513  9.481   -2.298  1.00 21.34  ? 17  ALA B C   1 
ATOM   278 O O   . ALA B 1 10 ? 10.488  8.369   -1.781  1.00 23.01  ? 17  ALA B O   1 
ATOM   279 C CB  . ALA B 1 10 ? 12.475  10.220  -3.677  1.00 26.87  ? 17  ALA B CB  1 
ATOM   280 N N   . GLY B 1 11 ? 10.069  10.580  -1.686  1.00 21.10  ? 18  GLY B N   1 
ATOM   281 C CA  . GLY B 1 11 ? 9.411   10.518  -0.392  1.00 20.02  ? 18  GLY B CA  1 
ATOM   282 C C   . GLY B 1 11 ? 8.134   9.691   -0.426  1.00 22.59  ? 18  GLY B C   1 
ATOM   283 O O   . GLY B 1 11 ? 7.893   8.878   0.467   1.00 21.24  ? 18  GLY B O   1 
ATOM   284 N N   . ILE B 1 12 ? 7.313   9.895   -1.458  1.00 17.33  ? 19  ILE B N   1 
ATOM   285 C CA  . ILE B 1 12 ? 6.049   9.174   -1.580  1.00 16.79  ? 19  ILE B CA  1 
ATOM   286 C C   . ILE B 1 12 ? 6.253   7.666   -1.710  1.00 16.24  ? 19  ILE B C   1 
ATOM   287 O O   . ILE B 1 12 ? 5.619   6.882   -1.007  1.00 18.44  ? 19  ILE B O   1 
ATOM   288 C CB  . ILE B 1 12 ? 5.232   9.688   -2.789  1.00 19.13  ? 19  ILE B CB  1 
ATOM   289 C CG1 . ILE B 1 12 ? 4.699   11.099  -2.505  1.00 23.52  ? 19  ILE B CG1 1 
ATOM   290 C CG2 . ILE B 1 12 ? 4.070   8.738   -3.113  1.00 19.99  ? 19  ILE B CG2 1 
ATOM   291 C CD1 . ILE B 1 12 ? 3.799   11.186  -1.298  1.00 27.89  ? 19  ILE B CD1 1 
ATOM   292 N N   . VAL B 1 13 ? 7.153   7.270   -2.600  1.00 17.11  ? 20  VAL B N   1 
ATOM   293 C CA  . VAL B 1 13 ? 7.389   5.853   -2.856  1.00 15.88  ? 20  VAL B CA  1 
ATOM   294 C C   . VAL B 1 13 ? 7.963   5.158   -1.623  1.00 17.63  ? 20  VAL B C   1 
ATOM   295 O O   . VAL B 1 13 ? 7.404   4.167   -1.167  1.00 14.95  ? 20  VAL B O   1 
ATOM   296 C CB  . VAL B 1 13 ? 8.331   5.651   -4.059  1.00 17.39  ? 20  VAL B CB  1 
ATOM   297 C CG1 . VAL B 1 13 ? 8.753   4.194   -4.163  1.00 20.87  ? 20  VAL B CG1 1 
ATOM   298 C CG2 . VAL B 1 13 ? 7.635   6.090   -5.318  1.00 20.40  ? 20  VAL B CG2 1 
ATOM   299 N N   . VAL B 1 14 ? 9.066   5.682   -1.086  1.00 16.01  ? 21  VAL B N   1 
ATOM   300 C CA  . VAL B 1 14 ? 9.646   5.129   0.137   1.00 17.43  ? 21  VAL B CA  1 
ATOM   301 C C   . VAL B 1 14 ? 8.628   5.189   1.284   1.00 18.73  ? 21  VAL B C   1 
ATOM   302 O O   . VAL B 1 14 ? 8.472   4.222   2.032   1.00 17.93  ? 21  VAL B O   1 
ATOM   303 C CB  . VAL B 1 14 ? 10.946  5.857   0.535   1.00 17.07  ? 21  VAL B CB  1 
ATOM   304 C CG1 . VAL B 1 14 ? 11.474  5.329   1.861   1.00 28.52  ? 21  VAL B CG1 1 
ATOM   305 C CG2 . VAL B 1 14 ? 12.018  5.679   -0.552  1.00 15.18  ? 21  VAL B CG2 1 
ATOM   306 N N   . GLY B 1 15 ? 7.930   6.315   1.413   1.00 14.23  ? 22  GLY B N   1 
ATOM   307 C CA  . GLY B 1 15 ? 6.876   6.454   2.417   1.00 21.11  ? 22  GLY B CA  1 
ATOM   308 C C   . GLY B 1 15 ? 5.812   5.377   2.254   1.00 19.57  ? 22  GLY B C   1 
ATOM   309 O O   . GLY B 1 15 ? 5.357   4.764   3.214   1.00 14.50  ? 22  GLY B O   1 
ATOM   310 N N   . ASP B 1 16 ? 5.434   5.116   1.017   1.00 18.49  ? 23  ASP B N   1 
ATOM   311 C CA  . ASP B 1 16 ? 4.464   4.070   0.752   1.00 14.68  ? 23  ASP B CA  1 
ATOM   312 C C   . ASP B 1 16 ? 4.928   2.697   1.259   1.00 17.59  ? 23  ASP B C   1 
ATOM   313 O O   . ASP B 1 16 ? 4.171   1.992   1.910   1.00 16.09  ? 23  ASP B O   1 
ATOM   314 C CB  . ASP B 1 16 ? 4.178   3.991   -0.733  1.00 15.70  ? 23  ASP B CB  1 
ATOM   315 C CG  . ASP B 1 16 ? 3.282   2.843   -1.071  1.00 32.80  ? 23  ASP B CG  1 
ATOM   316 O OD1 . ASP B 1 16 ? 2.197   2.723   -0.448  1.00 20.43  ? 23  ASP B OD1 1 
ATOM   317 O OD2 . ASP B 1 16 ? 3.689   2.051   -1.945  1.00 29.15  ? 23  ASP B OD2 1 
ATOM   318 N N   . LEU B 1 17 ? 6.171   2.330   0.963   1.00 17.95  ? 24  LEU B N   1 
ATOM   319 C CA  . LEU B 1 17 ? 6.716   1.055   1.403   1.00 17.31  ? 24  LEU B CA  1 
ATOM   320 C C   . LEU B 1 17 ? 6.654   0.937   2.928   1.00 18.39  ? 24  LEU B C   1 
ATOM   321 O O   . LEU B 1 17 ? 6.201   -0.071  3.477   1.00 18.87  ? 24  LEU B O   1 
ATOM   322 C CB  . LEU B 1 17 ? 8.160   0.892   0.932   1.00 16.03  ? 24  LEU B CB  1 
ATOM   323 C CG  . LEU B 1 17 ? 8.369   0.977   -0.582  1.00 15.21  ? 24  LEU B CG  1 
ATOM   324 C CD1 . LEU B 1 17 ? 9.853   0.827   -0.940  1.00 16.36  ? 24  LEU B CD1 1 
ATOM   325 C CD2 . LEU B 1 17 ? 7.541   -0.080  -1.280  1.00 19.66  ? 24  LEU B CD2 1 
ATOM   326 N N   . VAL B 1 18 ? 7.117   1.977   3.598   1.00 15.98  ? 25  VAL B N   1 
ATOM   327 C CA  . VAL B 1 18 ? 7.187   1.964   5.048   1.00 19.10  ? 25  VAL B CA  1 
ATOM   328 C C   . VAL B 1 18 ? 5.772   1.874   5.627   1.00 16.82  ? 25  VAL B C   1 
ATOM   329 O O   . VAL B 1 18 ? 5.494   1.039   6.473   1.00 17.13  ? 25  VAL B O   1 
ATOM   330 C CB  . VAL B 1 18 ? 7.913   3.211   5.587   1.00 17.11  ? 25  VAL B CB  1 
ATOM   331 C CG1 . VAL B 1 18 ? 7.791   3.273   7.097   1.00 15.37  ? 25  VAL B CG1 1 
ATOM   332 C CG2 . VAL B 1 18 ? 9.388   3.231   5.140   1.00 10.89  ? 25  VAL B CG2 1 
ATOM   333 N N   . LEU B 1 19 ? 4.869   2.714   5.144   1.00 15.86  ? 26  LEU B N   1 
ATOM   334 C CA  . LEU B 1 19 ? 3.525   2.796   5.733   1.00 13.10  ? 26  LEU B CA  1 
ATOM   335 C C   . LEU B 1 19 ? 2.723   1.534   5.471   1.00 14.64  ? 26  LEU B C   1 
ATOM   336 O O   . LEU B 1 19 ? 1.881   1.138   6.281   1.00 15.64  ? 26  LEU B O   1 
ATOM   337 C CB  . LEU B 1 19 ? 2.792   4.009   5.182   1.00 17.91  ? 26  LEU B CB  1 
ATOM   338 C CG  . LEU B 1 19 ? 2.089   4.907   6.189   1.00 35.05  ? 26  LEU B CG  1 
ATOM   339 C CD1 . LEU B 1 19 ? 3.081   5.322   7.260   1.00 33.08  ? 26  LEU B CD1 1 
ATOM   340 C CD2 . LEU B 1 19 ? 1.526   6.115   5.472   1.00 32.56  ? 26  LEU B CD2 1 
ATOM   341 N N   . THR B 1 20 ? 2.988   0.907   4.335   1.00 15.08  ? 27  THR B N   1 
ATOM   342 C CA  . THR B 1 20 ? 2.266   -0.296  3.965   1.00 13.89  ? 27  THR B CA  1 
ATOM   343 C C   . THR B 1 20 ? 2.682   -1.406  4.918   1.00 16.19  ? 27  THR B C   1 
ATOM   344 O O   . THR B 1 20 ? 1.846   -2.138  5.422   1.00 14.56  ? 27  THR B O   1 
ATOM   345 C CB  . THR B 1 20 ? 2.530   -0.707  2.517   1.00 14.66  ? 27  THR B CB  1 
ATOM   346 O OG1 . THR B 1 20 ? 2.092   0.338   1.625   1.00 15.26  ? 27  THR B OG1 1 
ATOM   347 C CG2 . THR B 1 20 ? 1.755   -2.005  2.193   1.00 17.35  ? 27  THR B CG2 1 
ATOM   348 N N   . VAL B 1 21 ? 3.978   -1.506  5.196   1.00 15.97  ? 28  VAL B N   1 
ATOM   349 C CA  . VAL B 1 21 ? 4.425   -2.504  6.158   1.00 18.29  ? 28  VAL B CA  1 
ATOM   350 C C   . VAL B 1 21 ? 3.852   -2.194  7.545   1.00 14.27  ? 28  VAL B C   1 
ATOM   351 O O   . VAL B 1 21 ? 3.400   -3.109  8.241   1.00 17.03  ? 28  VAL B O   1 
ATOM   352 C CB  . VAL B 1 21 ? 5.955   -2.590  6.248   1.00 13.88  ? 28  VAL B CB  1 
ATOM   353 C CG1 . VAL B 1 21 ? 6.363   -3.474  7.435   1.00 11.74  ? 28  VAL B CG1 1 
ATOM   354 C CG2 . VAL B 1 21 ? 6.546   -3.113  4.942   1.00 15.65  ? 28  VAL B CG2 1 
ATOM   355 N N   . LEU B 1 22 ? 3.839   -0.918  7.939   1.00 13.64  ? 29  LEU B N   1 
ATOM   356 C CA  . LEU B 1 22 ? 3.381   -0.579  9.291   1.00 14.07  ? 29  LEU B CA  1 
ATOM   357 C C   . LEU B 1 22 ? 1.893   -0.824  9.426   1.00 16.41  ? 29  LEU B C   1 
ATOM   358 O O   . LEU B 1 22 ? 1.423   -1.332  10.449  1.00 17.19  ? 29  LEU B O   1 
ATOM   359 C CB  . LEU B 1 22 ? 3.700   0.876   9.655   1.00 15.85  ? 29  LEU B CB  1 
ATOM   360 C CG  . LEU B 1 22 ? 5.186   1.179   9.818   1.00 21.53  ? 29  LEU B CG  1 
ATOM   361 C CD1 . LEU B 1 22 ? 5.415   2.616   10.284  1.00 18.85  ? 29  LEU B CD1 1 
ATOM   362 C CD2 . LEU B 1 22 ? 5.832   0.180   10.766  1.00 23.07  ? 29  LEU B CD2 1 
ATOM   363 N N   . ILE B 1 23 ? 1.143   -0.477  8.387   1.00 16.68  ? 30  ILE B N   1 
ATOM   364 C CA  . ILE B 1 23 ? -0.293  -0.724  8.407   1.00 18.64  ? 30  ILE B CA  1 
ATOM   365 C C   . ILE B 1 23 ? -0.605  -2.219  8.473   1.00 18.69  ? 30  ILE B C   1 
ATOM   366 O O   . ILE B 1 23 ? -1.443  -2.645  9.272   1.00 14.15  ? 30  ILE B O   1 
ATOM   367 C CB  . ILE B 1 23 ? -0.983  -0.106  7.183   1.00 15.00  ? 30  ILE B CB  1 
ATOM   368 C CG1 . ILE B 1 23 ? -1.022  1.421   7.349   1.00 13.29  ? 30  ILE B CG1 1 
ATOM   369 C CG2 . ILE B 1 23 ? -2.363  -0.683  7.020   1.00 17.98  ? 30  ILE B CG2 1 
ATOM   370 C CD1 . ILE B 1 23 ? -1.477  2.179   6.118   1.00 16.42  ? 30  ILE B CD1 1 
ATOM   371 N N   . ALA B 1 24 ? 0.078   -3.011  7.652   1.00 17.74  ? 31  ALA B N   1 
ATOM   372 C CA  . ALA B 1 24 ? -0.147  -4.452  7.631   1.00 15.08  ? 31  ALA B CA  1 
ATOM   373 C C   . ALA B 1 24 ? 0.060   -5.027  9.032   1.00 18.78  ? 31  ALA B C   1 
ATOM   374 O O   . ALA B 1 24 ? -0.727  -5.863  9.492   1.00 17.09  ? 31  ALA B O   1 
ATOM   375 C CB  . ALA B 1 24 ? 0.784   -5.137  6.623   1.00 14.54  ? 31  ALA B CB  1 
ATOM   376 N N   . LEU B 1 25 ? 1.107   -4.564  9.713   1.00 14.65  ? 32  LEU B N   1 
ATOM   377 C CA  . LEU B 1 25 ? 1.445   -5.093  11.037  1.00 14.33  ? 32  LEU B CA  1 
ATOM   378 C C   . LEU B 1 25 ? 0.516   -4.543  12.117  1.00 12.50  ? 32  LEU B C   1 
ATOM   379 O O   . LEU B 1 25 ? 0.113   -5.282  13.008  1.00 16.28  ? 32  LEU B O   1 
ATOM   380 C CB  . LEU B 1 25 ? 2.909   -4.804  11.380  1.00 17.14  ? 32  LEU B CB  1 
ATOM   381 C CG  . LEU B 1 25 ? 3.870   -5.748  10.643  1.00 17.37  ? 32  LEU B CG  1 
ATOM   382 C CD1 . LEU B 1 25 ? 5.307   -5.225  10.612  1.00 16.54  ? 32  LEU B CD1 1 
ATOM   383 C CD2 . LEU B 1 25 ? 3.817   -7.162  11.254  1.00 16.83  ? 32  LEU B CD2 1 
ATOM   384 N N   . ALA B 1 26 ? 0.164   -3.260  12.031  1.00 13.25  ? 33  ALA B N   1 
ATOM   385 C CA  . ALA B 1 26 ? -0.791  -2.681  12.973  1.00 16.13  ? 33  ALA B CA  1 
ATOM   386 C C   . ALA B 1 26 ? -2.157  -3.367  12.907  1.00 15.80  ? 33  ALA B C   1 
ATOM   387 O O   . ALA B 1 26 ? -2.773  -3.641  13.938  1.00 18.98  ? 33  ALA B O   1 
ATOM   388 C CB  . ALA B 1 26 ? -0.947  -1.181  12.726  1.00 14.61  ? 33  ALA B CB  1 
ATOM   389 N N   . VAL B 1 27 ? -2.640  -3.622  11.700  1.00 14.47  ? 34  VAL B N   1 
ATOM   390 C CA  . VAL B 1 27 ? -3.959  -4.238  11.533  1.00 13.15  ? 34  VAL B CA  1 
ATOM   391 C C   . VAL B 1 27 ? -3.897  -5.681  12.058  1.00 18.17  ? 34  VAL B C   1 
ATOM   392 O O   . VAL B 1 27 ? -4.806  -6.154  12.741  1.00 16.56  ? 34  VAL B O   1 
ATOM   393 C CB  . VAL B 1 27 ? -4.413  -4.194  10.058  1.00 14.45  ? 34  VAL B CB  1 
ATOM   394 C CG1 . VAL B 1 27 ? -5.752  -4.896  9.880   1.00 15.20  ? 34  VAL B CG1 1 
ATOM   395 C CG2 . VAL B 1 27 ? -4.530  -2.752  9.603   1.00 24.66  ? 34  VAL B CG2 1 
ATOM   396 N N   . TYR B 1 28 ? -2.785  -6.351  11.784  1.00 13.24  ? 35  TYR B N   1 
ATOM   397 C CA  . TYR B 1 28 ? -2.571  -7.703  12.270  1.00 18.34  ? 35  TYR B CA  1 
ATOM   398 C C   . TYR B 1 28 ? -2.657  -7.769  13.795  1.00 15.14  ? 35  TYR B C   1 
ATOM   399 O O   . TYR B 1 28 ? -3.418  -8.558  14.338  1.00 16.12  ? 35  TYR B O   1 
ATOM   400 C CB  . TYR B 1 28 ? -1.221  -8.239  11.792  1.00 14.01  ? 35  TYR B CB  1 
ATOM   401 C CG  . TYR B 1 28 ? -0.965  -9.671  12.212  1.00 15.86  ? 35  TYR B CG  1 
ATOM   402 C CD1 . TYR B 1 28 ? -1.611  -10.721 11.580  1.00 19.64  ? 35  TYR B CD1 1 
ATOM   403 C CD2 . TYR B 1 28 ? -0.079  -9.973  13.245  1.00 20.23  ? 35  TYR B CD2 1 
ATOM   404 C CE1 . TYR B 1 28 ? -1.386  -12.024 11.950  1.00 19.60  ? 35  TYR B CE1 1 
ATOM   405 C CE2 . TYR B 1 28 ? 0.156   -11.287 13.626  1.00 23.81  ? 35  TYR B CE2 1 
ATOM   406 C CZ  . TYR B 1 28 ? -0.506  -12.309 12.972  1.00 19.43  ? 35  TYR B CZ  1 
ATOM   407 O OH  . TYR B 1 28 ? -0.290  -13.623 13.319  1.00 28.20  ? 35  TYR B OH  1 
ATOM   408 N N   . PHE B 1 29 ? -1.907  -6.917  14.494  1.00 14.75  ? 36  PHE B N   1 
ATOM   409 C CA  . PHE B 1 29 ? -1.868  -7.034  15.931  1.00 21.72  ? 36  PHE B CA  1 
ATOM   410 C C   . PHE B 1 29 ? -3.142  -6.468  16.558  1.00 18.10  ? 36  PHE B C   1 
ATOM   411 O O   . PHE B 1 29 ? -3.507  -6.883  17.639  1.00 19.29  ? 36  PHE B O   1 
ATOM   412 C CB  . PHE B 1 29 ? -0.604  -6.374  16.499  1.00 20.49  ? 36  PHE B CB  1 
ATOM   413 C CG  . PHE B 1 29 ? 0.632   -7.212  16.306  1.00 18.01  ? 36  PHE B CG  1 
ATOM   414 C CD1 . PHE B 1 29 ? 0.799   -8.386  17.022  1.00 19.83  ? 36  PHE B CD1 1 
ATOM   415 C CD2 . PHE B 1 29 ? 1.589   -6.863  15.372  1.00 23.58  ? 36  PHE B CD2 1 
ATOM   416 C CE1 . PHE B 1 29 ? 1.925   -9.184  16.844  1.00 25.63  ? 36  PHE B CE1 1 
ATOM   417 C CE2 . PHE B 1 29 ? 2.724   -7.658  15.180  1.00 21.79  ? 36  PHE B CE2 1 
ATOM   418 C CZ  . PHE B 1 29 ? 2.888   -8.817  15.916  1.00 23.58  ? 36  PHE B CZ  1 
ATOM   419 N N   . LEU B 1 30 ? -3.848  -5.580  15.850  1.00 18.91  ? 37  LEU B N   1 
ATOM   420 C CA  . LEU B 1 30 ? -5.176  -5.150  16.317  1.00 18.67  ? 37  LEU B CA  1 
ATOM   421 C C   . LEU B 1 30 ? -6.087  -6.376  16.432  1.00 24.18  ? 37  LEU B C   1 
ATOM   422 O O   . LEU B 1 30 ? -6.845  -6.519  17.395  1.00 20.78  ? 37  LEU B O   1 
ATOM   423 C CB  . LEU B 1 30 ? -5.805  -4.098  15.384  1.00 14.71  ? 37  LEU B CB  1 
ATOM   424 C CG  . LEU B 1 30 ? -5.358  -2.662  15.643  1.00 20.81  ? 37  LEU B CG  1 
ATOM   425 C CD1 . LEU B 1 30 ? -5.705  -1.728  14.497  1.00 18.53  ? 37  LEU B CD1 1 
ATOM   426 C CD2 . LEU B 1 30 ? -5.977  -2.164  16.950  1.00 26.61  ? 37  LEU B CD2 1 
ATOM   427 N N   . GLY B 1 31 ? -5.972  -7.281  15.467  1.00 18.23  ? 38  GLY B N   1 
ATOM   428 C CA  . GLY B 1 31 ? -6.729  -8.521  15.490  1.00 26.16  ? 38  GLY B CA  1 
ATOM   429 C C   . GLY B 1 31 ? -6.282  -9.513  16.554  1.00 23.35  ? 38  GLY B C   1 
ATOM   430 O O   . GLY B 1 31 ? -6.940  -10.531 16.764  1.00 34.82  ? 38  GLY B O   1 
ATOM   431 N N   . ARG B 1 32 ? -5.171  -9.220  17.228  1.00 28.33  ? 39  ARG B N   1 
ATOM   432 C CA  . ARG B 1 32 ? -4.671  -10.074 18.310  1.00 27.68  ? 39  ARG B CA  1 
ATOM   433 C C   . ARG B 1 32 ? -5.151  -9.644  19.690  1.00 27.80  ? 39  ARG B C   1 
ATOM   434 O O   . ARG B 1 32 ? -4.843  -10.303 20.684  1.00 28.54  ? 39  ARG B O   1 
ATOM   435 C CB  . ARG B 1 32 ? -3.140  -10.094 18.314  1.00 25.67  ? 39  ARG B CB  1 
ATOM   436 C CG  . ARG B 1 32 ? -2.515  -10.850 17.161  1.00 34.08  ? 39  ARG B CG  1 
ATOM   437 C CD  . ARG B 1 32 ? -2.477  -12.338 17.425  1.00 48.26  ? 39  ARG B CD  1 
ATOM   438 N NE  . ARG B 1 32 ? -1.573  -13.020 16.501  1.00 43.16  ? 39  ARG B NE  1 
ATOM   439 C CZ  . ARG B 1 32 ? -0.285  -13.241 16.745  1.00 48.98  ? 39  ARG B CZ  1 
ATOM   440 N NH1 . ARG B 1 32 ? 0.254   -12.836 17.891  1.00 43.62  ? 39  ARG B NH1 1 
ATOM   441 N NH2 . ARG B 1 32 ? 0.467   -13.863 15.845  1.00 41.98  ? 39  ARG B NH2 1 
ATOM   442 N N   . LEU B 1 33 ? -5.873  -8.527  19.745  1.00 25.41  ? 40  LEU B N   1 
ATOM   443 C CA  . LEU B 1 33 ? -6.406  -7.979  20.993  1.00 25.80  ? 40  LEU B CA  1 
ATOM   444 C C   . LEU B 1 33 ? -7.507  -8.859  21.574  1.00 38.46  ? 40  LEU B C   1 
ATOM   445 O O   . LEU B 1 33 ? -7.607  -9.031  22.788  1.00 44.91  ? 40  LEU B O   1 
ATOM   446 C CB  . LEU B 1 33 ? -6.949  -6.561  20.771  1.00 23.38  ? 40  LEU B CB  1 
ATOM   447 C CG  . LEU B 1 33 ? -5.929  -5.491  20.377  1.00 26.31  ? 40  LEU B CG  1 
ATOM   448 C CD1 . LEU B 1 33 ? -6.614  -4.157  20.090  1.00 26.64  ? 40  LEU B CD1 1 
ATOM   449 C CD2 . LEU B 1 33 ? -4.875  -5.340  21.453  1.00 28.35  ? 40  LEU B CD2 1 
ATOM   450 O OXT . LEU B 1 33 ? -8.325  -9.411  20.842  1.00 38.77  ? 40  LEU B OXT 1 
ATOM   451 N N   . VAL C 1 4  ? 0.993   13.729  -13.567 1.00 90.44  ? 11  VAL C N   1 
ATOM   452 C CA  . VAL C 1 4  ? 0.434   13.652  -12.223 1.00 79.59  ? 11  VAL C CA  1 
ATOM   453 C C   . VAL C 1 4  ? 0.523   14.996  -11.509 1.00 67.47  ? 11  VAL C C   1 
ATOM   454 O O   . VAL C 1 4  ? 1.615   15.471  -11.196 1.00 70.41  ? 11  VAL C O   1 
ATOM   455 C CB  . VAL C 1 4  ? 1.148   12.582  -11.376 1.00 81.52  ? 11  VAL C CB  1 
ATOM   456 C CG1 . VAL C 1 4  ? 2.614   12.945  -11.189 1.00 83.37  ? 11  VAL C CG1 1 
ATOM   457 C CG2 . VAL C 1 4  ? 0.456   12.421  -10.031 1.00 72.56  ? 11  VAL C CG2 1 
ATOM   458 N N   . SER C 1 5  ? -0.630  15.604  -11.255 1.00 60.13  ? 12  SER C N   1 
ATOM   459 C CA  . SER C 1 5  ? -0.682  16.864  -10.594 1.00 53.54  ? 12  SER C CA  1 
ATOM   460 C C   . SER C 1 5  ? -0.713  16.622  -9.069  1.00 39.25  ? 12  SER C C   1 
ATOM   461 O O   . SER C 1 5  ? -1.023  15.565  -8.640  1.00 39.57  ? 12  SER C O   1 
ATOM   462 C CB  . SER C 1 5  ? -1.954  17.538  -11.007 1.00 39.43  ? 12  SER C CB  1 
ATOM   463 O OG  . SER C 1 5  ? -3.067  16.855  -10.534 1.00 47.16  ? 12  SER C OG  1 
ATOM   464 N N   . PRO C 1 6  ? -0.422  17.636  -8.291  1.00 33.80  ? 13  PRO C N   1 
ATOM   465 C CA  . PRO C 1 6  ? -0.517  17.518  -6.831  1.00 25.93  ? 13  PRO C CA  1 
ATOM   466 C C   . PRO C 1 6  ? -1.887  17.040  -6.354  1.00 29.77  ? 13  PRO C C   1 
ATOM   467 O O   . PRO C 1 6  ? -1.968  16.263  -5.402  1.00 28.27  ? 13  PRO C O   1 
ATOM   468 C CB  . PRO C 1 6  ? -0.236  18.940  -6.355  1.00 34.03  ? 13  PRO C CB  1 
ATOM   469 C CG  . PRO C 1 6  ? 0.681   19.481  -7.386  1.00 39.27  ? 13  PRO C CG  1 
ATOM   470 C CD  . PRO C 1 6  ? 0.206   18.910  -8.691  1.00 32.24  ? 13  PRO C CD  1 
ATOM   471 N N   . GLY C 1 7  ? -2.954  17.491  -7.006  1.00 27.39  ? 14  GLY C N   1 
ATOM   472 C CA  . GLY C 1 7  ? -4.277  16.974  -6.703  1.00 26.47  ? 14  GLY C CA  1 
ATOM   473 C C   . GLY C 1 7  ? -4.407  15.488  -7.005  1.00 26.04  ? 14  GLY C C   1 
ATOM   474 O O   . GLY C 1 7  ? -4.918  14.720  -6.191  1.00 31.40  ? 14  GLY C O   1 
ATOM   475 N N   . VAL C 1 8  ? -3.949  15.075  -8.181  1.00 23.19  ? 15  VAL C N   1 
ATOM   476 C CA  . VAL C 1 8  ? -4.027  13.667  -8.551  1.00 24.86  ? 15  VAL C CA  1 
ATOM   477 C C   . VAL C 1 8  ? -3.192  12.810  -7.597  1.00 24.62  ? 15  VAL C C   1 
ATOM   478 O O   . VAL C 1 8  ? -3.653  11.770  -7.112  1.00 25.22  ? 15  VAL C O   1 
ATOM   479 C CB  . VAL C 1 8  ? -3.569  13.437  -10.008 1.00 43.34  ? 15  VAL C CB  1 
ATOM   480 C CG1 . VAL C 1 8  ? -3.394  11.956  -10.287 1.00 39.33  ? 15  VAL C CG1 1 
ATOM   481 C CG2 . VAL C 1 8  ? -4.574  14.046  -10.980 1.00 34.81  ? 15  VAL C CG2 1 
ATOM   482 N N   . LEU C 1 9  ? -1.969  13.251  -7.317  1.00 26.38  ? 16  LEU C N   1 
ATOM   483 C CA  . LEU C 1 9  ? -1.103  12.540  -6.373  1.00 25.83  ? 16  LEU C CA  1 
ATOM   484 C C   . LEU C 1 9  ? -1.770  12.399  -4.993  1.00 25.63  ? 16  LEU C C   1 
ATOM   485 O O   . LEU C 1 9  ? -1.701  11.336  -4.345  1.00 18.26  ? 16  LEU C O   1 
ATOM   486 C CB  . LEU C 1 9  ? 0.238   13.260  -6.241  1.00 25.03  ? 16  LEU C CB  1 
ATOM   487 C CG  . LEU C 1 9  ? 1.229   12.625  -5.277  1.00 27.58  ? 16  LEU C CG  1 
ATOM   488 C CD1 . LEU C 1 9  ? 1.595   11.223  -5.735  1.00 26.88  ? 16  LEU C CD1 1 
ATOM   489 C CD2 . LEU C 1 9  ? 2.466   13.502  -5.134  1.00 33.13  ? 16  LEU C CD2 1 
ATOM   490 N N   . ALA C 1 10 ? -2.428  13.464  -4.547  1.00 26.98  ? 17  ALA C N   1 
ATOM   491 C CA  . ALA C 1 10 ? -3.093  13.440  -3.247  1.00 27.59  ? 17  ALA C CA  1 
ATOM   492 C C   . ALA C 1 10 ? -4.206  12.394  -3.224  1.00 20.49  ? 17  ALA C C   1 
ATOM   493 O O   . ALA C 1 10 ? -4.381  11.698  -2.229  1.00 17.60  ? 17  ALA C O   1 
ATOM   494 C CB  . ALA C 1 10 ? -3.648  14.807  -2.898  1.00 22.06  ? 17  ALA C CB  1 
ATOM   495 N N   . GLY C 1 11 ? -4.958  12.293  -4.316  1.00 16.49  ? 18  GLY C N   1 
ATOM   496 C CA  . GLY C 1 11 ? -6.031  11.316  -4.398  1.00 17.50  ? 18  GLY C CA  1 
ATOM   497 C C   . GLY C 1 11 ? -5.483  9.889   -4.368  1.00 18.21  ? 18  GLY C C   1 
ATOM   498 O O   . GLY C 1 11 ? -6.046  8.981   -3.749  1.00 16.77  ? 18  GLY C O   1 
ATOM   499 N N   . ILE C 1 12 ? -4.372  9.690   -5.066  1.00 17.36  ? 19  ILE C N   1 
ATOM   500 C CA  . ILE C 1 12 ? -3.704  8.394   -5.076  1.00 18.89  ? 19  ILE C CA  1 
ATOM   501 C C   . ILE C 1 12 ? -3.176  8.030   -3.685  1.00 19.39  ? 19  ILE C C   1 
ATOM   502 O O   . ILE C 1 12 ? -3.318  6.895   -3.242  1.00 18.04  ? 19  ILE C O   1 
ATOM   503 C CB  . ILE C 1 12 ? -2.547  8.373   -6.094  1.00 20.41  ? 19  ILE C CB  1 
ATOM   504 C CG1 . ILE C 1 12 ? -3.107  8.502   -7.508  1.00 19.91  ? 19  ILE C CG1 1 
ATOM   505 C CG2 . ILE C 1 12 ? -1.734  7.086   -5.979  1.00 23.72  ? 19  ILE C CG2 1 
ATOM   506 C CD1 . ILE C 1 12 ? -2.035  8.510   -8.565  1.00 18.95  ? 19  ILE C CD1 1 
ATOM   507 N N   . VAL C 1 13 ? -2.581  8.989   -2.987  1.00 20.22  ? 20  VAL C N   1 
ATOM   508 C CA  . VAL C 1 13 ? -2.077  8.715   -1.642  1.00 15.87  ? 20  VAL C CA  1 
ATOM   509 C C   . VAL C 1 13 ? -3.226  8.266   -0.729  1.00 19.57  ? 20  VAL C C   1 
ATOM   510 O O   . VAL C 1 13 ? -3.165  7.211   -0.093  1.00 20.78  ? 20  VAL C O   1 
ATOM   511 C CB  . VAL C 1 13 ? -1.386  9.943   -1.050  1.00 15.56  ? 20  VAL C CB  1 
ATOM   512 C CG1 . VAL C 1 13 ? -1.137  9.748   0.450   1.00 15.11  ? 20  VAL C CG1 1 
ATOM   513 C CG2 . VAL C 1 13 ? -0.081  10.243  -1.813  1.00 15.03  ? 20  VAL C CG2 1 
ATOM   514 N N   . VAL C 1 14 ? -4.285  9.060   -0.696  1.00 16.60  ? 21  VAL C N   1 
ATOM   515 C CA  . VAL C 1 14 ? -5.413  8.777   0.182   1.00 18.62  ? 21  VAL C CA  1 
ATOM   516 C C   . VAL C 1 14 ? -6.111  7.461   -0.179  1.00 19.60  ? 21  VAL C C   1 
ATOM   517 O O   . VAL C 1 14 ? -6.333  6.608   0.678   1.00 16.24  ? 21  VAL C O   1 
ATOM   518 C CB  . VAL C 1 14 ? -6.440  9.912   0.151   1.00 26.21  ? 21  VAL C CB  1 
ATOM   519 C CG1 . VAL C 1 14 ? -7.608  9.551   1.032   1.00 23.26  ? 21  VAL C CG1 1 
ATOM   520 C CG2 . VAL C 1 14 ? -5.796  11.224  0.607   1.00 25.27  ? 21  VAL C CG2 1 
ATOM   521 N N   . GLY C 1 15 ? -6.459  7.301   -1.449  1.00 21.97  ? 22  GLY C N   1 
ATOM   522 C CA  . GLY C 1 15 ? -7.135  6.094   -1.886  1.00 19.65  ? 22  GLY C CA  1 
ATOM   523 C C   . GLY C 1 15 ? -6.310  4.858   -1.622  1.00 18.80  ? 22  GLY C C   1 
ATOM   524 O O   . GLY C 1 15 ? -6.814  3.831   -1.143  1.00 17.57  ? 22  GLY C O   1 
ATOM   525 N N   . ASP C 1 16 ? -5.023  4.953   -1.920  1.00 17.06  ? 23  ASP C N   1 
ATOM   526 C CA  . ASP C 1 16 ? -4.142  3.814   -1.703  1.00 19.58  ? 23  ASP C CA  1 
ATOM   527 C C   . ASP C 1 16 ? -4.047  3.416   -0.240  1.00 20.98  ? 23  ASP C C   1 
ATOM   528 O O   . ASP C 1 16 ? -4.083  2.228   0.067   1.00 20.14  ? 23  ASP C O   1 
ATOM   529 C CB  . ASP C 1 16 ? -2.751  4.097   -2.221  1.00 16.68  ? 23  ASP C CB  1 
ATOM   530 C CG  . ASP C 1 16 ? -1.921  2.854   -2.298  1.00 25.50  ? 23  ASP C CG  1 
ATOM   531 O OD1 . ASP C 1 16 ? -1.894  2.245   -3.386  1.00 30.11  ? 23  ASP C OD1 1 
ATOM   532 O OD2 . ASP C 1 16 ? -1.326  2.475   -1.268  1.00 21.33  ? 23  ASP C OD2 1 
ATOM   533 N N   . LEU C 1 17 ? -3.938  4.394   0.665   1.00 19.13  ? 24  LEU C N   1 
ATOM   534 C CA  . LEU C 1 17 ? -3.825  4.068   2.094   1.00 18.92  ? 24  LEU C CA  1 
ATOM   535 C C   . LEU C 1 17 ? -5.106  3.471   2.664   1.00 17.68  ? 24  LEU C C   1 
ATOM   536 O O   . LEU C 1 17 ? -5.059  2.548   3.485   1.00 16.73  ? 24  LEU C O   1 
ATOM   537 C CB  . LEU C 1 17 ? -3.423  5.304   2.898   1.00 14.18  ? 24  LEU C CB  1 
ATOM   538 C CG  . LEU C 1 17 ? -2.007  5.752   2.528   1.00 18.70  ? 24  LEU C CG  1 
ATOM   539 C CD1 . LEU C 1 17 ? -1.704  7.082   3.173   1.00 23.74  ? 24  LEU C CD1 1 
ATOM   540 C CD2 . LEU C 1 17 ? -0.941  4.708   2.893   1.00 17.59  ? 24  LEU C CD2 1 
ATOM   541 N N   . VAL C 1 18 ? -6.253  3.986   2.237   1.00 16.17  ? 25  VAL C N   1 
ATOM   542 C CA  . VAL C 1 18 ? -7.513  3.374   2.647   1.00 17.77  ? 25  VAL C CA  1 
ATOM   543 C C   . VAL C 1 18 ? -7.554  1.930   2.163   1.00 16.77  ? 25  VAL C C   1 
ATOM   544 O O   . VAL C 1 18 ? -7.874  1.022   2.930   1.00 18.25  ? 25  VAL C O   1 
ATOM   545 C CB  . VAL C 1 18 ? -8.755  4.134   2.104   1.00 14.59  ? 25  VAL C CB  1 
ATOM   546 C CG1 . VAL C 1 18 ? -10.043 3.343   2.401   1.00 21.17  ? 25  VAL C CG1 1 
ATOM   547 C CG2 . VAL C 1 18 ? -8.846  5.518   2.708   1.00 22.63  ? 25  VAL C CG2 1 
ATOM   548 N N   . LEU C 1 19 ? -7.206  1.712   0.896   1.00 17.29  ? 26  LEU C N   1 
ATOM   549 C CA  . LEU C 1 19 ? -7.238  0.368   0.326   1.00 20.34  ? 26  LEU C CA  1 
ATOM   550 C C   . LEU C 1 19 ? -6.210  -0.553  0.978   1.00 21.08  ? 26  LEU C C   1 
ATOM   551 O O   . LEU C 1 19 ? -6.450  -1.751  1.137   1.00 15.85  ? 26  LEU C O   1 
ATOM   552 C CB  . LEU C 1 19 ? -7.000  0.423   -1.181  1.00 19.01  ? 26  LEU C CB  1 
ATOM   553 C CG  . LEU C 1 19 ? -7.619  -0.706  -1.992  1.00 35.29  ? 26  LEU C CG  1 
ATOM   554 C CD1 . LEU C 1 19 ? -9.111  -0.811  -1.680  1.00 25.72  ? 26  LEU C CD1 1 
ATOM   555 C CD2 . LEU C 1 19 ? -7.388  -0.433  -3.472  1.00 34.02  ? 26  LEU C CD2 1 
ATOM   556 N N   . THR C 1 20 ? -5.065  0.011   1.348   1.00 18.08  ? 27  THR C N   1 
ATOM   557 C CA  . THR C 1 20 ? -4.037  -0.747  2.054   1.00 16.82  ? 27  THR C CA  1 
ATOM   558 C C   . THR C 1 20 ? -4.569  -1.317  3.368   1.00 17.93  ? 27  THR C C   1 
ATOM   559 O O   . THR C 1 20 ? -4.349  -2.493  3.688   1.00 19.17  ? 27  THR C O   1 
ATOM   560 C CB  . THR C 1 20 ? -2.799  0.122   2.330   1.00 14.97  ? 27  THR C CB  1 
ATOM   561 O OG1 . THR C 1 20 ? -2.228  0.529   1.077   1.00 18.88  ? 27  THR C OG1 1 
ATOM   562 C CG2 . THR C 1 20 ? -1.755  -0.659  3.118   1.00 15.17  ? 27  THR C CG2 1 
ATOM   563 N N   . VAL C 1 21 ? -5.271  -0.482  4.129   1.00 16.27  ? 28  VAL C N   1 
ATOM   564 C CA  . VAL C 1 21 ? -5.817  -0.922  5.409   1.00 11.92  ? 28  VAL C CA  1 
ATOM   565 C C   . VAL C 1 21 ? -6.816  -2.058  5.196   1.00 18.14  ? 28  VAL C C   1 
ATOM   566 O O   . VAL C 1 21 ? -6.782  -3.069  5.894   1.00 16.97  ? 28  VAL C O   1 
ATOM   567 C CB  . VAL C 1 21 ? -6.496  0.216   6.163   1.00 16.40  ? 28  VAL C CB  1 
ATOM   568 C CG1 . VAL C 1 21 ? -7.301  -0.339  7.338   1.00 16.45  ? 28  VAL C CG1 1 
ATOM   569 C CG2 . VAL C 1 21 ? -5.449  1.226   6.647   1.00 16.19  ? 28  VAL C CG2 1 
ATOM   570 N N   . LEU C 1 22 ? -7.681  -1.901  4.203   1.00 16.08  ? 29  LEU C N   1 
ATOM   571 C CA  . LEU C 1 22 ? -8.727  -2.890  3.944   1.00 19.82  ? 29  LEU C CA  1 
ATOM   572 C C   . LEU C 1 22 ? -8.177  -4.209  3.399   1.00 14.89  ? 29  LEU C C   1 
ATOM   573 O O   . LEU C 1 22 ? -8.679  -5.281  3.737   1.00 14.49  ? 29  LEU C O   1 
ATOM   574 C CB  . LEU C 1 22 ? -9.769  -2.306  2.993   1.00 19.58  ? 29  LEU C CB  1 
ATOM   575 C CG  . LEU C 1 22 ? -10.418 -1.023  3.538   1.00 17.77  ? 29  LEU C CG  1 
ATOM   576 C CD1 . LEU C 1 22 ? -11.186 -0.297  2.438   1.00 32.17  ? 29  LEU C CD1 1 
ATOM   577 C CD2 . LEU C 1 22 ? -11.329 -1.328  4.711   1.00 16.90  ? 29  LEU C CD2 1 
ATOM   578 N N   . ILE C 1 23 ? -7.144  -4.134  2.564   1.00 14.00  ? 30  ILE C N   1 
ATOM   579 C CA  . ILE C 1 23 ? -6.524  -5.342  2.032   1.00 20.17  ? 30  ILE C CA  1 
ATOM   580 C C   . ILE C 1 23 ? -5.927  -6.166  3.175   1.00 20.98  ? 30  ILE C C   1 
ATOM   581 O O   . ILE C 1 23 ? -6.177  -7.370  3.274   1.00 14.36  ? 30  ILE C O   1 
ATOM   582 C CB  . ILE C 1 23 ? -5.442  -5.010  0.973   1.00 14.54  ? 30  ILE C CB  1 
ATOM   583 C CG1 . ILE C 1 23 ? -6.123  -4.623  -0.340  1.00 15.22  ? 30  ILE C CG1 1 
ATOM   584 C CG2 . ILE C 1 23 ? -4.530  -6.193  0.751   1.00 12.21  ? 30  ILE C CG2 1 
ATOM   585 C CD1 . ILE C 1 23 ? -5.167  -4.189  -1.428  1.00 22.46  ? 30  ILE C CD1 1 
ATOM   586 N N   . ALA C 1 24 ? -5.170  -5.519  4.057   1.00 13.27  ? 31  ALA C N   1 
ATOM   587 C CA  . ALA C 1 24 ? -4.624  -6.208  5.228   1.00 14.02  ? 31  ALA C CA  1 
ATOM   588 C C   . ALA C 1 24 ? -5.760  -6.859  6.029   1.00 18.26  ? 31  ALA C C   1 
ATOM   589 O O   . ALA C 1 24 ? -5.697  -8.043  6.367   1.00 16.09  ? 31  ALA C O   1 
ATOM   590 C CB  . ALA C 1 24 ? -3.835  -5.244  6.100   1.00 13.77  ? 31  ALA C CB  1 
ATOM   591 N N   . LEU C 1 25 ? -6.797  -6.073  6.312   1.00 15.29  ? 32  LEU C N   1 
ATOM   592 C CA  . LEU C 1 25 ? -7.966  -6.545  7.046   1.00 16.47  ? 32  LEU C CA  1 
ATOM   593 C C   . LEU C 1 25 ? -8.570  -7.773  6.367   1.00 20.72  ? 32  LEU C C   1 
ATOM   594 O O   . LEU C 1 25 ? -8.873  -8.781  7.024   1.00 18.51  ? 32  LEU C O   1 
ATOM   595 C CB  . LEU C 1 25 ? -9.014  -5.418  7.170   1.00 15.63  ? 32  LEU C CB  1 
ATOM   596 C CG  . LEU C 1 25 ? -10.184 -5.674  8.125   1.00 25.24  ? 32  LEU C CG  1 
ATOM   597 C CD1 . LEU C 1 25 ? -9.754  -5.576  9.582   1.00 28.66  ? 32  LEU C CD1 1 
ATOM   598 C CD2 . LEU C 1 25 ? -11.321 -4.717  7.834   1.00 25.33  ? 32  LEU C CD2 1 
ATOM   599 N N   . ALA C 1 26 ? -8.709  -7.705  5.047   1.00 18.45  ? 33  ALA C N   1 
ATOM   600 C CA  . ALA C 1 26 ? -9.323  -8.793  4.280   1.00 15.77  ? 33  ALA C CA  1 
ATOM   601 C C   . ALA C 1 26 ? -8.487  -10.078 4.313   1.00 15.47  ? 33  ALA C C   1 
ATOM   602 O O   . ALA C 1 26 ? -9.023  -11.173 4.447   1.00 15.07  ? 33  ALA C O   1 
ATOM   603 C CB  . ALA C 1 26 ? -9.542  -8.359  2.851   1.00 18.52  ? 33  ALA C CB  1 
ATOM   604 N N   . VAL C 1 27 ? -7.171  -9.938  4.180   1.00 15.82  ? 34  VAL C N   1 
ATOM   605 C CA  . VAL C 1 27 ? -6.299  -11.098 4.205   1.00 19.17  ? 34  VAL C CA  1 
ATOM   606 C C   . VAL C 1 27 ? -6.392  -11.786 5.560   1.00 23.55  ? 34  VAL C C   1 
ATOM   607 O O   . VAL C 1 27 ? -6.501  -13.002 5.614   1.00 18.46  ? 34  VAL C O   1 
ATOM   608 C CB  . VAL C 1 27 ? -4.852  -10.720 3.889   1.00 15.24  ? 34  VAL C CB  1 
ATOM   609 C CG1 . VAL C 1 27 ? -3.867  -11.857 4.256   1.00 13.05  ? 34  VAL C CG1 1 
ATOM   610 C CG2 . VAL C 1 27 ? -4.724  -10.378 2.421   1.00 14.55  ? 34  VAL C CG2 1 
ATOM   611 N N   . TYR C 1 28 ? -6.413  -11.019 6.651   1.00 17.31  ? 35  TYR C N   1 
ATOM   612 C CA  . TYR C 1 28 ? -6.419  -11.640 7.970   1.00 16.87  ? 35  TYR C CA  1 
ATOM   613 C C   . TYR C 1 28 ? -7.792  -12.247 8.248   1.00 19.07  ? 35  TYR C C   1 
ATOM   614 O O   . TYR C 1 28 ? -7.911  -13.311 8.880   1.00 17.10  ? 35  TYR C O   1 
ATOM   615 C CB  . TYR C 1 28 ? -6.023  -10.623 9.058   1.00 18.56  ? 35  TYR C CB  1 
ATOM   616 C CG  . TYR C 1 28 ? -4.713  -9.917  8.754   1.00 18.30  ? 35  TYR C CG  1 
ATOM   617 C CD1 . TYR C 1 28 ? -3.707  -10.561 8.046   1.00 15.62  ? 35  TYR C CD1 1 
ATOM   618 C CD2 . TYR C 1 28 ? -4.482  -8.615  9.179   1.00 18.19  ? 35  TYR C CD2 1 
ATOM   619 C CE1 . TYR C 1 28 ? -2.518  -9.932  7.759   1.00 14.47  ? 35  TYR C CE1 1 
ATOM   620 C CE2 . TYR C 1 28 ? -3.304  -7.970  8.882   1.00 16.90  ? 35  TYR C CE2 1 
ATOM   621 C CZ  . TYR C 1 28 ? -2.319  -8.632  8.177   1.00 14.79  ? 35  TYR C CZ  1 
ATOM   622 O OH  . TYR C 1 28 ? -1.123  -8.007  7.887   1.00 14.17  ? 35  TYR C OH  1 
ATOM   623 N N   . PHE C 1 29 ? -8.827  -11.574 7.758   1.00 18.20  ? 36  PHE C N   1 
ATOM   624 C CA  . PHE C 1 29 ? -10.195 -12.031 7.900   1.00 18.39  ? 36  PHE C CA  1 
ATOM   625 C C   . PHE C 1 29 ? -10.368 -13.392 7.236   1.00 23.82  ? 36  PHE C C   1 
ATOM   626 O O   . PHE C 1 29 ? -10.816 -14.347 7.866   1.00 18.78  ? 36  PHE C O   1 
ATOM   627 C CB  . PHE C 1 29 ? -11.149 -10.990 7.293   1.00 23.11  ? 36  PHE C CB  1 
ATOM   628 C CG  . PHE C 1 29 ? -12.567 -11.458 7.152   1.00 22.49  ? 36  PHE C CG  1 
ATOM   629 C CD1 . PHE C 1 29 ? -13.374 -11.621 8.268   1.00 27.50  ? 36  PHE C CD1 1 
ATOM   630 C CD2 . PHE C 1 29 ? -13.100 -11.706 5.901   1.00 27.32  ? 36  PHE C CD2 1 
ATOM   631 C CE1 . PHE C 1 29 ? -14.686 -12.034 8.140   1.00 37.14  ? 36  PHE C CE1 1 
ATOM   632 C CE2 . PHE C 1 29 ? -14.409 -12.119 5.765   1.00 26.61  ? 36  PHE C CE2 1 
ATOM   633 C CZ  . PHE C 1 29 ? -15.205 -12.286 6.886   1.00 28.54  ? 36  PHE C CZ  1 
ATOM   634 N N   . LEU C 1 30 ? -9.978  -13.479 5.965   1.00 14.98  ? 37  LEU C N   1 
ATOM   635 C CA  . LEU C 1 30 ? -10.083 -14.721 5.226   1.00 18.88  ? 37  LEU C CA  1 
ATOM   636 C C   . LEU C 1 30 ? -9.234  -15.784 5.870   1.00 18.65  ? 37  LEU C C   1 
ATOM   637 O O   . LEU C 1 30 ? -9.621  -16.940 5.921   1.00 20.18  ? 37  LEU C O   1 
ATOM   638 C CB  . LEU C 1 30 ? -9.647  -14.537 3.779   1.00 18.11  ? 37  LEU C CB  1 
ATOM   639 C CG  . LEU C 1 30 ? -10.556 -13.692 2.890   1.00 20.45  ? 37  LEU C CG  1 
ATOM   640 C CD1 . LEU C 1 30 ? -9.949  -13.596 1.495   1.00 21.98  ? 37  LEU C CD1 1 
ATOM   641 C CD2 . LEU C 1 30 ? -11.967 -14.289 2.825   1.00 23.02  ? 37  LEU C CD2 1 
ATOM   642 N N   . GLY C 1 31 ? -8.061  -15.377 6.342   1.00 18.68  ? 38  GLY C N   1 
ATOM   643 C CA  . GLY C 1 31 ? -7.111  -16.319 6.905   1.00 23.48  ? 38  GLY C CA  1 
ATOM   644 C C   . GLY C 1 31 ? -7.554  -16.969 8.200   1.00 26.61  ? 38  GLY C C   1 
ATOM   645 O O   . GLY C 1 31 ? -7.069  -18.047 8.555   1.00 26.03  ? 38  GLY C O   1 
ATOM   646 N N   . ARG C 1 32 ? -8.475  -16.341 8.922   1.00 15.98  ? 39  ARG C N   1 
ATOM   647 C CA  . ARG C 1 32 ? -8.901  -16.937 10.182  1.00 27.20  ? 39  ARG C CA  1 
ATOM   648 C C   . ARG C 1 32 ? -10.233 -17.673 10.041  1.00 34.50  ? 39  ARG C C   1 
ATOM   649 O O   . ARG C 1 32 ? -10.802 -18.126 11.029  1.00 46.78  ? 39  ARG C O   1 
ATOM   650 C CB  . ARG C 1 32 ? -8.972  -15.876 11.286  1.00 36.61  ? 39  ARG C CB  1 
ATOM   651 C CG  . ARG C 1 32 ? -9.863  -14.697 10.984  1.00 54.42  ? 39  ARG C CG  1 
ATOM   652 C CD  . ARG C 1 32 ? -9.814  -13.655 12.106  1.00 70.38  ? 39  ARG C CD  1 
ATOM   653 N NE  . ARG C 1 32 ? -10.807 -12.602 11.907  1.00 79.72  ? 39  ARG C NE  1 
ATOM   654 C CZ  . ARG C 1 32 ? -12.099 -12.727 12.207  1.00 89.53  ? 39  ARG C CZ  1 
ATOM   655 N NH1 . ARG C 1 32 ? -12.556 -13.863 12.723  1.00 94.18  ? 39  ARG C NH1 1 
ATOM   656 N NH2 . ARG C 1 32 ? -12.937 -11.721 11.990  1.00 88.78  ? 39  ARG C NH2 1 
ATOM   657 N N   . LEU C 1 33 ? -10.716 -17.814 8.811   1.00 33.44  ? 40  LEU C N   1 
ATOM   658 C CA  . LEU C 1 33 ? -11.984 -18.507 8.567   1.00 40.05  ? 40  LEU C CA  1 
ATOM   659 C C   . LEU C 1 33 ? -11.811 -20.023 8.542   1.00 55.60  ? 40  LEU C C   1 
ATOM   660 O O   . LEU C 1 33 ? -10.802 -20.540 8.058   1.00 50.41  ? 40  LEU C O   1 
ATOM   661 C CB  . LEU C 1 33 ? -12.611 -18.031 7.252   1.00 39.61  ? 40  LEU C CB  1 
ATOM   662 C CG  . LEU C 1 33 ? -13.217 -16.627 7.317   1.00 24.53  ? 40  LEU C CG  1 
ATOM   663 C CD1 . LEU C 1 33 ? -13.868 -16.241 6.000   1.00 26.79  ? 40  LEU C CD1 1 
ATOM   664 C CD2 . LEU C 1 33 ? -14.231 -16.562 8.447   1.00 28.76  ? 40  LEU C CD2 1 
ATOM   665 O OXT . LEU C 1 33 ? -12.683 -20.765 9.001   1.00 66.51  ? 40  LEU C OXT 1 
HETATM 666 K K   . K   D 2 .  ? 0.205   0.454   -0.370  1.00 17.75  ? 101 K   A K   1 
HETATM 667 C C18 . OLC E 3 .  ? 5.792   2.081   -4.966  1.00 20.70  ? 101 OLC B C18 1 
HETATM 668 C C10 . OLC E 3 .  ? 8.001   -3.643  -9.710  1.00 34.53  ? 101 OLC B C10 1 
HETATM 669 C C9  . OLC E 3 .  ? 8.405   -2.392  -9.911  1.00 36.87  ? 101 OLC B C9  1 
HETATM 670 C C17 . OLC E 3 .  ? 5.122   0.763   -5.311  1.00 30.74  ? 101 OLC B C17 1 
HETATM 671 C C11 . OLC E 3 .  ? 8.094   -4.270  -8.361  1.00 27.02  ? 101 OLC B C11 1 
HETATM 672 C C8  . OLC E 3 .  ? 8.940   -1.580  -8.786  1.00 43.10  ? 101 OLC B C8  1 
HETATM 673 C C24 . OLC E 3 .  ? 11.176  9.977   -8.241  1.00 55.36  ? 101 OLC B C24 1 
HETATM 674 C C16 . OLC E 3 .  ? 6.159   -0.326  -5.552  1.00 21.49  ? 101 OLC B C16 1 
HETATM 675 C C12 . OLC E 3 .  ? 6.746   -4.749  -7.872  1.00 34.14  ? 101 OLC B C12 1 
HETATM 676 C C7  . OLC E 3 .  ? 9.522   -0.281  -9.284  1.00 41.63  ? 101 OLC B C7  1 
HETATM 677 C C15 . OLC E 3 .  ? 5.602   -1.345  -6.516  1.00 25.78  ? 101 OLC B C15 1 
HETATM 678 C C13 . OLC E 3 .  ? 5.846   -3.554  -7.599  1.00 34.20  ? 101 OLC B C13 1 
HETATM 679 C C6  . OLC E 3 .  ? 8.419   0.729   -9.552  1.00 36.08  ? 101 OLC B C6  1 
HETATM 680 C C14 . OLC E 3 .  ? 6.393   -2.662  -6.484  1.00 21.15  ? 101 OLC B C14 1 
HETATM 681 C C5  . OLC E 3 .  ? 8.335   1.754   -8.429  1.00 37.94  ? 101 OLC B C5  1 
HETATM 682 C C4  . OLC E 3 .  ? 9.639   2.527   -8.276  1.00 29.24  ? 101 OLC B C4  1 
HETATM 683 C C3  . OLC E 3 .  ? 9.973   3.182   -9.603  1.00 42.14  ? 101 OLC B C3  1 
HETATM 684 C C2  . OLC E 3 .  ? 9.471   4.608   -9.659  1.00 56.12  ? 101 OLC B C2  1 
HETATM 685 C C21 . OLC E 3 .  ? 11.224  7.477   -8.184  1.00 61.75  ? 101 OLC B C21 1 
HETATM 686 C C1  . OLC E 3 .  ? 10.522  5.406   -8.969  1.00 50.31  ? 101 OLC B C1  1 
HETATM 687 C C22 . OLC E 3 .  ? 11.294  8.705   -9.119  1.00 64.17  ? 101 OLC B C22 1 
HETATM 688 O O19 . OLC E 3 .  ? 11.631  5.018   -8.631  1.00 53.23  ? 101 OLC B O19 1 
HETATM 689 O O25 . OLC E 3 .  ? 12.268  9.933   -7.374  1.00 46.77  ? 101 OLC B O25 1 
HETATM 690 O O23 . OLC E 3 .  ? 12.465  8.701   -9.860  1.00 70.02  ? 101 OLC B O23 1 
HETATM 691 O O20 . OLC E 3 .  ? 10.173  6.689   -8.710  1.00 50.94  ? 101 OLC B O20 1 
HETATM 692 C C18 . OLC F 3 .  ? 4.740   9.086   5.580   1.00 28.62  ? 101 OLC C C18 1 
HETATM 693 C C10 . OLC F 3 .  ? 0.363   5.556   -2.574  1.00 34.18  ? 101 OLC C C10 1 
HETATM 694 C C9  . OLC F 3 .  ? 0.627   4.648   -3.517  1.00 45.21  ? 101 OLC C C9  1 
HETATM 695 C C17 . OLC F 3 .  ? 4.625   9.271   4.066   1.00 23.32  ? 101 OLC C C17 1 
HETATM 696 C C11 . OLC F 3 .  ? 1.425   6.424   -1.994  1.00 32.04  ? 101 OLC C C11 1 
HETATM 697 C C8  . OLC F 3 .  ? 2.005   4.427   -4.047  1.00 44.51  ? 101 OLC C C8  1 
HETATM 698 C C24 . OLC F 3 .  ? 8.520   7.016   -12.413 1.00 48.00  ? 101 OLC C C24 1 
HETATM 699 C C16 . OLC F 3 .  ? 3.552   8.335   3.514   1.00 23.96  ? 101 OLC C C16 1 
HETATM 700 C C12 . OLC F 3 .  ? 1.425   6.333   -0.477  1.00 20.68  ? 101 OLC C C12 1 
HETATM 701 C C7  . OLC F 3 .  ? 2.051   4.695   -5.547  1.00 52.01  ? 101 OLC C C7  1 
HETATM 702 C C15 . OLC F 3 .  ? 3.440   8.444   2.004   1.00 25.85  ? 101 OLC C C15 1 
HETATM 703 C C13 . OLC F 3 .  ? 2.499   7.279   0.036   1.00 18.22  ? 101 OLC C C13 1 
HETATM 704 C C6  . OLC F 3 .  ? 2.772   6.020   -5.814  1.00 43.70  ? 101 OLC C C6  1 
HETATM 705 C C14 . OLC F 3 .  ? 2.298   7.567   1.511   1.00 20.93  ? 101 OLC C C14 1 
HETATM 706 C C5  . OLC F 3 .  ? 2.662   6.350   -7.290  1.00 48.03  ? 101 OLC C C5  1 
HETATM 707 C C4  . OLC F 3 .  ? 3.247   7.722   -7.590  1.00 53.02  ? 101 OLC C C4  1 
HETATM 708 C C3  . OLC F 3 .  ? 4.732   7.569   -7.889  1.00 65.01  ? 101 OLC C C3  1 
HETATM 709 C C2  . OLC F 3 .  ? 4.997   6.665   -9.097  1.00 66.85  ? 101 OLC C C2  1 
HETATM 710 C C21 . OLC F 3 .  ? 6.083   7.328   -12.377 1.00 59.68  ? 101 OLC C C21 1 
HETATM 711 C C1  . OLC F 3 .  ? 5.064   7.548   -10.295 1.00 66.75  ? 101 OLC C C1  1 
HETATM 712 C C22 . OLC F 3 .  ? 7.385   7.867   -12.995 1.00 51.77  ? 101 OLC C C22 1 
HETATM 713 O O19 . OLC F 3 .  ? 4.183   8.288   -10.711 1.00 67.25  ? 101 OLC C O19 1 
HETATM 714 O O25 . OLC F 3 .  ? 9.371   7.969   -11.866 1.00 50.70  ? 101 OLC C O25 1 
HETATM 715 O O23 . OLC F 3 .  ? 7.363   7.820   -14.386 1.00 36.95  ? 101 OLC C O23 1 
HETATM 716 O O20 . OLC F 3 .  ? 6.246   7.492   -10.978 1.00 61.43  ? 101 OLC C O20 1 
HETATM 717 C C18 . OLC G 3 .  ? -15.720 3.909   -2.947  1.00 41.09  ? 102 OLC C C18 1 
HETATM 718 C C10 . OLC G 3 .  ? -12.824 -4.476  -0.444  1.00 38.69  ? 102 OLC C C10 1 
HETATM 719 C C9  . OLC G 3 .  ? -11.900 -4.513  0.504   1.00 39.10  ? 102 OLC C C9  1 
HETATM 720 C C17 . OLC G 3 .  ? -14.719 2.829   -2.611  1.00 50.96  ? 102 OLC C C17 1 
HETATM 721 C C11 . OLC G 3 .  ? -13.030 -3.254  -1.221  1.00 32.88  ? 102 OLC C C11 1 
HETATM 722 C C8  . OLC G 3 .  ? -11.679 -5.722  1.308   1.00 42.05  ? 102 OLC C C8  1 
HETATM 723 C C24 . OLC G 3 .  ? -13.243 -8.641  12.846  1.00 69.18  ? 102 OLC C C24 1 
HETATM 724 C C16 . OLC G 3 .  ? -15.074 2.217   -1.269  1.00 54.98  ? 102 OLC C C16 1 
HETATM 725 C C12 . OLC G 3 .  ? -13.544 -2.178  -0.283  1.00 33.99  ? 102 OLC C C12 1 
HETATM 726 C C7  . OLC G 3 .  ? -12.100 -5.446  2.725   1.00 37.76  ? 102 OLC C C7  1 
HETATM 727 C C15 . OLC G 3 .  ? -13.873 1.549   -0.636  1.00 53.12  ? 102 OLC C C15 1 
HETATM 728 C C13 . OLC G 3 .  ? -13.663 -0.875  -1.045  1.00 37.62  ? 102 OLC C C13 1 
HETATM 729 C C6  . OLC G 3 .  ? -13.116 -6.481  3.133   1.00 36.61  ? 102 OLC C C6  1 
HETATM 730 C C14 . OLC G 3 .  ? -14.293 0.178   -0.160  1.00 39.32  ? 102 OLC C C14 1 
HETATM 731 C C5  . OLC G 3 .  ? -13.487 -6.247  4.567   1.00 30.35  ? 102 OLC C C5  1 
HETATM 732 C C4  . OLC G 3 .  ? -13.114 -7.454  5.384   1.00 36.79  ? 102 OLC C C4  1 
HETATM 733 C C3  . OLC G 3 .  ? -14.197 -7.672  6.398   1.00 32.34  ? 102 OLC C C3  1 
HETATM 734 C C2  . OLC G 3 .  ? -13.578 -8.109  7.703   1.00 41.74  ? 102 OLC C C2  1 
HETATM 735 C C21 . OLC G 3 .  ? -13.934 -7.439  10.798  1.00 64.75  ? 102 OLC C C21 1 
HETATM 736 C C1  . OLC G 3 .  ? -14.681 -8.072  8.700   1.00 53.51  ? 102 OLC C C1  1 
HETATM 737 C C22 . OLC G 3 .  ? -12.716 -7.990  11.548  1.00 66.24  ? 102 OLC C C22 1 
HETATM 738 O O19 . OLC G 3 .  ? -15.832 -7.710  8.502   1.00 58.69  ? 102 OLC C O19 1 
HETATM 739 O O25 . OLC G 3 .  ? -12.663 -7.893  13.870  1.00 75.48  ? 102 OLC C O25 1 
HETATM 740 O O23 . OLC G 3 .  ? -12.025 -8.897  10.763  1.00 67.72  ? 102 OLC C O23 1 
HETATM 741 O O20 . OLC G 3 .  ? -14.332 -8.490  9.946   1.00 64.79  ? 102 OLC C O20 1 
HETATM 742 C C18 . OLC H 3 .  ? -11.485 8.575   0.835   1.00 20.16  ? 103 OLC C C18 1 
HETATM 743 C C10 . OLC H 3 .  ? -8.014  3.043   -5.215  1.00 49.83  ? 103 OLC C C10 1 
HETATM 744 C C9  . OLC H 3 .  ? -6.750  3.322   -4.880  1.00 45.02  ? 103 OLC C C9  1 
HETATM 745 C C17 . OLC H 3 .  ? -11.973 7.164   0.551   1.00 21.16  ? 103 OLC C C17 1 
HETATM 746 C C11 . OLC H 3 .  ? -9.072  2.759   -4.195  1.00 41.53  ? 103 OLC C C11 1 
HETATM 747 C C8  . OLC H 3 .  ? -5.720  3.606   -5.922  1.00 41.34  ? 103 OLC C C8  1 
HETATM 748 C C24 . OLC H 3 .  ? -7.958  13.554  -8.146  1.00 72.28  ? 103 OLC C C24 1 
HETATM 749 C C16 . OLC H 3 .  ? -11.284 6.637   -0.689  1.00 25.92  ? 103 OLC C C16 1 
HETATM 750 C C12 . OLC H 3 .  ? -10.142 3.852   -4.222  1.00 44.41  ? 103 OLC C C12 1 
HETATM 751 C C7  . OLC H 3 .  ? -5.414  5.097   -5.991  1.00 38.74  ? 103 OLC C C7  1 
HETATM 752 C C15 . OLC H 3 .  ? -11.760 5.245   -1.081  1.00 28.67  ? 103 OLC C C15 1 
HETATM 753 C C13 . OLC H 3 .  ? -11.014 3.735   -2.967  1.00 38.97  ? 103 OLC C C13 1 
HETATM 754 C C6  . OLC H 3 .  ? -6.544  5.857   -6.697  1.00 53.20  ? 103 OLC C C6  1 
HETATM 755 C C14 . OLC H 3 .  ? -11.539 5.108   -2.587  1.00 40.38  ? 103 OLC C C14 1 
HETATM 756 C C5  . OLC H 3 .  ? -7.382  6.638   -5.681  1.00 61.67  ? 103 OLC C C5  1 
HETATM 757 C C4  . OLC H 3 .  ? -8.537  7.372   -6.371  1.00 58.33  ? 103 OLC C C4  1 
HETATM 758 C C3  . OLC H 3 .  ? -9.644  7.640   -5.354  1.00 53.70  ? 103 OLC C C3  1 
HETATM 759 C C2  . OLC H 3 .  ? -9.597  9.077   -4.823  1.00 50.23  ? 103 OLC C C2  1 
HETATM 760 C C21 . OLC H 3 .  ? -9.373  12.223  -6.607  1.00 49.25  ? 103 OLC C C21 1 
HETATM 761 C C1  . OLC H 3 .  ? -9.680  9.987   -6.005  1.00 52.66  ? 103 OLC C C1  1 
HETATM 762 C C22 . OLC H 3 .  ? -8.169  13.172  -6.663  1.00 55.24  ? 103 OLC C C22 1 
HETATM 763 O O19 . OLC H 3 .  ? -10.366 9.841   -7.006  1.00 46.05  ? 103 OLC C O19 1 
HETATM 764 O O25 . OLC H 3 .  ? -7.398  12.407  -8.716  1.00 77.97  ? 103 OLC C O25 1 
HETATM 765 O O23 . OLC H 3 .  ? -8.369  14.281  -5.866  1.00 53.58  ? 103 OLC C O23 1 
HETATM 766 O O20 . OLC H 3 .  ? -8.889  11.090  -5.913  1.00 52.92  ? 103 OLC C O20 1 
HETATM 767 O O   . HOH I 4 .  ? 10.317  21.108  -18.125 1.00 46.54  ? 201 HOH A O   1 
HETATM 768 O O   . HOH I 4 .  ? 5.357   -23.564 13.076  1.00 46.05  ? 202 HOH A O   1 
HETATM 769 O O   . HOH I 4 .  ? 7.154   16.531  -21.769 1.00 42.04  ? 203 HOH A O   1 
HETATM 770 O O   . HOH I 4 .  ? -5.778  -17.221 11.796  1.00 38.84  ? 204 HOH A O   1 
HETATM 771 O O   . HOH I 4 .  ? 7.478   -20.545 16.116  1.00 42.00  ? 205 HOH A O   1 
HETATM 772 O O   . HOH I 4 .  ? 7.621   9.526   -19.667 1.00 45.92  ? 206 HOH A O   1 
HETATM 773 O O   . HOH I 4 .  ? 2.996   6.735   -22.642 1.00 43.18  ? 207 HOH A O   1 
HETATM 774 O O   . HOH I 4 .  ? -2.529  -19.173 14.497  1.00 60.91  ? 208 HOH A O   1 
HETATM 775 O O   . HOH I 4 .  ? 4.179   9.055   -22.556 1.00 44.32  ? 209 HOH A O   1 
HETATM 776 O O   . HOH I 4 .  ? -1.864  10.093  -15.420 1.00 36.55  ? 210 HOH A O   1 
HETATM 777 O O   . HOH I 4 .  ? 2.166   10.672  -22.187 1.00 47.45  ? 211 HOH A O   1 
HETATM 778 O O   . HOH I 4 .  ? -1.440  -15.320 11.168  1.00 20.87  ? 212 HOH A O   1 
HETATM 779 O O   . HOH I 4 .  ? -3.270  -16.853 12.078  1.00 50.69  ? 213 HOH A O   1 
HETATM 780 O O   . HOH I 4 .  ? 6.399   13.783  -12.920 1.00 61.27  ? 214 HOH A O   1 
HETATM 781 O O   . HOH J 4 .  ? -7.407  -6.229  12.705  1.00 39.95  ? 201 HOH B O   1 
HETATM 782 O O   . HOH J 4 .  ? 12.961  14.330  -1.174  1.00 26.72  ? 202 HOH B O   1 
HETATM 783 O O   . HOH J 4 .  ? -4.439  -10.063 23.453  1.00 39.40  ? 203 HOH B O   1 
HETATM 784 O O   . HOH J 4 .  ? -0.336  -12.210 20.951  1.00 36.04  ? 204 HOH B O   1 
HETATM 785 O O   . HOH J 4 .  ? 8.558   13.743  -11.949 1.00 89.95  ? 205 HOH B O   1 
HETATM 786 O O   . HOH J 4 .  ? -7.385  -8.501  11.760  1.00 31.33  ? 206 HOH B O   1 
HETATM 787 O O   . HOH J 4 .  ? -3.496  -13.639 14.618  1.00 38.64  ? 207 HOH B O   1 
HETATM 788 O O   . HOH J 4 .  ? -5.250  -10.650 12.966  1.00 38.09  ? 208 HOH B O   1 
HETATM 789 O O   . HOH J 4 .  ? 5.680   19.166  -6.497  1.00 42.28  ? 209 HOH B O   1 
HETATM 790 O O   . HOH J 4 .  ? -4.851  -12.820 12.680  1.00 40.90  ? 210 HOH B O   1 
HETATM 791 O O   . HOH K 4 .  ? 11.430  8.555   -12.546 1.00 71.33  ? 201 HOH C O   1 
HETATM 792 O O   . HOH K 4 .  ? -8.311  16.905  -5.303  1.00 41.25  ? 202 HOH C O   1 
HETATM 793 O O   . HOH K 4 .  ? 0.228   16.001  -3.698  1.00 29.43  ? 203 HOH C O   1 
HETATM 794 O O   . HOH K 4 .  ? 6.502   7.763   -17.210 1.00 34.27  ? 204 HOH C O   1 
HETATM 795 O O   . HOH K 4 .  ? -8.068  12.529  -11.691 1.00 75.16  ? 205 HOH C O   1 
HETATM 796 O O   . HOH K 4 .  ? -15.826 -12.709 12.315  1.00 44.39  ? 206 HOH C O   1 
HETATM 797 O O   . HOH K 4 .  ? -14.112 -21.827 6.270   1.00 50.66  ? 207 HOH C O   1 
HETATM 798 O O   . HOH K 4 .  ? -3.427  15.175  -13.952 1.00 49.95  ? 208 HOH C O   1 
HETATM 799 O O   . HOH K 4 .  ? 8.100   11.731  -13.080 1.00 60.37  ? 209 HOH C O   1 
HETATM 800 O O   . HOH K 4 .  ? -16.695 -19.705 8.634   1.00 56.37  ? 210 HOH C O   1 
HETATM 801 O O   . HOH K 4 .  ? -9.430  -9.240  9.732   1.00 29.68  ? 211 HOH C O   1 
HETATM 802 O O   . HOH K 4 .  ? -5.509  -14.061 10.656  1.00 42.71  ? 212 HOH C O   1 
# 
loop_
_atom_site_anisotrop.id 
_atom_site_anisotrop.type_symbol 
_atom_site_anisotrop.pdbx_label_atom_id 
_atom_site_anisotrop.pdbx_label_alt_id 
_atom_site_anisotrop.pdbx_label_comp_id 
_atom_site_anisotrop.pdbx_label_asym_id 
_atom_site_anisotrop.pdbx_label_seq_id 
_atom_site_anisotrop.pdbx_PDB_ins_code 
_atom_site_anisotrop.U[1][1] 
_atom_site_anisotrop.U[2][2] 
_atom_site_anisotrop.U[3][3] 
_atom_site_anisotrop.U[1][2] 
_atom_site_anisotrop.U[1][3] 
_atom_site_anisotrop.U[2][3] 
_atom_site_anisotrop.pdbx_auth_seq_id 
_atom_site_anisotrop.pdbx_auth_comp_id 
_atom_site_anisotrop.pdbx_auth_asym_id 
_atom_site_anisotrop.pdbx_auth_atom_id 
1   N N   . CYS A 1  ? 0.6845 0.7835 1.1823 -0.1780 0.1358  0.1236  8  CYS A N   
2   C CA  . CYS A 1  ? 0.7031 0.8164 1.2092 -0.1611 0.1282  0.1174  8  CYS A CA  
3   C C   . CYS A 1  ? 0.7603 0.9014 1.2572 -0.1475 0.1303  0.1195  8  CYS A C   
4   O O   . CYS A 1  ? 0.7299 0.8623 1.2043 -0.1444 0.1380  0.1294  8  CYS A O   
5   C CB  . CYS A 1  ? 0.6966 0.7761 1.1993 -0.1517 0.1241  0.1218  8  CYS A CB  
6   S SG  . CYS A 1  ? 0.8429 0.9277 1.3616 -0.1438 0.1208  0.1038  8  CYS A SG  
7   N N   . SER A 2  ? 0.8094 0.9793 1.3212 -0.1424 0.1219  0.1098  9  SER A N   
8   C CA  . SER A 2  ? 0.9769 1.1719 1.4840 -0.1288 0.1200  0.1104  9  SER A CA  
9   C C   . SER A 2  ? 1.0466 1.2327 1.5334 -0.1125 0.1168  0.1140  9  SER A C   
10  O O   . SER A 2  ? 1.0850 1.2810 1.5758 -0.1103 0.1076  0.1069  9  SER A O   
11  C CB  . SER A 2  ? 1.0622 1.2892 1.5991 -0.1336 0.1064  0.1008  9  SER A CB  
12  O OG  . SER A 2  ? 1.0842 1.3055 1.6276 -0.1429 0.0935  0.0941  9  SER A OG  
13  N N   . THR A 3  ? 1.0583 1.2227 1.5227 -0.1042 0.1236  0.1254  10 THR A N   
14  C CA  . THR A 3  ? 1.0226 1.1776 1.4719 -0.0881 0.1206  0.1297  10 THR A CA  
15  C C   . THR A 3  ? 0.9374 1.1171 1.3729 -0.0751 0.1170  0.1286  10 THR A C   
16  O O   . THR A 3  ? 1.0182 1.2061 1.4444 -0.0738 0.1220  0.1321  10 THR A O   
17  C CB  . THR A 3  ? 1.0172 1.1385 1.4509 -0.0852 0.1232  0.1458  10 THR A CB  
18  O OG1 . THR A 3  ? 1.0232 1.1414 1.4442 -0.0680 0.1192  0.1512  10 THR A OG1 
19  C CG2 . THR A 3  ? 1.0360 1.1514 1.4478 -0.0954 0.1315  0.1544  10 THR A CG2 
20  N N   . VAL A 4  ? 0.6783 0.8667 1.1123 -0.0682 0.1100  0.1219  11 VAL A N   
21  C CA  . VAL A 4  ? 0.5269 0.7355 0.9473 -0.0570 0.1030  0.1213  11 VAL A CA  
22  C C   . VAL A 4  ? 0.5110 0.7046 0.9020 -0.0406 0.1060  0.1310  11 VAL A C   
23  O O   . VAL A 4  ? 0.4996 0.6707 0.8876 -0.0366 0.1090  0.1358  11 VAL A O   
24  C CB  . VAL A 4  ? 0.4934 0.7138 0.9191 -0.0622 0.0936  0.1120  11 VAL A CB  
25  C CG1 . VAL A 4  ? 0.5137 0.7106 0.9344 -0.0636 0.1025  0.1056  11 VAL A CG1 
26  C CG2 . VAL A 4  ? 0.5074 0.7456 0.9185 -0.0512 0.0834  0.1144  11 VAL A CG2 
27  N N   . SER A 5  ? 0.2154 0.4202 0.5911 -0.0322 0.1041  0.1335  12 SER A N   
28  C CA  . SER A 5  ? 0.2105 0.3998 0.5559 -0.0190 0.1054  0.1432  12 SER A CA  
29  C C   . SER A 5  ? 0.2097 0.3983 0.5409 -0.0079 0.0976  0.1404  12 SER A C   
30  O O   . SER A 5  ? 0.1849 0.3922 0.5189 -0.0090 0.0905  0.1315  12 SER A O   
31  C CB  . SER A 5  ? 0.4384 0.6370 0.7730 -0.0161 0.1086  0.1432  12 SER A CB  
32  O OG  . SER A 5  ? 0.4808 0.6976 0.8128 -0.0073 0.0977  0.1368  12 SER A OG  
33  N N   . PRO A 6  ? 0.3353 0.3109 0.3193 0.0230  -0.0258 0.0837  13 PRO A N   
34  C CA  . PRO A 6  ? 0.3069 0.2812 0.3016 0.0286  -0.0293 0.0735  13 PRO A CA  
35  C C   . PRO A 6  ? 0.3079 0.2945 0.2937 0.0295  -0.0298 0.0620  13 PRO A C   
36  O O   . PRO A 6  ? 0.2610 0.2471 0.2559 0.0303  -0.0290 0.0516  13 PRO A O   
37  C CB  . PRO A 6  ? 0.3136 0.2870 0.3107 0.0349  -0.0378 0.0830  13 PRO A CB  
38  C CG  . PRO A 6  ? 0.4193 0.3866 0.4104 0.0326  -0.0378 0.0983  13 PRO A CG  
39  C CD  . PRO A 6  ? 0.3571 0.3315 0.3351 0.0253  -0.0313 0.0985  13 PRO A CD  
40  N N   . GLY A 7  ? 0.3060 0.3025 0.2733 0.0300  -0.0311 0.0641  14 GLY A N   
41  C CA  . GLY A 7  ? 0.3240 0.3282 0.2799 0.0319  -0.0314 0.0531  14 GLY A CA  
42  C C   . GLY A 7  ? 0.3227 0.3288 0.2829 0.0290  -0.0234 0.0443  14 GLY A C   
43  O O   . GLY A 7  ? 0.2337 0.2397 0.1960 0.0303  -0.0241 0.0338  14 GLY A O   
44  N N   . VAL A 8  ? 0.2574 0.2660 0.2192 0.0242  -0.0166 0.0497  15 VAL A N   
45  C CA  . VAL A 8  ? 0.2193 0.2319 0.1865 0.0204  -0.0098 0.0429  15 VAL A CA  
46  C C   . VAL A 8  ? 0.2084 0.2104 0.1919 0.0185  -0.0099 0.0356  15 VAL A C   
47  O O   . VAL A 8  ? 0.2479 0.2526 0.2339 0.0188  -0.0082 0.0261  15 VAL A O   
48  C CB  . VAL A 8  ? 0.2647 0.2834 0.2320 0.0132  -0.0035 0.0518  15 VAL A CB  
49  C CG1 . VAL A 8  ? 0.2552 0.2762 0.2321 0.0073  0.0017  0.0456  15 VAL A CG1 
50  C CG2 . VAL A 8  ? 0.2783 0.3139 0.2287 0.0160  -0.0008 0.0573  15 VAL A CG2 
51  N N   . LEU A 9  ? 0.3074 0.2973 0.3015 0.0175  -0.0115 0.0406  16 LEU A N   
52  C CA  . LEU A 9  ? 0.2918 0.2716 0.3002 0.0172  -0.0105 0.0336  16 LEU A CA  
53  C C   . LEU A 9  ? 0.2099 0.1939 0.2215 0.0224  -0.0142 0.0254  16 LEU A C   
54  O O   . LEU A 9  ? 0.2116 0.1963 0.2290 0.0212  -0.0115 0.0166  16 LEU A O   
55  C CB  . LEU A 9  ? 0.2805 0.2452 0.2979 0.0184  -0.0119 0.0408  16 LEU A CB  
56  C CG  . LEU A 9  ? 0.3129 0.2673 0.3441 0.0209  -0.0101 0.0332  16 LEU A CG  
57  C CD1 . LEU A 9  ? 0.3320 0.2824 0.3638 0.0135  -0.0040 0.0254  16 LEU A CD1 
58  C CD2 . LEU A 9  ? 0.2934 0.2321 0.3329 0.0255  -0.0118 0.0405  16 LEU A CD2 
59  N N   . ALA A 10 ? 0.2318 0.2191 0.2392 0.0270  -0.0209 0.0290  17 ALA A N   
60  C CA  . ALA A 10 ? 0.2399 0.2317 0.2496 0.0297  -0.0259 0.0226  17 ALA A CA  
61  C C   . ALA A 10 ? 0.2519 0.2486 0.2525 0.0280  -0.0240 0.0138  17 ALA A C   
62  O O   . ALA A 10 ? 0.2357 0.2331 0.2431 0.0273  -0.0238 0.0067  17 ALA A O   
63  C CB  . ALA A 10 ? 0.2343 0.2296 0.2376 0.0330  -0.0350 0.0286  17 ALA A CB  
64  N N   . GLY A 11 ? 0.1994 0.2000 0.1847 0.0282  -0.0223 0.0149  18 GLY A N   
65  C CA  . GLY A 11 ? 0.2902 0.2950 0.2661 0.0289  -0.0200 0.0075  18 GLY A CA  
66  C C   . GLY A 11 ? 0.2923 0.2983 0.2786 0.0253  -0.0139 0.0023  18 GLY A C   
67  O O   . GLY A 11 ? 0.2179 0.2242 0.2041 0.0257  -0.0143 -0.0046 18 GLY A O   
68  N N   . ILE A 12 ? 0.1719 0.1773 0.1659 0.0209  -0.0088 0.0060  19 ILE A N   
69  C CA  . ILE A 12 ? 0.2352 0.2420 0.2364 0.0164  -0.0036 0.0011  19 ILE A CA  
70  C C   . ILE A 12 ? 0.2378 0.2390 0.2501 0.0161  -0.0043 -0.0050 19 ILE A C   
71  O O   . ILE A 12 ? 0.2463 0.2508 0.2605 0.0142  -0.0022 -0.0112 19 ILE A O   
72  C CB  . ILE A 12 ? 0.2160 0.2211 0.2210 0.0098  0.0007  0.0064  19 ILE A CB  
73  C CG1 . ILE A 12 ? 0.2315 0.2483 0.2264 0.0092  0.0028  0.0130  19 ILE A CG1 
74  C CG2 . ILE A 12 ? 0.2673 0.2718 0.2793 0.0037  0.0047  0.0005  19 ILE A CG2 
75  C CD1 . ILE A 12 ? 0.2192 0.2365 0.2177 0.0006  0.0064  0.0205  19 ILE A CD1 
76  N N   . VAL A 13 ? 0.2669 0.2617 0.2868 0.0185  -0.0074 -0.0025 20 VAL A N   
77  C CA  . VAL A 13 ? 0.1767 0.1700 0.2081 0.0195  -0.0070 -0.0074 20 VAL A CA  
78  C C   . VAL A 13 ? 0.2158 0.2156 0.2450 0.0202  -0.0105 -0.0118 20 VAL A C   
79  O O   . VAL A 13 ? 0.2098 0.2123 0.2439 0.0183  -0.0080 -0.0172 20 VAL A O   
80  C CB  . VAL A 13 ? 0.2082 0.1967 0.2497 0.0239  -0.0096 -0.0026 20 VAL A CB  
81  C CG1 . VAL A 13 ? 0.2305 0.2234 0.2844 0.0262  -0.0091 -0.0069 20 VAL A CG1 
82  C CG2 . VAL A 13 ? 0.2988 0.2758 0.3434 0.0232  -0.0057 0.0009  20 VAL A CG2 
83  N N   . VAL A 14 ? 0.1901 0.1910 0.2102 0.0224  -0.0167 -0.0092 21 VAL A N   
84  C CA  . VAL A 14 ? 0.2205 0.2231 0.2361 0.0221  -0.0218 -0.0130 21 VAL A CA  
85  C C   . VAL A 14 ? 0.2338 0.2374 0.2417 0.0210  -0.0178 -0.0179 21 VAL A C   
86  O O   . VAL A 14 ? 0.2181 0.2224 0.2282 0.0192  -0.0183 -0.0217 21 VAL A O   
87  C CB  . VAL A 14 ? 0.2091 0.2094 0.2125 0.0243  -0.0299 -0.0103 21 VAL A CB  
88  C CG1 . VAL A 14 ? 0.2920 0.2887 0.2864 0.0232  -0.0354 -0.0153 21 VAL A CG1 
89  C CG2 . VAL A 14 ? 0.2430 0.2453 0.2561 0.0251  -0.0352 -0.0044 21 VAL A CG2 
90  N N   . GLY A 15 ? 0.2058 0.2112 0.2057 0.0221  -0.0139 -0.0166 22 GLY A N   
91  C CA  . GLY A 15 ? 0.1858 0.1957 0.1804 0.0219  -0.0098 -0.0198 22 GLY A CA  
92  C C   . GLY A 15 ? 0.2285 0.2413 0.2335 0.0173  -0.0058 -0.0233 22 GLY A C   
93  O O   . GLY A 15 ? 0.1854 0.2001 0.1884 0.0171  -0.0060 -0.0266 22 GLY A O   
94  N N   . ASP A 16 ? 0.2085 0.2199 0.2230 0.0140  -0.0026 -0.0225 23 ASP A N   
95  C CA  . ASP A 16 ? 0.1411 0.1537 0.1630 0.0099  0.0012  -0.0270 23 ASP A CA  
96  C C   . ASP A 16 ? 0.2263 0.2400 0.2528 0.0105  -0.0010 -0.0297 23 ASP A C   
97  O O   . ASP A 16 ? 0.2568 0.2747 0.2833 0.0079  0.0009  -0.0330 23 ASP A O   
98  C CB  . ASP A 16 ? 0.2070 0.2133 0.2367 0.0079  0.0046  -0.0270 23 ASP A CB  
99  C CG  . ASP A 16 ? 0.2998 0.3063 0.3355 0.0055  0.0085  -0.0331 23 ASP A CG  
100 O OD1 . ASP A 16 ? 0.3236 0.3294 0.3669 0.0086  0.0085  -0.0341 23 ASP A OD1 
101 O OD2 . ASP A 16 ? 0.3404 0.3501 0.3725 0.0006  0.0113  -0.0365 23 ASP A OD2 
102 N N   . LEU A 17 ? 0.1671 0.1786 0.1978 0.0130  -0.0054 -0.0272 24 LEU A N   
103 C CA  . LEU A 17 ? 0.2193 0.2344 0.2563 0.0119  -0.0079 -0.0280 24 LEU A CA  
104 C C   . LEU A 17 ? 0.2578 0.2719 0.2853 0.0106  -0.0120 -0.0289 24 LEU A C   
105 O O   . LEU A 17 ? 0.1918 0.2094 0.2221 0.0075  -0.0114 -0.0302 24 LEU A O   
106 C CB  . LEU A 17 ? 0.2273 0.2430 0.2718 0.0141  -0.0130 -0.0238 24 LEU A CB  
107 C CG  . LEU A 17 ? 0.1864 0.2019 0.2419 0.0171  -0.0086 -0.0224 24 LEU A CG  
108 C CD1 . LEU A 17 ? 0.2067 0.2252 0.2706 0.0206  -0.0142 -0.0165 24 LEU A CD1 
109 C CD2 . LEU A 17 ? 0.2510 0.2712 0.3150 0.0164  -0.0013 -0.0270 24 LEU A CD2 
110 N N   . VAL A 18 ? 0.1835 0.1918 0.1987 0.0135  -0.0158 -0.0283 25 VAL A N   
111 C CA  . VAL A 18 ? 0.1696 0.1731 0.1739 0.0143  -0.0194 -0.0299 25 VAL A CA  
112 C C   . VAL A 18 ? 0.2211 0.2297 0.2243 0.0136  -0.0141 -0.0317 25 VAL A C   
113 O O   . VAL A 18 ? 0.2206 0.2278 0.2223 0.0118  -0.0159 -0.0321 25 VAL A O   
114 C CB  . VAL A 18 ? 0.2293 0.2253 0.2183 0.0198  -0.0233 -0.0300 25 VAL A CB  
115 C CG1 . VAL A 18 ? 0.2522 0.2410 0.2285 0.0231  -0.0253 -0.0326 25 VAL A CG1 
116 C CG2 . VAL A 18 ? 0.2272 0.2175 0.2143 0.0192  -0.0309 -0.0283 25 VAL A CG2 
117 N N   . LEU A 19 ? 0.1942 0.2091 0.1984 0.0141  -0.0085 -0.0319 26 LEU A N   
118 C CA  . LEU A 19 ? 0.1671 0.1898 0.1710 0.0123  -0.0043 -0.0330 26 LEU A CA  
119 C C   . LEU A 19 ? 0.1708 0.1970 0.1824 0.0068  -0.0022 -0.0347 26 LEU A C   
120 O O   . LEU A 19 ? 0.1719 0.2028 0.1814 0.0052  -0.0015 -0.0350 26 LEU A O   
121 C CB  . LEU A 19 ? 0.1734 0.2033 0.1788 0.0109  0.0006  -0.0323 26 LEU A CB  
122 C CG  . LEU A 19 ? 0.1605 0.2012 0.1665 0.0073  0.0039  -0.0330 26 LEU A CG  
123 C CD1 . LEU A 19 ? 0.1842 0.2295 0.1826 0.0131  0.0022  -0.0312 26 LEU A CD1 
124 C CD2 . LEU A 19 ? 0.1919 0.2389 0.2006 0.0028  0.0075  -0.0317 26 LEU A CD2 
125 N N   . THR A 20 ? 0.1854 0.2108 0.2059 0.0049  -0.0010 -0.0354 27 THR A N   
126 C CA  . THR A 20 ? 0.2065 0.2371 0.2342 0.0010  0.0023  -0.0373 27 THR A CA  
127 C C   . THR A 20 ? 0.1876 0.2188 0.2146 -0.0006 -0.0017 -0.0350 27 THR A C   
128 O O   . THR A 20 ? 0.1843 0.2214 0.2108 -0.0040 0.0004  -0.0352 27 THR A O   
129 C CB  . THR A 20 ? 0.1494 0.1794 0.1873 0.0019  0.0051  -0.0383 27 THR A CB  
130 O OG1 . THR A 20 ? 0.2418 0.2675 0.2791 0.0024  0.0085  -0.0401 27 THR A OG1 
131 C CG2 . THR A 20 ? 0.1498 0.1875 0.1942 -0.0004 0.0097  -0.0406 27 THR A CG2 
132 N N   . VAL A 21 ? 0.2006 0.2255 0.2269 0.0007  -0.0081 -0.0322 28 VAL A N   
133 C CA  . VAL A 21 ? 0.1753 0.1968 0.1988 -0.0023 -0.0137 -0.0294 28 VAL A CA  
134 C C   . VAL A 21 ? 0.2486 0.2663 0.2615 -0.0013 -0.0143 -0.0293 28 VAL A C   
135 O O   . VAL A 21 ? 0.2097 0.2297 0.2226 -0.0053 -0.0147 -0.0269 28 VAL A O   
136 C CB  . VAL A 21 ? 0.2549 0.2660 0.2747 -0.0016 -0.0223 -0.0275 28 VAL A CB  
137 C CG1 . VAL A 21 ? 0.2233 0.2263 0.2382 -0.0062 -0.0293 -0.0247 28 VAL A CG1 
138 C CG2 . VAL A 21 ? 0.2150 0.2327 0.2471 -0.0025 -0.0230 -0.0258 28 VAL A CG2 
139 N N   . LEU A 22 ? 0.1928 0.2062 0.1969 0.0045  -0.0143 -0.0308 29 LEU A N   
140 C CA  . LEU A 22 ? 0.1758 0.1873 0.1707 0.0081  -0.0149 -0.0301 29 LEU A CA  
141 C C   . LEU A 22 ? 0.1348 0.1592 0.1334 0.0044  -0.0100 -0.0295 29 LEU A C   
142 O O   . LEU A 22 ? 0.1944 0.2184 0.1887 0.0042  -0.0117 -0.0267 29 LEU A O   
143 C CB  . LEU A 22 ? 0.1692 0.1795 0.1561 0.0161  -0.0140 -0.0313 29 LEU A CB  
144 C CG  . LEU A 22 ? 0.2292 0.2239 0.2058 0.0213  -0.0200 -0.0323 29 LEU A CG  
145 C CD1 . LEU A 22 ? 0.2398 0.2372 0.2092 0.0295  -0.0174 -0.0334 29 LEU A CD1 
146 C CD2 . LEU A 22 ? 0.2229 0.2030 0.1900 0.0233  -0.0259 -0.0315 29 LEU A CD2 
147 N N   . ILE A 23 ? 0.1867 0.2209 0.1919 0.0014  -0.0043 -0.0322 30 ILE A N   
148 C CA  . ILE A 23 ? 0.2106 0.2564 0.2171 -0.0032 -0.0002 -0.0330 30 ILE A CA  
149 C C   . ILE A 23 ? 0.1813 0.2295 0.1902 -0.0083 -0.0001 -0.0312 30 ILE A C   
150 O O   . ILE A 23 ? 0.1758 0.2296 0.1807 -0.0104 -0.0003 -0.0285 30 ILE A O   
151 C CB  . ILE A 23 ? 0.1492 0.2002 0.1601 -0.0062 0.0051  -0.0375 30 ILE A CB  
152 C CG1 . ILE A 23 ? 0.1621 0.2154 0.1702 -0.0036 0.0052  -0.0370 30 ILE A CG1 
153 C CG2 . ILE A 23 ? 0.1903 0.2510 0.2006 -0.0122 0.0090  -0.0401 30 ILE A CG2 
154 C CD1 . ILE A 23 ? 0.1890 0.2418 0.2008 -0.0069 0.0088  -0.0402 30 ILE A CD1 
155 N N   . ALA A 24 ? 0.1694 0.2155 0.1855 -0.0100 -0.0002 -0.0312 31 ALA A N   
156 C CA  . ALA A 24 ? 0.2150 0.2668 0.2351 -0.0152 0.0004  -0.0279 31 ALA A CA  
157 C C   . ALA A 24 ? 0.2170 0.2614 0.2310 -0.0167 -0.0062 -0.0216 31 ALA A C   
158 O O   . ALA A 24 ? 0.1787 0.2294 0.1911 -0.0213 -0.0055 -0.0175 31 ALA A O   
159 C CB  . ALA A 24 ? 0.2235 0.2774 0.2546 -0.0160 0.0010  -0.0278 31 ALA A CB  
160 N N   . LEU A 25 ? 0.2345 0.2641 0.2430 -0.0127 -0.0127 -0.0208 32 LEU A N   
161 C CA  . LEU A 25 ? 0.2526 0.2690 0.2526 -0.0128 -0.0196 -0.0157 32 LEU A CA  
162 C C   . LEU A 25 ? 0.1849 0.2042 0.1775 -0.0096 -0.0185 -0.0138 32 LEU A C   
163 O O   . LEU A 25 ? 0.2304 0.2464 0.2193 -0.0125 -0.0215 -0.0078 32 LEU A O   
164 C CB  . LEU A 25 ? 0.1552 0.1528 0.1476 -0.0074 -0.0265 -0.0174 32 LEU A CB  
165 C CG  . LEU A 25 ? 0.2549 0.2475 0.2527 -0.0122 -0.0311 -0.0172 32 LEU A CG  
166 C CD1 . LEU A 25 ? 0.2493 0.2257 0.2368 -0.0055 -0.0364 -0.0210 32 LEU A CD1 
167 C CD2 . LEU A 25 ? 0.2164 0.2039 0.2159 -0.0216 -0.0371 -0.0107 32 LEU A CD2 
168 N N   . ALA A 26 ? 0.1723 0.1988 0.1635 -0.0039 -0.0148 -0.0177 33 ALA A N   
169 C CA  . ALA A 26 ? 0.1794 0.2125 0.1652 -0.0006 -0.0143 -0.0150 33 ALA A CA  
170 C C   . ALA A 26 ? 0.1818 0.2284 0.1695 -0.0083 -0.0114 -0.0120 33 ALA A C   
171 O O   . ALA A 26 ? 0.1862 0.2329 0.1686 -0.0081 -0.0142 -0.0059 33 ALA A O   
172 C CB  . ALA A 26 ? 0.1724 0.2158 0.1588 0.0043  -0.0106 -0.0188 33 ALA A CB  
173 N N   . VAL A 27 ? 0.1719 0.2293 0.1659 -0.0142 -0.0058 -0.0163 34 VAL A N   
174 C CA  . VAL A 27 ? 0.2321 0.3032 0.2260 -0.0212 -0.0020 -0.0149 34 VAL A CA  
175 C C   . VAL A 27 ? 0.2398 0.3071 0.2329 -0.0256 -0.0052 -0.0069 34 VAL A C   
176 O O   . VAL A 27 ? 0.1984 0.2715 0.1859 -0.0284 -0.0062 -0.0008 34 VAL A O   
177 C CB  . VAL A 27 ? 0.2041 0.2839 0.2039 -0.0248 0.0052  -0.0220 34 VAL A CB  
178 C CG1 . VAL A 27 ? 0.1651 0.2581 0.1630 -0.0312 0.0097  -0.0207 34 VAL A CG1 
179 C CG2 . VAL A 27 ? 0.1622 0.2451 0.1609 -0.0233 0.0079  -0.0291 34 VAL A CG2 
180 N N   . TYR A 28 ? 0.1776 0.2355 0.1764 -0.0270 -0.0076 -0.0059 35 TYR A N   
181 C CA  . TYR A 28 ? 0.2299 0.2831 0.2291 -0.0333 -0.0118 0.0027  35 TYR A CA  
182 C C   . TYR A 28 ? 0.2371 0.2761 0.2261 -0.0314 -0.0191 0.0101  35 TYR A C   
183 O O   . TYR A 28 ? 0.2506 0.2939 0.2364 -0.0369 -0.0199 0.0183  35 TYR A O   
184 C CB  . TYR A 28 ? 0.2010 0.2448 0.2073 -0.0353 -0.0157 0.0027  35 TYR A CB  
185 C CG  . TYR A 28 ? 0.2305 0.2665 0.2366 -0.0435 -0.0223 0.0125  35 TYR A CG  
186 C CD1 . TYR A 28 ? 0.2340 0.2869 0.2468 -0.0528 -0.0186 0.0192  35 TYR A CD1 
187 C CD2 . TYR A 28 ? 0.2123 0.2231 0.2101 -0.0423 -0.0321 0.0152  35 TYR A CD2 
188 C CE1 . TYR A 28 ? 0.2731 0.3196 0.2861 -0.0624 -0.0251 0.0300  35 TYR A CE1 
189 C CE2 . TYR A 28 ? 0.2864 0.2866 0.2828 -0.0515 -0.0392 0.0245  35 TYR A CE2 
190 C CZ  . TYR A 28 ? 0.2804 0.2991 0.2853 -0.0624 -0.0359 0.0326  35 TYR A CZ  
191 O OH  . TYR A 28 ? 0.3782 0.3865 0.3823 -0.0734 -0.0436 0.0434  35 TYR A OH  
192 N N   . PHE A 29 ? 0.2104 0.2324 0.1935 -0.0227 -0.0239 0.0076  36 PHE A N   
193 C CA  . PHE A 29 ? 0.2718 0.2761 0.2446 -0.0181 -0.0308 0.0139  36 PHE A CA  
194 C C   . PHE A 29 ? 0.2598 0.2763 0.2281 -0.0151 -0.0291 0.0184  36 PHE A C   
195 O O   . PHE A 29 ? 0.2984 0.3073 0.2606 -0.0160 -0.0336 0.0274  36 PHE A O   
196 C CB  . PHE A 29 ? 0.2139 0.1988 0.1803 -0.0072 -0.0349 0.0085  36 PHE A CB  
197 C CG  . PHE A 29 ? 0.2389 0.2042 0.2042 -0.0103 -0.0407 0.0066  36 PHE A CG  
198 C CD1 . PHE A 29 ? 0.2962 0.2436 0.2575 -0.0177 -0.0483 0.0135  36 PHE A CD1 
199 C CD2 . PHE A 29 ? 0.2922 0.2571 0.2599 -0.0069 -0.0395 -0.0013 36 PHE A CD2 
200 C CE1 . PHE A 29 ? 0.2733 0.2032 0.2332 -0.0225 -0.0551 0.0117  36 PHE A CE1 
201 C CE2 . PHE A 29 ? 0.3865 0.3350 0.3526 -0.0106 -0.0459 -0.0029 36 PHE A CE2 
202 C CZ  . PHE A 29 ? 0.3390 0.2700 0.3011 -0.0188 -0.0540 0.0033  36 PHE A CZ  
203 N N   . LEU A 30 ? 0.2571 0.2922 0.2281 -0.0121 -0.0233 0.0127  37 LEU A N   
204 C CA  . LEU A 30 ? 0.2579 0.3076 0.2250 -0.0102 -0.0227 0.0171  37 LEU A CA  
205 C C   . LEU A 30 ? 0.3042 0.3692 0.2711 -0.0208 -0.0199 0.0216  37 LEU A C   
206 O O   . LEU A 30 ? 0.3214 0.3931 0.2825 -0.0216 -0.0220 0.0298  37 LEU A O   
207 C CB  . LEU A 30 ? 0.2578 0.3229 0.2278 -0.0056 -0.0186 0.0100  37 LEU A CB  
208 C CG  . LEU A 30 ? 0.2683 0.3219 0.2379 0.0057  -0.0205 0.0067  37 LEU A CG  
209 C CD1 . LEU A 30 ? 0.2680 0.3373 0.2425 0.0069  -0.0157 0.0001  37 LEU A CD1 
210 C CD2 . LEU A 30 ? 0.3161 0.3614 0.2790 0.0166  -0.0256 0.0138  37 LEU A CD2 
211 N N   . GLY A 31 ? 0.2630 0.3344 0.2358 -0.0283 -0.0147 0.0169  38 GLY A N   
212 C CA  . GLY A 31 ? 0.2868 0.3746 0.2588 -0.0376 -0.0103 0.0201  38 GLY A CA  
213 C C   . GLY A 31 ? 0.3288 0.4107 0.2974 -0.0432 -0.0146 0.0329  38 GLY A C   
214 O O   . GLY A 31 ? 0.4059 0.5024 0.3700 -0.0494 -0.0123 0.0389  38 GLY A O   
215 N N   . ARG A 32 ? 0.3334 0.3927 0.3027 -0.0419 -0.0214 0.0373  39 ARG A N   
216 C CA  . ARG A 32 ? 0.4443 0.4948 0.4109 -0.0494 -0.0265 0.0502  39 ARG A CA  
217 C C   . ARG A 32 ? 0.4024 0.4364 0.3587 -0.0438 -0.0343 0.0595  39 ARG A C   
218 O O   . ARG A 32 ? 0.5711 0.5912 0.5235 -0.0495 -0.0401 0.0711  39 ARG A O   
219 C CB  . ARG A 32 ? 0.5018 0.5361 0.4747 -0.0545 -0.0305 0.0505  39 ARG A CB  
220 C CG  . ARG A 32 ? 0.5626 0.5704 0.5324 -0.0454 -0.0370 0.0447  39 ARG A CG  
221 C CD  . ARG A 32 ? 0.5948 0.5879 0.5695 -0.0524 -0.0423 0.0452  39 ARG A CD  
222 N NE  . ARG A 32 ? 0.8194 0.8001 0.7914 -0.0634 -0.0493 0.0581  39 ARG A NE  
223 C CZ  . ARG A 32 ? 0.9210 0.9166 0.9022 -0.0771 -0.0477 0.0654  39 ARG A CZ  
224 N NH1 . ARG A 32 ? 0.9359 0.9589 0.9296 -0.0796 -0.0389 0.0602  39 ARG A NH1 
225 N NH2 . ARG A 32 ? 0.9338 0.9169 0.9120 -0.0882 -0.0548 0.0785  39 ARG A NH2 
226 N N   . LEU A 33 ? 0.3884 0.4248 0.3408 -0.0327 -0.0345 0.0556  40 LEU A N   
227 C CA  . LEU A 33 ? 0.4738 0.4972 0.4177 -0.0243 -0.0413 0.0645  40 LEU A CA  
228 C C   . LEU A 33 ? 0.6849 0.7249 0.6235 -0.0296 -0.0413 0.0762  40 LEU A C   
229 O O   . LEU A 33 ? 0.6167 0.6839 0.5563 -0.0349 -0.0353 0.0732  40 LEU A O   
230 C CB  . LEU A 33 ? 0.4223 0.4476 0.3660 -0.0099 -0.0409 0.0573  40 LEU A CB  
231 C CG  . LEU A 33 ? 0.4351 0.4416 0.3806 -0.0020 -0.0417 0.0475  40 LEU A CG  
232 C CD1 . LEU A 33 ? 0.2932 0.3100 0.2399 0.0109  -0.0394 0.0417  40 LEU A CD1 
233 C CD2 . LEU A 33 ? 0.4675 0.4388 0.4052 0.0016  -0.0499 0.0523  40 LEU A CD2 
234 O OXT . LEU A 33 ? 0.6913 0.7168 0.6230 -0.0288 -0.0479 0.0888  40 LEU A OXT 
235 S SG  . CYS B 1  ? 1.1570 0.9239 1.3852 -0.1173 -0.0794 0.3066  8  CYS B SG  
236 N N   . VAL B 4  ? 1.2546 1.1393 1.6158 -0.1429 -0.0357 0.2559  11 VAL B N   
237 C CA  . VAL B 4  ? 1.1546 1.0386 1.5040 -0.1318 -0.0037 0.2313  11 VAL B CA  
238 C C   . VAL B 4  ? 1.0777 0.9197 1.3501 -0.1309 0.0087  0.2074  11 VAL B C   
239 O O   . VAL B 4  ? 1.2334 1.0473 1.4581 -0.1445 -0.0068 0.2067  11 VAL B O   
240 C CB  . VAL B 4  ? 1.0995 1.0001 1.4696 -0.1437 -0.0017 0.2276  11 VAL B CB  
241 C CG1 . VAL B 4  ? 1.1085 0.9797 1.4223 -0.1653 -0.0125 0.2179  11 VAL B CG1 
242 C CG2 . VAL B 4  ? 1.0411 0.9467 1.4161 -0.1262 0.0300  0.2111  11 VAL B CG2 
243 N N   . SER B 5  ? 0.8115 0.6511 1.0751 -0.1146 0.0352  0.1883  12 SER B N   
244 C CA  . SER B 5  ? 0.7342 0.5399 0.9370 -0.1122 0.0466  0.1661  12 SER B CA  
245 C C   . SER B 5  ? 0.7454 0.5306 0.9045 -0.1212 0.0497  0.1524  12 SER B C   
246 O O   . SER B 5  ? 0.4958 0.2943 0.6747 -0.1224 0.0541  0.1547  12 SER B O   
247 C CB  . SER B 5  ? 0.5795 0.3966 0.8014 -0.0901 0.0711  0.1518  12 SER B CB  
248 O OG  . SER B 5  ? 0.5967 0.4268 0.8325 -0.0792 0.0880  0.1411  12 SER B OG  
249 N N   . PRO B 6  ? 0.5989 0.5245 0.5786 -0.0135 0.0801  0.0539  13 PRO B N   
250 C CA  . PRO B 6  ? 0.6371 0.5786 0.6191 -0.0151 0.0778  0.0415  13 PRO B CA  
251 C C   . PRO B 6  ? 0.5688 0.5248 0.5792 -0.0157 0.0754  0.0279  13 PRO B C   
252 O O   . PRO B 6  ? 0.4725 0.4418 0.4853 -0.0139 0.0682  0.0195  13 PRO B O   
253 C CB  . PRO B 6  ? 0.6546 0.5913 0.6283 -0.0211 0.0926  0.0407  13 PRO B CB  
254 C CG  . PRO B 6  ? 0.6286 0.5491 0.6048 -0.0245 0.1044  0.0496  13 PRO B CG  
255 C CD  . PRO B 6  ? 0.6466 0.5570 0.6151 -0.0183 0.0949  0.0619  13 PRO B CD  
256 N N   . GLY B 7  ? 0.5322 0.4847 0.5629 -0.0182 0.0814  0.0259  14 GLY B N   
257 C CA  . GLY B 7  ? 0.4816 0.4477 0.5374 -0.0189 0.0780  0.0133  14 GLY B CA  
258 C C   . GLY B 7  ? 0.4351 0.4076 0.4910 -0.0128 0.0639  0.0129  14 GLY B C   
259 O O   . GLY B 7  ? 0.3223 0.3093 0.3867 -0.0116 0.0572  0.0032  14 GLY B O   
260 N N   . VAL B 8  ? 0.4200 0.3815 0.4667 -0.0087 0.0596  0.0238  15 VAL B N   
261 C CA  . VAL B 8  ? 0.3171 0.2849 0.3638 -0.0031 0.0471  0.0239  15 VAL B CA  
262 C C   . VAL B 8  ? 0.3317 0.3086 0.3626 -0.0010 0.0386  0.0227  15 VAL B C   
263 O O   . VAL B 8  ? 0.3018 0.2901 0.3380 0.0008  0.0309  0.0161  15 VAL B O   
264 C CB  . VAL B 8  ? 0.3829 0.3383 0.4242 0.0018  0.0439  0.0365  15 VAL B CB  
265 C CG1 . VAL B 8  ? 0.2845 0.2484 0.3224 0.0075  0.0305  0.0373  15 VAL B CG1 
266 C CG2 . VAL B 8  ? 0.2896 0.2360 0.3508 0.0009  0.0512  0.0360  15 VAL B CG2 
267 N N   . LEU B 9  ? 0.3334 0.3042 0.3443 -0.0020 0.0412  0.0289  16 LEU B N   
268 C CA  . LEU B 9  ? 0.2539 0.2311 0.2490 -0.0006 0.0338  0.0276  16 LEU B CA  
269 C C   . LEU B 9  ? 0.3263 0.3153 0.3296 -0.0021 0.0346  0.0158  16 LEU B C   
270 O O   . LEU B 9  ? 0.2801 0.2762 0.2790 -0.0001 0.0267  0.0123  16 LEU B O   
271 C CB  . LEU B 9  ? 0.4218 0.3895 0.3921 -0.0017 0.0372  0.0357  16 LEU B CB  
272 C CG  . LEU B 9  ? 0.5902 0.5488 0.5462 0.0019  0.0313  0.0488  16 LEU B CG  
273 C CD1 . LEU B 9  ? 0.7034 0.6534 0.6314 0.0002  0.0346  0.0561  16 LEU B CD1 
274 C CD2 . LEU B 9  ? 0.5455 0.5129 0.5030 0.0064  0.0171  0.0482  16 LEU B CD2 
275 N N   . ALA B 10 ? 0.3516 0.3428 0.3677 -0.0058 0.0440  0.0099  17 ALA B N   
276 C CA  . ALA B 10 ? 0.2533 0.2572 0.2807 -0.0062 0.0442  -0.0010 17 ALA B CA  
277 C C   . ALA B 10 ? 0.2524 0.2663 0.2923 -0.0033 0.0351  -0.0064 17 ALA B C   
278 O O   . ALA B 10 ? 0.2712 0.2931 0.3101 -0.0010 0.0294  -0.0109 17 ALA B O   
279 C CB  . ALA B 10 ? 0.3240 0.3305 0.3666 -0.0107 0.0555  -0.0066 17 ALA B CB  
280 N N   . GLY B 11 ? 0.2462 0.2582 0.2972 -0.0035 0.0346  -0.0057 18 GLY B N   
281 C CA  . GLY B 11 ? 0.2266 0.2470 0.2870 -0.0011 0.0270  -0.0104 18 GLY B CA  
282 C C   . GLY B 11 ? 0.2633 0.2838 0.3112 0.0027  0.0177  -0.0061 18 GLY B C   
283 O O   . GLY B 11 ? 0.2427 0.2718 0.2924 0.0044  0.0119  -0.0109 18 GLY B O   
284 N N   . ILE B 12 ? 0.2040 0.2153 0.2393 0.0038  0.0162  0.0030  19 ILE B N   
285 C CA  . ILE B 12 ? 0.2000 0.2127 0.2253 0.0067  0.0072  0.0066  19 ILE B CA  
286 C C   . ILE B 12 ? 0.1949 0.2121 0.2099 0.0064  0.0044  0.0029  19 ILE B C   
287 O O   . ILE B 12 ? 0.2205 0.2436 0.2365 0.0077  -0.0016 0.0000  19 ILE B O   
288 C CB  . ILE B 12 ? 0.2367 0.2403 0.2498 0.0081  0.0052  0.0171  19 ILE B CB  
289 C CG1 . ILE B 12 ? 0.2899 0.2885 0.3153 0.0102  0.0063  0.0216  19 ILE B CG1 
290 C CG2 . ILE B 12 ? 0.2501 0.2575 0.2520 0.0098  -0.0043 0.0193  19 ILE B CG2 
291 C CD1 . ILE B 12 ? 0.3379 0.3444 0.3775 0.0125  0.0012  0.0172  19 ILE B CD1 
292 N N   . VAL B 13 ? 0.2102 0.2237 0.2161 0.0045  0.0098  0.0028  20 VAL B N   
293 C CA  . VAL B 13 ? 0.1973 0.2126 0.1935 0.0045  0.0085  -0.0009 20 VAL B CA  
294 C C   . VAL B 13 ? 0.2125 0.2367 0.2208 0.0059  0.0076  -0.0085 20 VAL B C   
295 O O   . VAL B 13 ? 0.1787 0.2053 0.1841 0.0074  0.0022  -0.0100 20 VAL B O   
296 C CB  . VAL B 13 ? 0.2220 0.2315 0.2071 0.0021  0.0164  -0.0005 20 VAL B CB  
297 C CG1 . VAL B 13 ? 0.2673 0.2789 0.2469 0.0024  0.0167  -0.0064 20 VAL B CG1 
298 C CG2 . VAL B 13 ? 0.2690 0.2698 0.2363 0.0011  0.0156  0.0078  20 VAL B CG2 
299 N N   . VAL B 14 ? 0.1858 0.2148 0.2078 0.0054  0.0126  -0.0128 21 VAL B N   
300 C CA  . VAL B 14 ? 0.1966 0.2356 0.2300 0.0074  0.0103  -0.0193 21 VAL B CA  
301 C C   . VAL B 14 ? 0.2107 0.2537 0.2473 0.0090  0.0033  -0.0195 21 VAL B C   
302 O O   . VAL B 14 ? 0.1997 0.2466 0.2348 0.0114  -0.0011 -0.0213 21 VAL B O   
303 C CB  . VAL B 14 ? 0.1843 0.2303 0.2339 0.0061  0.0159  -0.0249 21 VAL B CB  
304 C CG1 . VAL B 14 ? 0.3217 0.3800 0.3820 0.0089  0.0112  -0.0312 21 VAL B CG1 
305 C CG2 . VAL B 14 ? 0.1618 0.2052 0.2099 0.0042  0.0244  -0.0257 21 VAL B CG2 
306 N N   . GLY B 15 ? 0.1530 0.1940 0.1938 0.0079  0.0029  -0.0170 22 GLY B N   
307 C CA  . GLY B 15 ? 0.2378 0.2823 0.2820 0.0091  -0.0023 -0.0175 22 GLY B CA  
308 C C   . GLY B 15 ? 0.2227 0.2651 0.2559 0.0103  -0.0076 -0.0144 22 GLY B C   
309 O O   . GLY B 15 ? 0.1568 0.2036 0.1905 0.0113  -0.0110 -0.0164 22 GLY B O   
310 N N   . ASP B 16 ? 0.2148 0.2506 0.2371 0.0095  -0.0079 -0.0096 23 ASP B N   
311 C CA  . ASP B 16 ? 0.1702 0.2046 0.1830 0.0094  -0.0127 -0.0081 23 ASP B CA  
312 C C   . ASP B 16 ? 0.2076 0.2433 0.2173 0.0101  -0.0129 -0.0119 23 ASP B C   
313 O O   . ASP B 16 ? 0.1884 0.2255 0.1973 0.0101  -0.0161 -0.0124 23 ASP B O   
314 C CB  . ASP B 16 ? 0.1895 0.2176 0.1897 0.0080  -0.0132 -0.0037 23 ASP B CB  
315 C CG  . ASP B 16 ? 0.4093 0.4369 0.4002 0.0067  -0.0180 -0.0041 23 ASP B CG  
316 O OD1 . ASP B 16 ? 0.2494 0.2811 0.2456 0.0068  -0.0226 -0.0040 23 ASP B OD1 
317 O OD2 . ASP B 16 ? 0.3684 0.3912 0.3478 0.0053  -0.0164 -0.0053 23 ASP B OD2 
318 N N   . LEU B 17 ? 0.2129 0.2474 0.2217 0.0108  -0.0088 -0.0143 24 LEU B N   
319 C CA  . LEU B 17 ? 0.2052 0.2399 0.2126 0.0128  -0.0086 -0.0171 24 LEU B CA  
320 C C   . LEU B 17 ? 0.2143 0.2554 0.2289 0.0152  -0.0116 -0.0185 24 LEU B C   
321 O O   . LEU B 17 ? 0.2225 0.2616 0.2328 0.0162  -0.0137 -0.0179 24 LEU B O   
322 C CB  . LEU B 17 ? 0.1880 0.2230 0.1981 0.0141  -0.0031 -0.0200 24 LEU B CB  
323 C CG  . LEU B 17 ? 0.1831 0.2112 0.1837 0.0115  0.0016  -0.0191 24 LEU B CG  
324 C CD1 . LEU B 17 ? 0.1952 0.2250 0.2013 0.0126  0.0086  -0.0230 24 LEU B CD1 
325 C CD2 . LEU B 17 ? 0.2465 0.2672 0.2333 0.0100  -0.0005 -0.0186 24 LEU B CD2 
326 N N   . VAL B 18 ? 0.1781 0.2263 0.2025 0.0156  -0.0112 -0.0205 25 VAL B N   
327 C CA  . VAL B 18 ? 0.2135 0.2692 0.2429 0.0174  -0.0140 -0.0228 25 VAL B CA  
328 C C   . VAL B 18 ? 0.1865 0.2407 0.2119 0.0161  -0.0166 -0.0207 25 VAL B C   
329 O O   . VAL B 18 ? 0.1919 0.2463 0.2128 0.0176  -0.0184 -0.0200 25 VAL B O   
330 C CB  . VAL B 18 ? 0.1817 0.2456 0.2229 0.0168  -0.0127 -0.0273 25 VAL B CB  
331 C CG1 . VAL B 18 ? 0.1562 0.2282 0.1996 0.0180  -0.0163 -0.0302 25 VAL B CG1 
332 C CG2 . VAL B 18 ? 0.0992 0.1670 0.1475 0.0177  -0.0096 -0.0304 25 VAL B CG2 
333 N N   . LEU B 19 ? 0.1742 0.2267 0.2016 0.0137  -0.0164 -0.0192 26 LEU B N   
334 C CA  . LEU B 19 ? 0.1387 0.1925 0.1666 0.0126  -0.0181 -0.0182 26 LEU B CA  
335 C C   . LEU B 19 ? 0.1626 0.2116 0.1822 0.0115  -0.0197 -0.0157 26 LEU B C   
336 O O   . LEU B 19 ? 0.1749 0.2253 0.1941 0.0106  -0.0201 -0.0156 26 LEU B O   
337 C CB  . LEU B 19 ? 0.1974 0.2510 0.2320 0.0114  -0.0179 -0.0169 26 LEU B CB  
338 C CG  . LEU B 19 ? 0.4097 0.4685 0.4536 0.0113  -0.0172 -0.0195 26 LEU B CG  
339 C CD1 . LEU B 19 ? 0.3816 0.4457 0.4295 0.0117  -0.0153 -0.0251 26 LEU B CD1 
340 C CD2 . LEU B 19 ? 0.3763 0.4329 0.4281 0.0114  -0.0166 -0.0171 26 LEU B CD2 
341 N N   . THR B 20 ? 0.1723 0.2153 0.1854 0.0109  -0.0196 -0.0143 27 THR B N   
342 C CA  . THR B 20 ? 0.1614 0.1990 0.1672 0.0089  -0.0206 -0.0133 27 THR B CA  
343 C C   . THR B 20 ? 0.1926 0.2275 0.1950 0.0107  -0.0194 -0.0136 27 THR B C   
344 O O   . THR B 20 ? 0.1735 0.2059 0.1738 0.0089  -0.0193 -0.0127 27 THR B O   
345 C CB  . THR B 20 ? 0.1757 0.2073 0.1739 0.0076  -0.0203 -0.0133 27 THR B CB  
346 O OG1 . THR B 20 ? 0.1824 0.2159 0.1814 0.0064  -0.0222 -0.0113 27 THR B OG1 
347 C CG2 . THR B 20 ? 0.2139 0.2397 0.2055 0.0045  -0.0212 -0.0141 27 THR B CG2 
348 N N   . VAL B 21 ? 0.1894 0.2250 0.1925 0.0145  -0.0182 -0.0144 28 VAL B N   
349 C CA  . VAL B 21 ? 0.2206 0.2539 0.2204 0.0179  -0.0181 -0.0132 28 VAL B CA  
350 C C   . VAL B 21 ? 0.1678 0.2065 0.1679 0.0178  -0.0191 -0.0124 28 VAL B C   
351 O O   . VAL B 21 ? 0.2063 0.2402 0.2004 0.0179  -0.0183 -0.0096 28 VAL B O   
352 C CB  . VAL B 21 ? 0.1627 0.1988 0.1657 0.0230  -0.0179 -0.0145 28 VAL B CB  
353 C CG1 . VAL B 21 ? 0.1369 0.1726 0.1368 0.0278  -0.0193 -0.0118 28 VAL B CG1 
354 C CG2 . VAL B 21 ? 0.1878 0.2175 0.1895 0.0231  -0.0150 -0.0158 28 VAL B CG2 
355 N N   . LEU B 22 ? 0.1546 0.2023 0.1614 0.0172  -0.0199 -0.0150 29 LEU B N   
356 C CA  . LEU B 22 ? 0.1584 0.2116 0.1646 0.0169  -0.0201 -0.0156 29 LEU B CA  
357 C C   . LEU B 22 ? 0.1894 0.2398 0.1942 0.0129  -0.0182 -0.0142 29 LEU B C   
358 O O   . LEU B 22 ? 0.2015 0.2512 0.2006 0.0125  -0.0165 -0.0127 29 LEU B O   
359 C CB  . LEU B 22 ? 0.1749 0.2375 0.1898 0.0167  -0.0203 -0.0205 29 LEU B CB  
360 C CG  . LEU B 22 ? 0.2436 0.3123 0.2621 0.0198  -0.0221 -0.0234 29 LEU B CG  
361 C CD1 . LEU B 22 ? 0.2036 0.2810 0.2315 0.0181  -0.0215 -0.0296 29 LEU B CD1 
362 C CD2 . LEU B 22 ? 0.2652 0.3355 0.2759 0.0240  -0.0247 -0.0215 29 LEU B CD2 
363 N N   . ILE B 23 ? 0.1915 0.2408 0.2015 0.0101  -0.0183 -0.0144 30 ILE B N   
364 C CA  . ILE B 23 ? 0.2157 0.2647 0.2278 0.0061  -0.0171 -0.0138 30 ILE B CA  
365 C C   . ILE B 23 ? 0.2219 0.2623 0.2260 0.0042  -0.0154 -0.0113 30 ILE B C   
366 O O   . ILE B 23 ? 0.1648 0.2048 0.1680 0.0016  -0.0123 -0.0106 30 ILE B O   
367 C CB  . ILE B 23 ? 0.1665 0.2175 0.1859 0.0042  -0.0194 -0.0142 30 ILE B CB  
368 C CG1 . ILE B 23 ? 0.1393 0.1971 0.1686 0.0058  -0.0196 -0.0160 30 ILE B CG1 
369 C CG2 . ILE B 23 ? 0.2032 0.2545 0.2255 -0.0001 -0.0193 -0.0141 30 ILE B CG2 
370 C CD1 . ILE B 23 ? 0.1767 0.2353 0.2120 0.0058  -0.0224 -0.0145 30 ILE B CD1 
371 N N   . ALA B 24 ? 0.2140 0.2468 0.2131 0.0054  -0.0162 -0.0104 31 ALA B N   
372 C CA  . ALA B 24 ? 0.1861 0.2083 0.1786 0.0035  -0.0137 -0.0084 31 ALA B CA  
373 C C   . ALA B 24 ? 0.2362 0.2551 0.2221 0.0059  -0.0109 -0.0048 31 ALA B C   
374 O O   . ALA B 24 ? 0.2182 0.2304 0.2006 0.0025  -0.0072 -0.0027 31 ALA B O   
375 C CB  . ALA B 24 ? 0.1833 0.1975 0.1716 0.0055  -0.0141 -0.0089 31 ALA B CB  
376 N N   . LEU B 25 ? 0.1832 0.2068 0.1668 0.0114  -0.0129 -0.0040 32 LEU B N   
377 C CA  . LEU B 25 ? 0.1828 0.2041 0.1574 0.0146  -0.0118 0.0002  32 LEU B CA  
378 C C   . LEU B 25 ? 0.1580 0.1856 0.1313 0.0114  -0.0092 -0.0003 32 LEU B C   
379 O O   . LEU B 25 ? 0.2111 0.2324 0.1750 0.0106  -0.0055 0.0040  32 LEU B O   
380 C CB  . LEU B 25 ? 0.2169 0.2439 0.1906 0.0217  -0.0160 0.0003  32 LEU B CB  
381 C CG  . LEU B 25 ? 0.2226 0.2411 0.1961 0.0262  -0.0167 0.0023  32 LEU B CG  
382 C CD1 . LEU B 25 ? 0.2072 0.2350 0.1861 0.0322  -0.0209 0.0000  32 LEU B CD1 
383 C CD2 . LEU B 25 ? 0.2235 0.2288 0.1870 0.0289  -0.0141 0.0093  32 LEU B CD2 
384 N N   . ALA B 26 ? 0.1610 0.1992 0.1432 0.0095  -0.0101 -0.0055 33 ALA B N   
385 C CA  . ALA B 26 ? 0.1950 0.2395 0.1782 0.0061  -0.0065 -0.0075 33 ALA B CA  
386 C C   . ALA B 26 ? 0.1920 0.2315 0.1770 0.0003  -0.0012 -0.0062 33 ALA B C   
387 O O   . ALA B 26 ? 0.2345 0.2732 0.2134 -0.0021 0.0041  -0.0047 33 ALA B O   
388 C CB  . ALA B 26 ? 0.1681 0.2233 0.1636 0.0056  -0.0079 -0.0137 33 ALA B CB  
389 N N   . VAL B 27 ? 0.1733 0.2102 0.1664 -0.0025 -0.0024 -0.0071 34 VAL B N   
390 C CA  . VAL B 27 ? 0.1556 0.1903 0.1539 -0.0090 0.0018  -0.0074 34 VAL B CA  
391 C C   . VAL B 27 ? 0.2277 0.2486 0.2139 -0.0103 0.0067  -0.0021 34 VAL B C   
392 O O   . VAL B 27 ? 0.2085 0.2270 0.1937 -0.0152 0.0134  -0.0009 34 VAL B O   
393 C CB  . VAL B 27 ? 0.1681 0.2045 0.1765 -0.0116 -0.0023 -0.0103 34 VAL B CB  
394 C CG1 . VAL B 27 ? 0.1754 0.2113 0.1909 -0.0189 0.0013  -0.0118 34 VAL B CG1 
395 C CG2 . VAL B 27 ? 0.2898 0.3380 0.3092 -0.0095 -0.0067 -0.0135 34 VAL B CG2 
396 N N   . TYR B 28 ? 0.1713 0.1829 0.1489 -0.0057 0.0042  0.0013  35 TYR B N   
397 C CA  . TYR B 28 ? 0.2447 0.2411 0.2109 -0.0051 0.0086  0.0075  35 TYR B CA  
398 C C   . TYR B 28 ? 0.2083 0.2039 0.1629 -0.0041 0.0130  0.0126  35 TYR B C   
399 O O   . TYR B 28 ? 0.2253 0.2120 0.1750 -0.0086 0.0204  0.0162  35 TYR B O   
400 C CB  . TYR B 28 ? 0.1942 0.1828 0.1553 0.0018  0.0046  0.0101  35 TYR B CB  
401 C CG  . TYR B 28 ? 0.2270 0.1978 0.1778 0.0036  0.0092  0.0172  35 TYR B CG  
402 C CD1 . TYR B 28 ? 0.2784 0.2361 0.2318 -0.0022 0.0143  0.0166  35 TYR B CD1 
403 C CD2 . TYR B 28 ? 0.2877 0.2546 0.2264 0.0112  0.0082  0.0245  35 TYR B CD2 
404 C CE1 . TYR B 28 ? 0.2869 0.2259 0.2320 -0.0005 0.0196  0.0234  35 TYR B CE1 
405 C CE2 . TYR B 28 ? 0.3422 0.2911 0.2716 0.0140  0.0124  0.0326  35 TYR B CE2 
406 C CZ  . TYR B 28 ? 0.2906 0.2243 0.2235 0.0080  0.0187  0.0322  35 TYR B CZ  
407 O OH  . TYR B 28 ? 0.4112 0.3244 0.3359 0.0106  0.0240  0.0403  35 TYR B OH  
408 N N   . PHE B 29 ? 0.2019 0.2069 0.1515 0.0013  0.0090  0.0123  36 PHE B N   
409 C CA  . PHE B 29 ? 0.2955 0.2997 0.2302 0.0029  0.0123  0.0171  36 PHE B CA  
410 C C   . PHE B 29 ? 0.2463 0.2574 0.1842 -0.0041 0.0192  0.0133  36 PHE B C   
411 O O   . PHE B 29 ? 0.2672 0.2737 0.1922 -0.0057 0.0256  0.0178  36 PHE B O   
412 C CB  . PHE B 29 ? 0.2792 0.2923 0.2072 0.0105  0.0050  0.0169  36 PHE B CB  
413 C CG  . PHE B 29 ? 0.2525 0.2575 0.1743 0.0183  -0.0001 0.0229  36 PHE B CG  
414 C CD1 . PHE B 29 ? 0.2852 0.2766 0.1918 0.0216  0.0026  0.0329  36 PHE B CD1 
415 C CD2 . PHE B 29 ? 0.3178 0.3279 0.2501 0.0224  -0.0065 0.0191  36 PHE B CD2 
416 C CE1 . PHE B 29 ? 0.3624 0.3460 0.2656 0.0299  -0.0020 0.0389  36 PHE B CE1 
417 C CE2 . PHE B 29 ? 0.2983 0.3018 0.2277 0.0300  -0.0104 0.0240  36 PHE B CE2 
418 C CZ  . PHE B 29 ? 0.3299 0.3205 0.2456 0.0342  -0.0084 0.0338  36 PHE B CZ  
419 N N   . LEU B 30 ? 0.2471 0.2689 0.2026 -0.0079 0.0186  0.0056  37 LEU B N   
420 C CA  . LEU B 30 ? 0.2392 0.2678 0.2024 -0.0145 0.0260  0.0015  37 LEU B CA  
421 C C   . LEU B 30 ? 0.3134 0.3307 0.2745 -0.0210 0.0345  0.0057  37 LEU B C   
422 O O   . LEU B 30 ? 0.2722 0.2890 0.2282 -0.0255 0.0436  0.0067  37 LEU B O   
423 C CB  . LEU B 30 ? 0.1777 0.2187 0.1626 -0.0164 0.0229  -0.0063 37 LEU B CB  
424 C CG  . LEU B 30 ? 0.2494 0.3024 0.2387 -0.0125 0.0192  -0.0118 37 LEU B CG  
425 C CD1 . LEU B 30 ? 0.2112 0.2725 0.2203 -0.0123 0.0145  -0.0168 37 LEU B CD1 
426 C CD2 . LEU B 30 ? 0.3221 0.3811 0.3077 -0.0150 0.0271  -0.0150 37 LEU B CD2 
427 N N   . GLY B 31 ? 0.2404 0.2476 0.2048 -0.0220 0.0326  0.0078  38 GLY B N   
428 C CA  . GLY B 31 ? 0.3454 0.3397 0.3088 -0.0287 0.0408  0.0111  38 GLY B CA  
429 C C   . GLY B 31 ? 0.3224 0.3004 0.2644 -0.0267 0.0469  0.0213  38 GLY B C   
430 O O   . GLY B 31 ? 0.4728 0.4378 0.4125 -0.0327 0.0560  0.0250  38 GLY B O   
431 N N   . ARG B 32 ? 0.3904 0.3689 0.3171 -0.0181 0.0418  0.0258  39 ARG B N   
432 C CA  . ARG B 32 ? 0.3945 0.3587 0.2985 -0.0144 0.0457  0.0368  39 ARG B CA  
433 C C   . ARG B 32 ? 0.3988 0.3683 0.2892 -0.0166 0.0525  0.0384  39 ARG B C   
434 O O   . ARG B 32 ? 0.4191 0.3774 0.2879 -0.0139 0.0563  0.0483  39 ARG B O   
435 C CB  . ARG B 32 ? 0.3726 0.3357 0.2669 -0.0031 0.0355  0.0413  39 ARG B CB  
436 C CG  . ARG B 32 ? 0.4799 0.4327 0.3820 0.0001  0.0312  0.0421  39 ARG B CG  
437 C CD  . ARG B 32 ? 0.6711 0.6005 0.5622 0.0009  0.0378  0.0526  39 ARG B CD  
438 N NE  . ARG B 32 ? 0.6080 0.5277 0.5042 0.0067  0.0331  0.0537  39 ARG B NE  
439 C CZ  . ARG B 32 ? 0.6853 0.6025 0.5734 0.0179  0.0264  0.0598  39 ARG B CZ  
440 N NH1 . ARG B 32 ? 0.6197 0.5442 0.4934 0.0242  0.0222  0.0655  39 ARG B NH1 
441 N NH2 . ARG B 32 ? 0.5971 0.5056 0.4925 0.0228  0.0236  0.0596  39 ARG B NH2 
442 N N   . LEU B 33 ? 0.3588 0.3450 0.2615 -0.0210 0.0541  0.0288  40 LEU B N   
443 C CA  . LEU B 33 ? 0.3650 0.3581 0.2570 -0.0239 0.0617  0.0275  40 LEU B CA  
444 C C   . LEU B 33 ? 0.5309 0.5127 0.4175 -0.0324 0.0763  0.0323  40 LEU B C   
445 O O   . LEU B 33 ? 0.6211 0.5985 0.4867 -0.0332 0.0839  0.0378  40 LEU B O   
446 C CB  . LEU B 33 ? 0.3215 0.3345 0.2325 -0.0262 0.0605  0.0150  40 LEU B CB  
447 C CG  . LEU B 33 ? 0.3531 0.3776 0.2691 -0.0190 0.0482  0.0094  40 LEU B CG  
448 C CD1 . LEU B 33 ? 0.3448 0.3856 0.2818 -0.0217 0.0487  -0.0020 40 LEU B CD1 
449 C CD2 . LEU B 33 ? 0.3865 0.4117 0.2790 -0.0129 0.0443  0.0130  40 LEU B CD2 
450 O OXT . LEU B 33 ? 0.5309 0.5080 0.4340 -0.0392 0.0813  0.0305  40 LEU B OXT 
451 N N   . VAL C 4  ? 1.3356 1.1938 0.9070 -0.0306 0.1095  0.2267  11 VAL C N   
452 C CA  . VAL C 4  ? 1.1840 1.0594 0.7807 -0.0478 0.0985  0.2288  11 VAL C CA  
453 C C   . VAL C 4  ? 1.0105 0.9121 0.6410 -0.0660 0.0863  0.2230  11 VAL C C   
454 O O   . VAL C 4  ? 1.0509 0.9421 0.6824 -0.0591 0.0992  0.2268  11 VAL C O   
455 C CB  . VAL C 4  ? 1.2168 1.0732 0.8071 -0.0394 0.1051  0.2330  11 VAL C CB  
456 C CG1 . VAL C 4  ? 1.2270 1.1061 0.8346 -0.0257 0.1155  0.2398  11 VAL C CG1 
457 C CG2 . VAL C 4  ? 1.0920 0.9592 0.7057 -0.0515 0.0959  0.2345  11 VAL C CG2 
458 N N   . SER C 5  ? 0.9158 0.8146 0.5544 -0.0406 0.0931  0.2170  12 SER C N   
459 C CA  . SER C 5  ? 0.8304 0.7271 0.4769 -0.0452 0.0851  0.2097  12 SER C CA  
460 C C   . SER C 5  ? 0.6396 0.5436 0.3082 -0.0505 0.0730  0.2111  12 SER C C   
461 O O   . SER C 5  ? 0.6467 0.5440 0.3128 -0.0508 0.0744  0.2137  12 SER C O   
462 C CB  . SER C 5  ? 0.6501 0.5609 0.2873 -0.0415 0.0749  0.1997  12 SER C CB  
463 O OG  . SER C 5  ? 0.7451 0.6653 0.3815 -0.0511 0.0617  0.1935  12 SER C OG  
464 N N   . PRO C 6  ? 0.5776 0.3329 0.3736 -0.0073 0.0412  0.0545  13 PRO C N   
465 C CA  . PRO C 6  ? 0.4477 0.2453 0.2922 -0.0068 0.0418  0.0458  13 PRO C CA  
466 C C   . PRO C 6  ? 0.4855 0.2955 0.3500 -0.0001 0.0232  0.0388  13 PRO C C   
467 O O   . PRO C 6  ? 0.4480 0.2881 0.3382 0.0008  0.0267  0.0320  13 PRO C O   
468 C CB  . PRO C 6  ? 0.5447 0.3424 0.4060 -0.0110 0.0431  0.0468  13 PRO C CB  
469 C CG  . PRO C 6  ? 0.6311 0.3999 0.4609 -0.0164 0.0555  0.0568  13 PRO C CG  
470 C CD  . PRO C 6  ? 0.5691 0.3032 0.3528 -0.0130 0.0488  0.0617  13 PRO C CD  
471 N N   . GLY C 7  ? 0.4669 0.2525 0.3214 0.0042  0.0031  0.0408  14 GLY C N   
472 C CA  . GLY C 7  ? 0.4439 0.2397 0.3223 0.0105  -0.0146 0.0352  14 GLY C CA  
473 C C   . GLY C 7  ? 0.4411 0.2406 0.3076 0.0123  -0.0162 0.0342  14 GLY C C   
474 O O   . GLY C 7  ? 0.4897 0.3169 0.3865 0.0145  -0.0170 0.0278  14 GLY C O   
475 N N   . VAL C 8  ? 0.4310 0.1995 0.2507 0.0113  -0.0157 0.0405  15 VAL C N   
476 C CA  . VAL C 8  ? 0.4583 0.2248 0.2614 0.0132  -0.0174 0.0393  15 VAL C CA  
477 C C   . VAL C 8  ? 0.4356 0.2394 0.2605 0.0111  0.0036  0.0342  15 VAL C C   
478 O O   . VAL C 8  ? 0.4307 0.2540 0.2736 0.0133  -0.0006 0.0294  15 VAL C O   
479 C CB  . VAL C 8  ? 0.7288 0.4485 0.4694 0.0122  -0.0169 0.0464  15 VAL C CB  
480 C CG1 . VAL C 8  ? 0.6844 0.4033 0.4067 0.0140  -0.0131 0.0441  15 VAL C CG1 
481 C CG2 . VAL C 8  ? 0.6440 0.3206 0.3579 0.0147  -0.0453 0.0514  15 VAL C CG2 
482 N N   . LEU C 9  ? 0.4548 0.2673 0.2804 0.0063  0.0247  0.0360  16 LEU C N   
483 C CA  . LEU C 9  ? 0.4288 0.2747 0.2781 0.0038  0.0416  0.0319  16 LEU C CA  
484 C C   . LEU C 9  ? 0.4013 0.2802 0.2922 0.0047  0.0354  0.0244  16 LEU C C   
485 O O   . LEU C 9  ? 0.2964 0.1966 0.2009 0.0050  0.0387  0.0202  16 LEU C O   
486 C CB  . LEU C 9  ? 0.4164 0.2658 0.2689 -0.0020 0.0610  0.0355  16 LEU C CB  
487 C CG  . LEU C 9  ? 0.4288 0.3100 0.3093 -0.0051 0.0749  0.0322  16 LEU C CG  
488 C CD1 . LEU C 9  ? 0.4247 0.3053 0.2913 -0.0025 0.0820  0.0319  16 LEU C CD1 
489 C CD2 . LEU C 9  ? 0.4943 0.3783 0.3863 -0.0114 0.0901  0.0363  16 LEU C CD2 
490 N N   . ALA C 10 ? 0.4119 0.2922 0.3211 0.0051  0.0277  0.0226  17 ALA C N   
491 C CA  . ALA C 10 ? 0.3992 0.3053 0.3437 0.0060  0.0259  0.0151  17 ALA C CA  
492 C C   . ALA C 10 ? 0.3037 0.2161 0.2588 0.0105  0.0150  0.0120  17 ALA C C   
493 O O   . ALA C 10 ? 0.2530 0.1879 0.2280 0.0098  0.0201  0.0068  17 ALA C O   
494 C CB  . ALA C 10 ? 0.3254 0.2268 0.2861 0.0069  0.0208  0.0133  17 ALA C CB  
495 N N   . GLY C 11 ? 0.2653 0.1552 0.2061 0.0142  -0.0010 0.0157  18 GLY C N   
496 C CA  . GLY C 11 ? 0.2725 0.1661 0.2264 0.0178  -0.0145 0.0135  18 GLY C CA  
497 C C   . GLY C 11 ? 0.2828 0.1851 0.2238 0.0165  -0.0074 0.0129  18 GLY C C   
498 O O   . GLY C 11 ? 0.2513 0.1717 0.2140 0.0170  -0.0091 0.0091  18 GLY C O   
499 N N   . ILE C 12 ? 0.2885 0.1763 0.1948 0.0147  0.0016  0.0168  19 ILE C N   
500 C CA  . ILE C 12 ? 0.3096 0.2040 0.2041 0.0140  0.0102  0.0161  19 ILE C CA  
501 C C   . ILE C 12 ? 0.2953 0.2233 0.2181 0.0108  0.0234  0.0115  19 ILE C C   
502 O O   . ILE C 12 ? 0.2711 0.2123 0.2022 0.0110  0.0230  0.0088  19 ILE C O   
503 C CB  . ILE C 12 ? 0.3497 0.2209 0.2049 0.0132  0.0220  0.0209  19 ILE C CB  
504 C CG1 . ILE C 12 ? 0.3707 0.1999 0.1856 0.0161  0.0072  0.0254  19 ILE C CG1 
505 C CG2 . ILE C 12 ? 0.3899 0.2710 0.2403 0.0131  0.0338  0.0192  19 ILE C CG2 
506 C CD1 . ILE C 12 ? 0.3838 0.1831 0.1530 0.0151  0.0225  0.0302  19 ILE C CD1 
507 N N   . VAL C 13 ? 0.2982 0.2366 0.2334 0.0074  0.0332  0.0109  20 VAL C N   
508 C CA  . VAL C 13 ? 0.2278 0.1910 0.1840 0.0037  0.0422  0.0067  20 VAL C CA  
509 C C   . VAL C 13 ? 0.2629 0.2400 0.2407 0.0046  0.0368  0.0015  20 VAL C C   
510 O O   . VAL C 13 ? 0.2722 0.2621 0.2554 0.0032  0.0390  -0.0007 20 VAL C O   
511 C CB  . VAL C 13 ? 0.2201 0.1866 0.1844 -0.0004 0.0495  0.0066  20 VAL C CB  
512 C CG1 . VAL C 13 ? 0.2024 0.1877 0.1840 -0.0044 0.0538  0.0015  20 VAL C CG1 
513 C CG2 . VAL C 13 ? 0.2214 0.1783 0.1715 -0.0027 0.0591  0.0122  20 VAL C CG2 
514 N N   . VAL C 14 ? 0.2219 0.1952 0.2136 0.0070  0.0302  0.0000  21 VAL C N   
515 C CA  . VAL C 14 ? 0.2344 0.2206 0.2523 0.0078  0.0293  -0.0050 21 VAL C CA  
516 C C   . VAL C 14 ? 0.2447 0.2332 0.2669 0.0097  0.0209  -0.0043 21 VAL C C   
517 O O   . VAL C 14 ? 0.1937 0.1961 0.2271 0.0076  0.0262  -0.0071 21 VAL C O   
518 C CB  . VAL C 14 ? 0.3256 0.3063 0.3640 0.0113  0.0241  -0.0067 21 VAL C CB  
519 C CG1 . VAL C 14 ? 0.2730 0.2673 0.3435 0.0123  0.0274  -0.0118 21 VAL C CG1 
520 C CG2 . VAL C 14 ? 0.3162 0.2933 0.3507 0.0091  0.0322  -0.0081 21 VAL C CG2 
521 N N   . GLY C 15 ? 0.2845 0.2556 0.2946 0.0132  0.0065  -0.0002 22 GLY C N   
522 C CA  . GLY C 15 ? 0.2550 0.2240 0.2676 0.0149  -0.0050 0.0006  22 GLY C CA  
523 C C   . GLY C 15 ? 0.2467 0.2233 0.2444 0.0124  0.0027  0.0003  22 GLY C C   
524 O O   . GLY C 15 ? 0.2227 0.2102 0.2346 0.0113  0.0011  -0.0013 22 GLY C O   
525 N N   . ASP C 16 ? 0.2350 0.2059 0.2071 0.0113  0.0115  0.0021  23 ASP C N   
526 C CA  . ASP C 16 ? 0.2684 0.2458 0.2299 0.0098  0.0186  0.0019  23 ASP C CA  
527 C C   . ASP C 16 ? 0.2719 0.2718 0.2535 0.0056  0.0267  -0.0015 23 ASP C C   
528 O O   . ASP C 16 ? 0.2588 0.2647 0.2418 0.0048  0.0255  -0.0021 23 ASP C O   
529 C CB  . ASP C 16 ? 0.2415 0.2108 0.1815 0.0095  0.0292  0.0044  23 ASP C CB  
530 C CG  . ASP C 16 ? 0.3554 0.3271 0.2863 0.0099  0.0346  0.0045  23 ASP C CG  
531 O OD1 . ASP C 16 ? 0.4284 0.3804 0.3352 0.0135  0.0313  0.0059  23 ASP C OD1 
532 O OD2 . ASP C 16 ? 0.2914 0.2814 0.2374 0.0067  0.0409  0.0028  23 ASP C OD2 
533 N N   . LEU C 17 ? 0.2419 0.2498 0.2350 0.0028  0.0343  -0.0036 24 LEU C N   
534 C CA  . LEU C 17 ? 0.2316 0.2529 0.2342 -0.0019 0.0416  -0.0069 24 LEU C CA  
535 C C   . LEU C 17 ? 0.2081 0.2357 0.2280 -0.0024 0.0406  -0.0092 24 LEU C C   
536 O O   . LEU C 17 ? 0.1942 0.2278 0.2138 -0.0059 0.0441  -0.0101 24 LEU C O   
537 C CB  . LEU C 17 ? 0.1707 0.1926 0.1755 -0.0049 0.0490  -0.0092 24 LEU C CB  
538 C CG  . LEU C 17 ? 0.2328 0.2514 0.2265 -0.0063 0.0512  -0.0063 24 LEU C CG  
539 C CD1 . LEU C 17 ? 0.2964 0.3125 0.2930 -0.0093 0.0552  -0.0083 24 LEU C CD1 
540 C CD2 . LEU C 17 ? 0.2181 0.2427 0.2076 -0.0090 0.0521  -0.0051 24 LEU C CD2 
541 N N   . VAL C 18 ? 0.1840 0.2091 0.2213 0.0009  0.0356  -0.0097 25 VAL C N   
542 C CA  . VAL C 18 ? 0.1934 0.2257 0.2558 0.0005  0.0351  -0.0111 25 VAL C CA  
543 C C   . VAL C 18 ? 0.1829 0.2146 0.2397 0.0004  0.0259  -0.0084 25 VAL C C   
544 O O   . VAL C 18 ? 0.1964 0.2357 0.2614 -0.0032 0.0306  -0.0091 25 VAL C O   
545 C CB  . VAL C 18 ? 0.1447 0.1744 0.2353 0.0049  0.0275  -0.0114 25 VAL C CB  
546 C CG1 . VAL C 18 ? 0.2137 0.2522 0.3384 0.0043  0.0261  -0.0119 25 VAL C CG1 
547 C CG2 . VAL C 18 ? 0.2434 0.2734 0.3431 0.0054  0.0381  -0.0151 25 VAL C CG2 
548 N N   . LEU C 19 ? 0.1996 0.2188 0.2387 0.0041  0.0135  -0.0054 26 LEU C N   
549 C CA  . LEU C 19 ? 0.2431 0.2568 0.2730 0.0047  0.0036  -0.0035 26 LEU C CA  
550 C C   . LEU C 19 ? 0.2551 0.2752 0.2705 0.0016  0.0121  -0.0038 26 LEU C C   
551 O O   . LEU C 19 ? 0.1875 0.2095 0.2052 0.0001  0.0080  -0.0033 26 LEU C O   
552 C CB  . LEU C 19 ? 0.2420 0.2337 0.2466 0.0095  -0.0095 -0.0009 26 LEU C CB  
553 C CG  . LEU C 19 ? 0.4543 0.4327 0.4538 0.0113  -0.0265 0.0005  26 LEU C CG  
554 C CD1 . LEU C 19 ? 0.3170 0.3038 0.3565 0.0101  -0.0367 0.0005  26 LEU C CD1 
555 C CD2 . LEU C 19 ? 0.4598 0.4079 0.4248 0.0157  -0.0385 0.0028  26 LEU C CD2 
556 N N   . THR C 20 ? 0.2206 0.2431 0.2233 0.0003  0.0220  -0.0043 27 THR C N   
557 C CA  . THR C 20 ? 0.2056 0.2337 0.1997 -0.0027 0.0275  -0.0043 27 THR C CA  
558 C C   . THR C 20 ? 0.2133 0.2499 0.2181 -0.0082 0.0315  -0.0057 27 THR C C   
559 O O   . THR C 20 ? 0.2302 0.2675 0.2306 -0.0102 0.0291  -0.0047 27 THR C O   
560 C CB  . THR C 20 ? 0.1841 0.2135 0.1712 -0.0039 0.0353  -0.0043 27 THR C CB  
561 O OG1 . THR C 20 ? 0.2409 0.2603 0.2161 0.0005  0.0349  -0.0023 27 THR C OG1 
562 C CG2 . THR C 20 ? 0.1860 0.2205 0.1698 -0.0073 0.0371  -0.0040 27 THR C CG2 
563 N N   . VAL C 21 ? 0.1871 0.2272 0.2038 -0.0107 0.0389  -0.0079 28 VAL C N   
564 C CA  . VAL C 21 ? 0.1293 0.1724 0.1512 -0.0164 0.0473  -0.0093 28 VAL C CA  
565 C C   . VAL C 21 ? 0.2023 0.2480 0.2391 -0.0168 0.0425  -0.0076 28 VAL C C   
566 O O   . VAL C 21 ? 0.1895 0.2346 0.2206 -0.0215 0.0445  -0.0064 28 VAL C O   
567 C CB  . VAL C 21 ? 0.1826 0.2257 0.2147 -0.0179 0.0594  -0.0129 28 VAL C CB  
568 C CG1 . VAL C 21 ? 0.1819 0.2242 0.2191 -0.0236 0.0715  -0.0142 28 VAL C CG1 
569 C CG2 . VAL C 21 ? 0.1879 0.2254 0.2017 -0.0194 0.0633  -0.0148 28 VAL C CG2 
570 N N   . LEU C 22 ? 0.1698 0.2160 0.2253 -0.0124 0.0339  -0.0068 29 LEU C N   
571 C CA  . LEU C 22 ? 0.2095 0.2578 0.2858 -0.0132 0.0265  -0.0049 29 LEU C CA  
572 C C   . LEU C 22 ? 0.1550 0.1970 0.2137 -0.0127 0.0149  -0.0026 29 LEU C C   
573 O O   . LEU C 22 ? 0.1463 0.1900 0.2142 -0.0164 0.0130  -0.0009 29 LEU C O   
574 C CB  . LEU C 22 ? 0.1983 0.2452 0.3005 -0.0086 0.0155  -0.0046 29 LEU C CB  
575 C CG  . LEU C 22 ? 0.1653 0.2186 0.2914 -0.0082 0.0275  -0.0074 29 LEU C CG  
576 C CD1 . LEU C 22 ? 0.3419 0.3905 0.4898 -0.0025 0.0121  -0.0066 29 LEU C CD1 
577 C CD2 . LEU C 22 ? 0.1419 0.2047 0.2955 -0.0135 0.0441  -0.0086 29 LEU C CD2 
578 N N   . ILE C 23 ? 0.1546 0.1885 0.1889 -0.0083 0.0087  -0.0025 30 ILE C N   
579 C CA  . ILE C 23 ? 0.2413 0.2672 0.2578 -0.0066 0.0003  -0.0012 30 ILE C CA  
580 C C   . ILE C 23 ? 0.2517 0.2828 0.2625 -0.0118 0.0071  -0.0007 30 ILE C C   
581 O O   . ILE C 23 ? 0.1683 0.1971 0.1803 -0.0137 0.0011  0.0008  30 ILE C O   
582 C CB  . ILE C 23 ? 0.1821 0.1966 0.1736 -0.0006 -0.0017 -0.0015 30 ILE C CB  
583 C CG1 . ILE C 23 ? 0.1974 0.1967 0.1842 0.0041  -0.0138 -0.0011 30 ILE C CG1 
584 C CG2 . ILE C 23 ? 0.1603 0.1686 0.1352 0.0011  -0.0036 -0.0014 30 ILE C CG2 
585 C CD1 . ILE C 23 ? 0.3046 0.2872 0.2617 0.0094  -0.0123 -0.0010 30 ILE C CD1 
586 N N   . ALA C 24 ? 0.1548 0.1905 0.1588 -0.0145 0.0173  -0.0016 31 ALA C N   
587 C CA  . ALA C 24 ? 0.1674 0.2029 0.1624 -0.0202 0.0208  -0.0006 31 ALA C CA  
588 C C   . ALA C 24 ? 0.2176 0.2535 0.2229 -0.0265 0.0245  0.0006  31 ALA C C   
589 O O   . ALA C 24 ? 0.1933 0.2249 0.1933 -0.0296 0.0201  0.0029  31 ALA C O   
590 C CB  . ALA C 24 ? 0.1673 0.2029 0.1531 -0.0231 0.0285  -0.0020 31 ALA C CB  
591 N N   . LEU C 25 ? 0.1728 0.2130 0.1950 -0.0281 0.0336  -0.0006 32 LEU C N   
592 C CA  . LEU C 25 ? 0.1818 0.2234 0.2207 -0.0341 0.0421  0.0006  32 LEU C CA  
593 C C   . LEU C 25 ? 0.2305 0.2726 0.2841 -0.0338 0.0298  0.0036  32 LEU C C   
594 O O   . LEU C 25 ? 0.2037 0.2423 0.2572 -0.0400 0.0324  0.0063  32 LEU C O   
595 C CB  . LEU C 25 ? 0.1605 0.2084 0.2251 -0.0335 0.0540  -0.0019 32 LEU C CB  
596 C CG  . LEU C 25 ? 0.2749 0.3240 0.3602 -0.0400 0.0707  -0.0013 32 LEU C CG  
597 C CD1 . LEU C 25 ? 0.3327 0.3692 0.3871 -0.0472 0.0882  -0.0024 32 LEU C CD1 
598 C CD2 . LEU C 25 ? 0.2598 0.3183 0.3845 -0.0368 0.0777  -0.0036 32 LEU C CD2 
599 N N   . ALA C 26 ? 0.1991 0.2412 0.2609 -0.0271 0.0153  0.0032  33 ALA C N   
600 C CA  . ALA C 26 ? 0.1626 0.2005 0.2362 -0.0264 -0.0001 0.0055  33 ALA C CA  
601 C C   . ALA C 26 ? 0.1693 0.1989 0.2195 -0.0272 -0.0072 0.0070  33 ALA C C   
602 O O   . ALA C 26 ? 0.1622 0.1890 0.2214 -0.0312 -0.0129 0.0097  33 ALA C O   
603 C CB  . ALA C 26 ? 0.1985 0.2302 0.2750 -0.0191 -0.0159 0.0045  33 ALA C CB  
604 N N   . VAL C 27 ? 0.1839 0.2094 0.2079 -0.0233 -0.0071 0.0054  34 VAL C N   
605 C CA  . VAL C 27 ? 0.2347 0.2526 0.2409 -0.0227 -0.0136 0.0064  34 VAL C CA  
606 C C   . VAL C 27 ? 0.2907 0.3084 0.2956 -0.0315 -0.0076 0.0093  34 VAL C C   
607 O O   . VAL C 27 ? 0.2290 0.2401 0.2323 -0.0338 -0.0154 0.0117  34 VAL C O   
608 C CB  . VAL C 27 ? 0.1918 0.2077 0.1794 -0.0170 -0.0121 0.0043  34 VAL C CB  
609 C CG1 . VAL C 27 ? 0.1699 0.1799 0.1459 -0.0171 -0.0168 0.0054  34 VAL C CG1 
610 C CG2 . VAL C 27 ? 0.1879 0.1963 0.1686 -0.0087 -0.0178 0.0020  34 VAL C CG2 
611 N N   . TYR C 28 ? 0.2115 0.2325 0.2138 -0.0368 0.0061  0.0093  35 TYR C N   
612 C CA  . TYR C 28 ? 0.2126 0.2257 0.2027 -0.0457 0.0123  0.0125  35 TYR C CA  
613 C C   . TYR C 28 ? 0.2336 0.2472 0.2438 -0.0521 0.0176  0.0154  35 TYR C C   
614 O O   . TYR C 28 ? 0.2143 0.2185 0.2168 -0.0586 0.0169  0.0195  35 TYR C O   
615 C CB  . TYR C 28 ? 0.2407 0.2500 0.2144 -0.0498 0.0251  0.0111  35 TYR C CB  
616 C CG  . TYR C 28 ? 0.2408 0.2515 0.2031 -0.0441 0.0192  0.0086  35 TYR C CG  
617 C CD1 . TYR C 28 ? 0.2076 0.2184 0.1675 -0.0383 0.0060  0.0089  35 TYR C CD1 
618 C CD2 . TYR C 28 ? 0.2411 0.2524 0.1976 -0.0446 0.0280  0.0058  35 TYR C CD2 
619 C CE1 . TYR C 28 ? 0.1933 0.2066 0.1499 -0.0335 0.0032  0.0071  35 TYR C CE1 
620 C CE2 . TYR C 28 ? 0.2258 0.2391 0.1772 -0.0402 0.0226  0.0042  35 TYR C CE2 
621 C CZ  . TYR C 28 ? 0.1977 0.2130 0.1513 -0.0350 0.0109  0.0052  35 TYR C CZ  
622 O OH  . TYR C 28 ? 0.1884 0.2067 0.1434 -0.0309 0.0078  0.0041  35 TYR C OH  
623 N N   . PHE C 29 ? 0.2096 0.2335 0.2484 -0.0502 0.0224  0.0141  36 PHE C N   
624 C CA  . PHE C 29 ? 0.2003 0.2281 0.2706 -0.0558 0.0274  0.0169  36 PHE C CA  
625 C C   . PHE C 29 ? 0.2684 0.2916 0.3451 -0.0559 0.0093  0.0200  36 PHE C C   
626 O O   . PHE C 29 ? 0.2050 0.2227 0.2858 -0.0637 0.0127  0.0244  36 PHE C O   
627 C CB  . PHE C 29 ? 0.2440 0.2843 0.3499 -0.0517 0.0304  0.0145  36 PHE C CB  
628 C CG  . PHE C 29 ? 0.2191 0.2657 0.3698 -0.0558 0.0304  0.0176  36 PHE C CG  
629 C CD1 . PHE C 29 ? 0.2761 0.3242 0.4445 -0.0648 0.0527  0.0202  36 PHE C CD1 
630 C CD2 . PHE C 29 ? 0.2712 0.3201 0.4469 -0.0511 0.0084  0.0180  36 PHE C CD2 
631 C CE1 . PHE C 29 ? 0.3787 0.4350 0.5975 -0.0690 0.0542  0.0234  36 PHE C CE1 
632 C CE2 . PHE C 29 ? 0.2440 0.2991 0.4678 -0.0552 0.0053  0.0213  36 PHE C CE2 
633 C CZ  . PHE C 29 ? 0.2577 0.3190 0.5077 -0.0642 0.0289  0.0242  36 PHE C CZ  
634 N N   . LEU C 30 ? 0.1582 0.1796 0.2313 -0.0473 -0.0094 0.0177  37 LEU C N   
635 C CA  . LEU C 30 ? 0.2103 0.2227 0.2844 -0.0463 -0.0281 0.0194  37 LEU C CA  
636 C C   . LEU C 30 ? 0.2194 0.2216 0.2676 -0.0494 -0.0294 0.0216  37 LEU C C   
637 O O   . LEU C 30 ? 0.2393 0.2344 0.2932 -0.0538 -0.0375 0.0250  37 LEU C O   
638 C CB  . LEU C 30 ? 0.2067 0.2120 0.2693 -0.0359 -0.0451 0.0156  37 LEU C CB  
639 C CG  . LEU C 30 ? 0.2278 0.2358 0.3135 -0.0324 -0.0525 0.0143  37 LEU C CG  
640 C CD1 . LEU C 30 ? 0.2613 0.2533 0.3207 -0.0229 -0.0681 0.0108  37 LEU C CD1 
641 C CD2 . LEU C 30 ? 0.2466 0.2564 0.3717 -0.0383 -0.0617 0.0179  37 LEU C CD2 
642 N N   . GLY C 31 ? 0.2290 0.2297 0.2510 -0.0472 -0.0234 0.0198  38 GLY C N   
643 C CA  . GLY C 31 ? 0.3012 0.2909 0.3001 -0.0490 -0.0283 0.0218  38 GLY C CA  
644 C C   . GLY C 31 ? 0.3450 0.3268 0.3393 -0.0605 -0.0204 0.0274  38 GLY C C   
645 O O   . GLY C 31 ? 0.3467 0.3160 0.3262 -0.0632 -0.0290 0.0305  38 GLY C O   
646 N N   . ARG C 32 ? 0.2049 0.1913 0.2108 -0.0676 -0.0030 0.0289  39 ARG C N   
647 C CA  . ARG C 32 ? 0.3546 0.3285 0.3503 -0.0794 0.0087  0.0344  39 ARG C CA  
648 C C   . ARG C 32 ? 0.4352 0.4121 0.4634 -0.0857 0.0111  0.0387  39 ARG C C   
649 O O   . ARG C 32 ? 0.5950 0.5620 0.6204 -0.0965 0.0252  0.0440  39 ARG C O   
650 C CB  . ARG C 32 ? 0.4803 0.4502 0.4605 -0.0846 0.0307  0.0336  39 ARG C CB  
651 C CG  . ARG C 32 ? 0.6902 0.6768 0.7007 -0.0821 0.0452  0.0299  39 ARG C CG  
652 C CD  . ARG C 32 ? 0.9025 0.8804 0.8912 -0.0865 0.0673  0.0279  39 ARG C CD  
653 N NE  . ARG C 32 ? 1.0045 0.9972 1.0271 -0.0844 0.0837  0.0244  39 ARG C NE  
654 C CZ  . ARG C 32 ? 1.1165 1.1137 1.1716 -0.0901 0.1017  0.0267  39 ARG C CZ  
655 N NH1 . ARG C 32 ? 1.1788 1.1657 1.2339 -0.0992 0.1064  0.0329  39 ARG C NH1 
656 N NH2 . ARG C 32 ? 1.0908 1.1024 1.1800 -0.0852 0.1123  0.0229  39 ARG C NH2 
657 N N   . LEU C 33 ? 0.4086 0.3959 0.4661 -0.0795 -0.0033 0.0368  40 LEU C N   
658 C CA  . LEU C 33 ? 0.4787 0.4691 0.5741 -0.0853 -0.0057 0.0410  40 LEU C CA  
659 C C   . LEU C 33 ? 0.6837 0.6595 0.7692 -0.0892 -0.0210 0.0454  40 LEU C C   
660 O O   . LEU C 33 ? 0.6297 0.5964 0.6893 -0.0825 -0.0379 0.0432  40 LEU C O   
661 C CB  . LEU C 33 ? 0.4578 0.4602 0.5870 -0.0777 -0.0198 0.0375  40 LEU C CB  
662 C CG  . LEU C 33 ? 0.2534 0.2711 0.4077 -0.0760 -0.0044 0.0346  40 LEU C CG  
663 C CD1 . LEU C 33 ? 0.2689 0.2935 0.4555 -0.0690 -0.0231 0.0323  40 LEU C CD1 
664 C CD2 . LEU C 33 ? 0.2963 0.3189 0.4777 -0.0868 0.0216  0.0389  40 LEU C CD2 
665 O OXT . LEU C 33 ? 0.8164 0.7887 0.9217 -0.0992 -0.0157 0.0515  40 LEU C OXT 
# 
